data_4IRU
#
_entry.id   4IRU
#
_cell.length_a   139.404
_cell.length_b   139.404
_cell.length_c   384.519
_cell.angle_alpha   90.00
_cell.angle_beta   90.00
_cell.angle_gamma   90.00
#
_symmetry.space_group_name_H-M   'I 41 2 2'
#
loop_
_entity.id
_entity.type
_entity.pdbx_description
1 polymer LepB
2 polymer 'Ras-related protein Rab-1A'
3 non-polymer 'ACETATE ION'
4 non-polymer GLYCEROL
5 non-polymer 'POTASSIUM ION'
6 non-polymer 'MAGNESIUM ION'
7 non-polymer "GUANOSINE-5'-DIPHOSPHATE"
8 non-polymer 'ALUMINUM FLUORIDE'
9 water water
#
loop_
_entity_poly.entity_id
_entity_poly.type
_entity_poly.pdbx_seq_one_letter_code
_entity_poly.pdbx_strand_id
1 'polypeptide(L)'
;SLKPLTLL(MSE)TSSTSFSETINQWADILKTTD(MSE)EKFSFDSNPINLLELVKQFNLYVDELAITCEANNVWAKERI
DSTPNLFALYDNSGGEAIHGHAFVPYYKESIVLRRLFTVDPNTFNLSRFAAFEGPCQLYCKEHKDSAWVKIQTLLTLGNG
IINTLKIIKQAQAFGIDEAVTENLKALKEQFIAFQLAEADIKESLKAPSFAEPLPNKESEFFYPIDEKALAK(MSE)NGY
QLATICLEELNSPKPSPLIERILSNKKFWKRINSAFESGVFKGRTDDPAGKIAKIREWHQLLQISGKKTAG
;
A,C,E
2 'polypeptide(L)'
;(MSE)GHHHHHHGS(MSE)NPEYDYLFKLLLIGDSGVGKSCLLLRFADDTYTESYISTIGVDFKIRTIELDGKTIKLQIW
DTAGQERFRTITSSYYRGAHGIIVVYDVTDQESFNNVKQWLQEIDRYASENVNKLLVGNKCDLTTKKVVDYTTAKEFADS
LGIPFLETSAKNATNVEQSF(MSE)T(MSE)AAEIKKR(MSE)G
;
B,D,F
#
# COMPACT_ATOMS: atom_id res chain seq x y z
N SER A 1 -16.60 60.47 22.55
CA SER A 1 -17.10 59.14 22.11
C SER A 1 -16.20 58.55 21.01
N LEU A 2 -15.73 57.34 21.26
CA LEU A 2 -14.77 56.66 20.40
C LEU A 2 -15.49 55.84 19.35
N LYS A 3 -14.87 55.67 18.18
CA LYS A 3 -15.47 54.98 17.06
C LYS A 3 -15.86 53.53 17.36
N PRO A 4 -17.02 53.09 16.87
CA PRO A 4 -17.37 51.68 16.97
C PRO A 4 -16.52 50.84 16.01
N LEU A 5 -16.12 49.66 16.48
CA LEU A 5 -15.38 48.75 15.64
C LEU A 5 -15.90 47.33 15.76
N THR A 6 -15.96 46.66 14.63
CA THR A 6 -16.31 45.25 14.60
C THR A 6 -15.51 44.57 13.51
N LEU A 7 -15.56 43.24 13.49
CA LEU A 7 -14.90 42.47 12.47
C LEU A 7 -15.96 41.78 11.62
N LEU A 8 -16.25 42.35 10.46
CA LEU A 8 -17.30 41.81 9.61
C LEU A 8 -16.79 40.73 8.67
N THR A 10 -17.37 39.33 4.45
CA THR A 10 -18.05 39.25 3.15
C THR A 10 -18.66 37.88 2.96
N SER A 11 -19.70 37.79 2.14
CA SER A 11 -20.53 36.58 2.08
C SER A 11 -19.78 35.31 1.65
N SER A 12 -18.96 35.39 0.61
CA SER A 12 -18.34 34.16 0.14
C SER A 12 -16.83 34.02 0.40
N THR A 13 -16.14 35.10 0.79
CA THR A 13 -14.68 35.03 0.98
C THR A 13 -14.26 33.96 1.98
N SER A 14 -13.12 33.31 1.70
CA SER A 14 -12.62 32.15 2.46
C SER A 14 -11.99 32.52 3.78
N PHE A 15 -11.93 31.51 4.65
CA PHE A 15 -11.38 31.65 6.00
C PHE A 15 -10.04 32.36 6.00
N SER A 16 -9.21 32.03 5.03
CA SER A 16 -7.83 32.49 5.04
C SER A 16 -7.73 33.99 4.86
N GLU A 17 -8.41 34.52 3.84
CA GLU A 17 -8.39 35.96 3.59
C GLU A 17 -9.22 36.67 4.63
N THR A 18 -10.34 36.06 5.04
CA THR A 18 -11.17 36.62 6.11
C THR A 18 -10.34 36.94 7.32
N ILE A 19 -9.43 36.03 7.65
CA ILE A 19 -8.55 36.21 8.80
C ILE A 19 -7.59 37.31 8.47
N ASN A 20 -7.12 37.26 7.23
CA ASN A 20 -6.09 38.16 6.80
C ASN A 20 -6.59 39.60 6.89
N GLN A 21 -7.84 39.81 6.51
CA GLN A 21 -8.49 41.12 6.57
C GLN A 21 -8.59 41.65 7.98
N TRP A 22 -9.12 40.81 8.85
CA TRP A 22 -9.23 41.14 10.25
C TRP A 22 -7.85 41.42 10.79
N ALA A 23 -6.88 40.69 10.26
CA ALA A 23 -5.49 40.80 10.71
C ALA A 23 -4.98 42.22 10.49
N ASP A 24 -5.29 42.78 9.32
CA ASP A 24 -4.94 44.17 9.02
C ASP A 24 -5.64 45.10 9.98
N ILE A 25 -6.96 45.13 9.89
CA ILE A 25 -7.78 45.91 10.80
C ILE A 25 -7.21 45.94 12.22
N LEU A 26 -6.93 44.77 12.77
CA LEU A 26 -6.43 44.66 14.13
C LEU A 26 -5.01 45.19 14.33
N LYS A 27 -4.17 45.02 13.32
CA LYS A 27 -2.78 45.49 13.38
C LYS A 27 -2.73 47.01 13.25
N THR A 28 -3.40 47.53 12.22
CA THR A 28 -3.31 48.95 11.86
C THR A 28 -4.18 49.87 12.69
N THR A 29 -5.01 49.35 13.59
CA THR A 29 -5.81 50.27 14.41
C THR A 29 -5.36 50.39 15.86
N ASP A 30 -5.08 51.62 16.25
CA ASP A 30 -4.86 51.96 17.65
C ASP A 30 -6.17 51.64 18.38
N GLU A 32 -7.16 51.82 21.20
CA GLU A 32 -7.53 52.71 22.30
C GLU A 32 -8.63 53.68 21.87
N LYS A 33 -8.60 54.02 20.58
CA LYS A 33 -9.48 55.03 20.03
C LYS A 33 -10.79 54.42 19.53
N PHE A 34 -11.00 53.13 19.77
CA PHE A 34 -12.23 52.47 19.33
C PHE A 34 -12.92 51.72 20.47
N SER A 35 -14.22 51.49 20.30
CA SER A 35 -14.98 50.67 21.22
C SER A 35 -15.48 49.45 20.47
N PHE A 36 -15.04 48.27 20.89
CA PHE A 36 -15.25 47.07 20.10
C PHE A 36 -16.64 46.48 20.31
N ASP A 37 -17.34 46.28 19.21
CA ASP A 37 -18.67 45.68 19.22
C ASP A 37 -18.59 44.32 18.54
N SER A 38 -18.83 43.27 19.32
CA SER A 38 -18.74 41.90 18.78
C SER A 38 -20.07 41.33 18.30
N ASN A 39 -21.16 42.05 18.57
CA ASN A 39 -22.47 41.60 18.15
C ASN A 39 -22.59 41.34 16.68
N PRO A 40 -22.09 42.25 15.82
CA PRO A 40 -22.30 41.92 14.41
C PRO A 40 -21.46 40.75 13.90
N ILE A 41 -20.54 40.21 14.71
CA ILE A 41 -19.58 39.19 14.27
C ILE A 41 -20.26 37.84 14.04
N ASN A 42 -20.12 37.30 12.84
CA ASN A 42 -20.89 36.12 12.46
C ASN A 42 -20.15 34.81 12.70
N LEU A 43 -20.10 34.35 13.95
CA LEU A 43 -19.40 33.09 14.24
C LEU A 43 -19.82 31.99 13.29
N LEU A 44 -21.12 31.72 13.24
CA LEU A 44 -21.60 30.65 12.40
C LEU A 44 -20.90 30.66 11.06
N GLU A 45 -20.85 31.79 10.38
CA GLU A 45 -20.31 31.79 9.04
C GLU A 45 -18.86 31.47 9.07
N LEU A 46 -18.15 32.02 10.05
CA LEU A 46 -16.72 31.78 10.24
C LEU A 46 -16.46 30.31 10.44
N VAL A 47 -17.16 29.69 11.39
CA VAL A 47 -17.11 28.26 11.54
C VAL A 47 -17.34 27.55 10.21
N LYS A 48 -18.45 27.84 9.53
CA LYS A 48 -18.67 27.22 8.23
C LYS A 48 -17.44 27.36 7.33
N GLN A 49 -16.88 28.55 7.29
CA GLN A 49 -15.80 28.83 6.37
C GLN A 49 -14.54 28.12 6.80
N PHE A 50 -14.34 28.01 8.10
CA PHE A 50 -13.20 27.30 8.62
C PHE A 50 -13.31 25.82 8.31
N ASN A 51 -14.40 25.18 8.68
CA ASN A 51 -14.50 23.77 8.42
C ASN A 51 -14.25 23.52 6.97
N LEU A 52 -14.56 24.51 6.15
CA LEU A 52 -14.41 24.33 4.72
C LEU A 52 -12.94 24.28 4.37
N TYR A 53 -12.15 25.02 5.15
CA TYR A 53 -10.70 25.13 4.98
C TYR A 53 -10.04 23.87 5.43
N VAL A 54 -10.41 23.41 6.63
CA VAL A 54 -10.01 22.11 7.12
C VAL A 54 -10.20 21.09 6.02
N ASP A 55 -11.37 21.06 5.40
CA ASP A 55 -11.61 20.05 4.39
C ASP A 55 -10.63 20.17 3.24
N GLU A 56 -10.44 21.39 2.74
CA GLU A 56 -9.60 21.61 1.57
C GLU A 56 -8.17 21.18 1.87
N LEU A 57 -7.72 21.50 3.07
CA LEU A 57 -6.40 21.15 3.52
C LEU A 57 -6.27 19.66 3.57
N ALA A 58 -7.29 19.02 4.11
CA ALA A 58 -7.23 17.58 4.26
C ALA A 58 -7.05 16.94 2.91
N ILE A 59 -7.78 17.49 1.95
CA ILE A 59 -7.81 16.96 0.59
C ILE A 59 -6.45 17.02 -0.07
N THR A 60 -5.71 18.10 0.17
CA THR A 60 -4.45 18.23 -0.51
C THR A 60 -3.37 17.33 0.07
N CYS A 61 -3.19 17.36 1.39
CA CYS A 61 -2.44 16.29 2.07
C CYS A 61 -2.64 14.89 1.48
N GLU A 62 -3.89 14.46 1.37
CA GLU A 62 -4.10 13.19 0.72
C GLU A 62 -3.64 13.26 -0.70
N ALA A 63 -4.03 14.30 -1.42
CA ALA A 63 -3.82 14.31 -2.86
C ALA A 63 -2.33 14.36 -3.18
N ASN A 64 -1.65 15.33 -2.58
CA ASN A 64 -0.21 15.44 -2.71
C ASN A 64 0.52 14.30 -2.06
N ASN A 65 -0.22 13.40 -1.44
CA ASN A 65 0.33 12.21 -0.80
C ASN A 65 1.32 12.49 0.31
N VAL A 66 1.20 13.69 0.87
CA VAL A 66 1.95 14.14 2.00
C VAL A 66 2.20 13.06 3.03
N TRP A 67 1.27 12.14 3.25
CA TRP A 67 1.46 11.19 4.36
C TRP A 67 2.57 10.17 4.10
N ALA A 68 2.69 9.74 2.84
CA ALA A 68 3.78 8.87 2.44
C ALA A 68 5.15 9.51 2.69
N LYS A 69 5.29 10.80 2.37
CA LYS A 69 6.50 11.56 2.71
C LYS A 69 6.90 11.28 4.14
N GLU A 70 5.89 11.03 4.94
CA GLU A 70 6.00 11.13 6.39
C GLU A 70 6.13 9.78 7.09
N ARG A 71 6.58 8.75 6.39
CA ARG A 71 6.64 7.40 6.96
C ARG A 71 8.04 6.92 7.38
N ILE A 72 8.05 5.79 8.09
CA ILE A 72 9.24 5.00 8.37
C ILE A 72 8.88 3.53 8.56
N ASP A 73 7.59 3.22 8.44
CA ASP A 73 7.07 1.87 8.65
C ASP A 73 6.24 1.48 7.47
N SER A 74 5.47 0.43 7.65
CA SER A 74 4.32 0.16 6.82
C SER A 74 3.13 -0.08 7.73
N THR A 75 3.36 0.15 9.03
CA THR A 75 2.31 0.23 10.02
C THR A 75 1.18 1.04 9.45
N PRO A 76 -0.07 0.55 9.58
CA PRO A 76 -1.20 0.96 8.75
C PRO A 76 -1.42 2.46 8.67
N ASN A 77 -1.07 3.21 9.71
CA ASN A 77 -0.99 4.67 9.55
C ASN A 77 -0.01 5.39 10.48
N LEU A 78 0.27 6.64 10.19
CA LEU A 78 1.25 7.38 10.97
C LEU A 78 1.21 7.22 12.50
N PHE A 79 0.10 6.80 13.05
CA PHE A 79 -0.07 6.94 14.47
C PHE A 79 -0.22 5.58 15.07
N ALA A 80 -0.20 4.57 14.21
CA ALA A 80 -0.60 3.22 14.61
C ALA A 80 0.28 2.80 15.75
N LEU A 81 1.58 3.02 15.59
CA LEU A 81 2.55 2.65 16.59
C LEU A 81 2.28 3.27 17.95
N TYR A 82 1.44 4.27 18.05
CA TYR A 82 1.28 4.99 19.31
C TYR A 82 -0.01 4.67 20.08
N ASP A 83 -0.69 3.59 19.69
CA ASP A 83 -1.94 3.23 20.31
C ASP A 83 -1.69 2.32 21.48
N ASN A 84 -2.11 2.70 22.66
CA ASN A 84 -2.09 1.76 23.77
C ASN A 84 -3.48 1.59 24.33
N SER A 85 -4.48 1.65 23.45
CA SER A 85 -5.88 1.66 23.87
C SER A 85 -6.34 0.25 24.20
N GLY A 86 -5.64 -0.72 23.65
CA GLY A 86 -6.07 -2.10 23.73
C GLY A 86 -7.43 -2.25 23.08
N GLY A 87 -7.61 -1.59 21.95
CA GLY A 87 -8.84 -1.70 21.17
C GLY A 87 -10.12 -1.49 21.95
N GLU A 88 -9.99 -0.82 23.09
CA GLU A 88 -11.13 -0.35 23.83
C GLU A 88 -11.75 0.80 23.06
N ALA A 89 -13.03 1.06 23.35
CA ALA A 89 -13.67 2.29 22.91
C ALA A 89 -13.33 3.45 23.87
N ILE A 90 -13.11 4.62 23.30
CA ILE A 90 -12.77 5.76 24.09
C ILE A 90 -13.75 6.81 23.65
N HIS A 91 -14.67 7.17 24.52
CA HIS A 91 -15.72 8.13 24.16
C HIS A 91 -16.28 7.89 22.76
N GLY A 92 -16.86 6.72 22.57
CA GLY A 92 -17.52 6.39 21.32
C GLY A 92 -16.69 5.88 20.15
N HIS A 93 -15.36 6.00 20.20
CA HIS A 93 -14.48 5.48 19.12
C HIS A 93 -13.40 4.56 19.66
N ALA A 94 -13.24 3.42 18.99
CA ALA A 94 -12.12 2.52 19.19
C ALA A 94 -11.01 2.98 18.28
N PHE A 95 -9.76 2.66 18.62
CA PHE A 95 -8.66 3.02 17.74
C PHE A 95 -8.60 2.02 16.61
N VAL A 96 -8.54 2.49 15.37
CA VAL A 96 -8.38 1.60 14.24
C VAL A 96 -7.19 2.11 13.49
N PRO A 97 -6.14 1.30 13.41
CA PRO A 97 -4.88 1.72 12.81
C PRO A 97 -4.99 1.99 11.32
N TYR A 98 -6.08 1.61 10.68
CA TYR A 98 -6.19 1.77 9.22
C TYR A 98 -6.77 3.09 8.75
N TYR A 99 -7.11 3.97 9.68
CA TYR A 99 -7.67 5.27 9.32
C TYR A 99 -6.72 6.05 8.44
N LYS A 100 -7.21 6.64 7.35
CA LYS A 100 -6.39 7.57 6.58
C LYS A 100 -6.13 8.79 7.43
N GLU A 101 -4.92 9.34 7.33
CA GLU A 101 -4.55 10.49 8.14
C GLU A 101 -5.44 11.66 7.85
N SER A 102 -5.85 11.83 6.60
CA SER A 102 -6.68 13.00 6.27
C SER A 102 -8.08 12.95 6.92
N ILE A 103 -8.59 11.74 7.17
CA ILE A 103 -9.79 11.57 7.99
C ILE A 103 -9.47 11.89 9.42
N VAL A 104 -8.35 11.40 9.90
CA VAL A 104 -7.99 11.72 11.26
C VAL A 104 -7.90 13.22 11.40
N LEU A 105 -7.43 13.86 10.34
CA LEU A 105 -7.18 15.28 10.38
C LEU A 105 -8.49 16.02 10.57
N ARG A 106 -9.42 15.72 9.67
CA ARG A 106 -10.72 16.34 9.65
C ARG A 106 -11.39 16.19 11.02
N ARG A 107 -11.30 14.99 11.59
CA ARG A 107 -12.01 14.66 12.83
C ARG A 107 -11.41 15.27 14.08
N LEU A 108 -10.11 15.51 14.12
CA LEU A 108 -9.57 16.26 15.23
C LEU A 108 -9.80 17.78 15.09
N PHE A 109 -10.18 18.24 13.91
CA PHE A 109 -10.22 19.68 13.73
C PHE A 109 -11.52 20.38 13.34
N THR A 110 -12.36 19.76 12.52
CA THR A 110 -13.62 20.41 12.12
C THR A 110 -14.42 20.80 13.36
N VAL A 111 -15.17 21.90 13.30
CA VAL A 111 -15.82 22.44 14.49
C VAL A 111 -17.32 22.23 14.42
N ASP A 112 -17.90 21.66 15.47
CA ASP A 112 -19.29 21.31 15.47
C ASP A 112 -20.00 22.61 15.52
N PRO A 113 -20.66 22.97 14.41
CA PRO A 113 -21.18 24.33 14.22
C PRO A 113 -22.26 24.59 15.23
N ASN A 114 -22.84 23.50 15.71
CA ASN A 114 -23.85 23.49 16.73
C ASN A 114 -23.39 23.99 18.08
N THR A 115 -22.14 23.66 18.46
CA THR A 115 -21.59 23.89 19.79
C THR A 115 -20.41 24.81 19.79
N PHE A 116 -19.86 25.07 18.61
CA PHE A 116 -18.51 25.66 18.46
C PHE A 116 -17.45 24.89 19.25
N ASN A 117 -17.55 23.57 19.21
CA ASN A 117 -16.61 22.70 19.86
C ASN A 117 -16.20 21.57 18.94
N LEU A 118 -15.71 20.49 19.52
CA LEU A 118 -15.20 19.33 18.80
C LEU A 118 -16.07 18.13 19.07
N SER A 119 -16.37 17.34 18.05
CA SER A 119 -17.09 16.11 18.31
C SER A 119 -16.00 15.08 18.57
N ARG A 120 -16.05 14.43 19.71
CA ARG A 120 -14.92 13.62 20.14
C ARG A 120 -14.46 12.62 19.09
N PHE A 121 -13.17 12.72 18.75
CA PHE A 121 -12.47 11.64 18.06
C PHE A 121 -11.36 11.18 19.02
N ALA A 122 -11.77 10.50 20.09
CA ALA A 122 -10.90 10.33 21.28
C ALA A 122 -9.80 9.29 21.16
N ALA A 123 -10.06 8.26 20.40
CA ALA A 123 -9.19 7.14 20.34
C ALA A 123 -7.87 7.55 19.71
N PHE A 124 -7.88 8.60 18.90
CA PHE A 124 -6.68 9.05 18.26
C PHE A 124 -6.06 10.21 18.96
N GLU A 125 -6.63 10.66 20.09
CA GLU A 125 -6.13 11.90 20.64
C GLU A 125 -4.80 11.67 21.32
N GLY A 126 -4.70 10.58 22.07
CA GLY A 126 -3.45 10.22 22.71
C GLY A 126 -2.38 9.91 21.69
N PRO A 127 -2.60 8.90 20.84
CA PRO A 127 -1.64 8.55 19.80
C PRO A 127 -1.15 9.75 19.05
N CYS A 128 -1.99 10.74 18.85
CA CYS A 128 -1.55 11.86 18.05
C CYS A 128 -0.61 12.80 18.79
N GLN A 129 -0.95 13.12 20.03
CA GLN A 129 -0.12 14.02 20.81
C GLN A 129 1.22 13.38 21.07
N LEU A 130 1.24 12.05 21.10
CA LEU A 130 2.48 11.30 21.23
C LEU A 130 3.36 11.46 20.01
N TYR A 131 2.80 11.14 18.86
CA TYR A 131 3.51 11.30 17.63
C TYR A 131 4.07 12.71 17.54
N CYS A 132 3.34 13.68 18.06
CA CYS A 132 3.82 15.04 17.94
C CYS A 132 5.09 15.20 18.72
N LYS A 133 5.11 14.71 19.96
CA LYS A 133 6.32 14.77 20.78
C LYS A 133 7.52 14.20 20.01
N GLU A 134 7.35 13.04 19.42
CA GLU A 134 8.48 12.40 18.79
C GLU A 134 8.68 12.82 17.34
N HIS A 135 7.97 13.81 16.87
CA HIS A 135 8.22 14.26 15.52
C HIS A 135 7.96 15.74 15.34
N LYS A 136 8.62 16.60 16.11
CA LYS A 136 8.55 18.04 15.83
C LYS A 136 8.91 18.24 14.37
N ASP A 137 8.57 19.39 13.82
CA ASP A 137 8.94 19.66 12.42
C ASP A 137 8.16 18.83 11.40
N SER A 138 7.60 17.69 11.83
CA SER A 138 6.81 16.84 10.93
C SER A 138 5.58 17.60 10.44
N ALA A 139 5.07 17.25 9.25
CA ALA A 139 3.94 17.98 8.65
C ALA A 139 2.75 18.01 9.58
N TRP A 140 2.42 16.84 10.14
CA TRP A 140 1.34 16.76 11.11
C TRP A 140 1.47 17.81 12.16
N VAL A 141 2.67 18.09 12.65
CA VAL A 141 2.81 19.08 13.71
C VAL A 141 2.53 20.46 13.19
N LYS A 142 3.08 20.74 12.00
CA LYS A 142 2.96 22.04 11.37
C LYS A 142 1.50 22.27 11.07
N ILE A 143 0.88 21.32 10.38
CA ILE A 143 -0.55 21.37 10.14
C ILE A 143 -1.37 21.59 11.41
N GLN A 144 -1.18 20.74 12.41
CA GLN A 144 -1.99 20.81 13.60
C GLN A 144 -1.83 22.16 14.25
N THR A 145 -0.63 22.73 14.19
CA THR A 145 -0.39 24.08 14.71
C THR A 145 -1.36 25.05 14.09
N LEU A 146 -1.26 25.13 12.77
CA LEU A 146 -2.15 25.90 11.93
C LEU A 146 -3.62 25.70 12.31
N LEU A 147 -4.09 24.46 12.25
CA LEU A 147 -5.50 24.22 12.53
C LEU A 147 -5.92 24.61 13.96
N THR A 148 -5.08 24.32 14.93
CA THR A 148 -5.39 24.69 16.29
C THR A 148 -5.59 26.20 16.38
N LEU A 149 -4.70 26.97 15.76
CA LEU A 149 -4.88 28.42 15.64
C LEU A 149 -6.27 28.74 15.08
N GLY A 150 -6.61 28.13 13.95
CA GLY A 150 -8.00 28.14 13.47
C GLY A 150 -8.98 28.03 14.62
N ASN A 151 -9.01 26.84 15.25
CA ASN A 151 -9.82 26.59 16.45
C ASN A 151 -9.78 27.74 17.44
N GLY A 152 -8.58 28.22 17.74
CA GLY A 152 -8.38 29.27 18.73
C GLY A 152 -9.21 30.47 18.39
N ILE A 153 -8.97 30.99 17.20
CA ILE A 153 -9.62 32.19 16.73
C ILE A 153 -11.12 32.11 17.00
N ILE A 154 -11.73 31.02 16.57
CA ILE A 154 -13.14 30.80 16.78
C ILE A 154 -13.50 30.87 18.26
N ASN A 155 -12.77 30.14 19.09
CA ASN A 155 -13.00 30.16 20.52
C ASN A 155 -12.83 31.57 21.11
N THR A 156 -11.74 32.24 20.78
CA THR A 156 -11.56 33.60 21.27
C THR A 156 -12.79 34.49 21.02
N LEU A 157 -13.21 34.57 19.77
CA LEU A 157 -14.37 35.37 19.40
C LEU A 157 -15.58 34.96 20.19
N LYS A 158 -15.90 33.67 20.21
CA LYS A 158 -16.98 33.21 21.07
C LYS A 158 -16.80 33.77 22.49
N ILE A 159 -15.61 33.66 23.06
CA ILE A 159 -15.41 34.16 24.41
C ILE A 159 -15.64 35.68 24.50
N ILE A 160 -15.31 36.40 23.45
CA ILE A 160 -15.51 37.84 23.45
C ILE A 160 -17.01 38.12 23.42
N LYS A 161 -17.72 37.54 22.46
CA LYS A 161 -19.14 37.76 22.37
C LYS A 161 -19.75 37.44 23.73
N GLN A 162 -19.39 36.30 24.27
CA GLN A 162 -19.93 35.86 25.53
C GLN A 162 -19.59 36.80 26.65
N ALA A 163 -18.39 37.36 26.65
CA ALA A 163 -18.00 38.16 27.79
C ALA A 163 -18.69 39.50 27.72
N GLN A 164 -18.79 40.04 26.51
CA GLN A 164 -19.52 41.26 26.24
C GLN A 164 -20.94 41.09 26.78
N ALA A 165 -21.58 39.99 26.41
CA ALA A 165 -22.92 39.69 26.91
C ALA A 165 -23.03 39.80 28.43
N PHE A 166 -21.97 39.49 29.16
CA PHE A 166 -22.02 39.50 30.61
C PHE A 166 -21.18 40.63 31.22
N GLY A 167 -20.91 41.65 30.41
CA GLY A 167 -20.23 42.85 30.88
C GLY A 167 -18.81 42.63 31.38
N ILE A 168 -18.35 41.38 31.36
CA ILE A 168 -16.99 41.06 31.80
C ILE A 168 -15.96 41.72 30.88
N ASP A 169 -15.47 42.89 31.30
CA ASP A 169 -14.66 43.74 30.43
C ASP A 169 -13.20 43.38 30.43
N GLU A 170 -12.70 43.05 31.62
CA GLU A 170 -11.36 42.52 31.78
C GLU A 170 -11.08 41.51 30.65
N ALA A 171 -12.00 40.58 30.47
CA ALA A 171 -11.90 39.55 29.44
C ALA A 171 -11.88 40.16 28.05
N VAL A 172 -12.97 40.84 27.68
CA VAL A 172 -13.11 41.38 26.32
C VAL A 172 -11.89 42.18 25.88
N THR A 173 -11.38 43.03 26.77
CA THR A 173 -10.22 43.85 26.44
C THR A 173 -8.93 43.01 26.22
N GLU A 174 -8.69 42.08 27.13
CA GLU A 174 -7.53 41.20 27.06
C GLU A 174 -7.58 40.24 25.88
N ASN A 175 -8.78 39.76 25.57
CA ASN A 175 -9.00 38.79 24.52
C ASN A 175 -8.79 39.35 23.14
N LEU A 176 -8.98 40.66 23.03
CA LEU A 176 -8.66 41.38 21.79
C LEU A 176 -7.16 41.41 21.60
N LYS A 177 -6.42 41.67 22.68
CA LYS A 177 -4.97 41.61 22.62
C LYS A 177 -4.60 40.26 22.00
N ALA A 178 -4.97 39.20 22.70
CA ALA A 178 -4.74 37.84 22.25
C ALA A 178 -5.20 37.59 20.81
N LEU A 179 -6.42 37.95 20.47
CA LEU A 179 -6.92 37.64 19.15
C LEU A 179 -5.96 38.10 18.05
N LYS A 180 -5.44 39.31 18.20
CA LYS A 180 -4.47 39.88 17.28
C LYS A 180 -3.26 38.97 17.18
N GLU A 181 -2.76 38.51 18.33
CA GLU A 181 -1.59 37.65 18.37
C GLU A 181 -1.85 36.35 17.67
N GLN A 182 -3.02 35.75 17.92
CA GLN A 182 -3.46 34.52 17.24
C GLN A 182 -3.53 34.80 15.76
N PHE A 183 -3.96 36.02 15.44
CA PHE A 183 -4.10 36.42 14.06
C PHE A 183 -2.78 36.27 13.34
N ILE A 184 -1.75 36.96 13.84
CA ILE A 184 -0.44 36.89 13.20
C ILE A 184 0.07 35.43 13.19
N ALA A 185 0.02 34.83 14.38
CA ALA A 185 0.43 33.45 14.58
C ALA A 185 -0.17 32.61 13.49
N PHE A 186 -1.46 32.79 13.22
CA PHE A 186 -2.06 32.01 12.17
C PHE A 186 -1.41 32.25 10.82
N GLN A 187 -1.05 33.51 10.53
CA GLN A 187 -0.60 33.89 9.20
C GLN A 187 0.79 33.33 8.94
N LEU A 188 1.59 33.30 10.01
CA LEU A 188 2.90 32.66 9.99
C LEU A 188 2.71 31.21 9.69
N ALA A 189 2.00 30.55 10.59
CA ALA A 189 1.77 29.13 10.46
C ALA A 189 1.27 28.77 9.07
N GLU A 190 0.51 29.67 8.45
CA GLU A 190 -0.05 29.40 7.15
C GLU A 190 1.04 29.40 6.09
N ALA A 191 1.98 30.32 6.24
CA ALA A 191 3.13 30.43 5.34
C ALA A 191 4.01 29.21 5.50
N ASP A 192 4.41 28.96 6.74
CA ASP A 192 5.27 27.87 7.14
C ASP A 192 4.86 26.47 6.65
N ILE A 193 3.58 26.26 6.37
CA ILE A 193 3.10 24.94 5.98
C ILE A 193 3.48 24.60 4.56
N LYS A 194 3.59 25.63 3.73
CA LYS A 194 3.63 25.46 2.29
C LYS A 194 4.68 24.47 1.79
N GLU A 195 5.79 24.38 2.51
CA GLU A 195 6.82 23.39 2.19
C GLU A 195 6.30 21.97 2.47
N SER A 196 5.98 21.74 3.74
CA SER A 196 5.47 20.45 4.21
C SER A 196 4.39 19.85 3.31
N LEU A 197 3.69 20.68 2.54
CA LEU A 197 2.67 20.16 1.63
C LEU A 197 3.18 19.70 0.28
N LYS A 198 4.48 19.85 0.00
CA LYS A 198 4.96 19.51 -1.34
C LYS A 198 4.96 18.00 -1.65
N ALA A 199 4.28 17.65 -2.74
CA ALA A 199 4.14 16.26 -3.19
C ALA A 199 5.50 15.58 -3.35
N PRO A 200 5.72 14.48 -2.60
CA PRO A 200 6.93 13.69 -2.73
C PRO A 200 7.12 13.18 -4.15
N SER A 201 8.35 12.77 -4.44
CA SER A 201 8.75 12.30 -5.75
C SER A 201 8.26 10.88 -6.13
N PHE A 202 8.12 10.00 -5.13
CA PHE A 202 7.56 8.65 -5.37
C PHE A 202 6.08 8.73 -5.75
N ALA A 203 5.69 7.94 -6.75
CA ALA A 203 4.40 8.09 -7.42
C ALA A 203 3.19 7.94 -6.48
N GLU A 204 2.08 8.54 -6.91
CA GLU A 204 0.79 8.48 -6.22
C GLU A 204 0.28 7.03 -6.07
N PRO A 205 0.18 6.51 -4.81
CA PRO A 205 -0.35 5.16 -4.62
C PRO A 205 -1.80 5.03 -5.09
N LEU A 206 -2.13 3.88 -5.65
CA LEU A 206 -3.38 3.71 -6.41
C LEU A 206 -4.62 3.64 -5.52
N PRO A 207 -5.58 4.57 -5.73
CA PRO A 207 -6.87 4.71 -5.05
C PRO A 207 -7.52 3.43 -4.53
N ASN A 208 -8.24 3.55 -3.40
CA ASN A 208 -8.85 2.43 -2.68
C ASN A 208 -10.33 2.30 -3.01
N LYS A 209 -10.68 1.30 -3.79
CA LYS A 209 -12.05 1.15 -4.25
C LYS A 209 -13.05 0.79 -3.13
N GLU A 210 -12.52 0.54 -1.93
CA GLU A 210 -13.29 -0.14 -0.89
C GLU A 210 -13.83 0.72 0.23
N SER A 211 -13.15 1.83 0.55
CA SER A 211 -13.58 2.76 1.61
C SER A 211 -13.06 4.16 1.35
N GLU A 212 -13.83 5.17 1.79
CA GLU A 212 -13.39 6.56 1.72
C GLU A 212 -12.53 6.93 2.91
N PHE A 213 -12.44 6.06 3.90
CA PHE A 213 -11.89 6.49 5.19
C PHE A 213 -10.69 5.69 5.64
N PHE A 214 -10.64 4.43 5.27
CA PHE A 214 -9.56 3.60 5.73
C PHE A 214 -8.66 3.15 4.61
N TYR A 215 -7.37 2.98 4.90
CA TYR A 215 -6.48 2.35 3.96
C TYR A 215 -6.95 0.92 3.78
N PRO A 216 -6.41 0.18 2.80
CA PRO A 216 -6.99 -1.12 2.58
C PRO A 216 -6.84 -1.99 3.82
N ILE A 217 -7.84 -2.84 4.09
CA ILE A 217 -7.75 -3.78 5.20
C ILE A 217 -8.01 -5.21 4.74
N ASP A 218 -6.96 -6.03 4.61
CA ASP A 218 -7.13 -7.41 4.09
C ASP A 218 -7.93 -8.28 5.07
N GLU A 219 -8.34 -9.48 4.66
CA GLU A 219 -9.28 -10.22 5.49
C GLU A 219 -8.63 -10.70 6.78
N LYS A 220 -7.33 -10.99 6.70
CA LYS A 220 -6.51 -11.37 7.87
C LYS A 220 -6.55 -10.30 8.94
N ALA A 221 -6.27 -9.07 8.54
CA ALA A 221 -6.18 -7.93 9.43
C ALA A 221 -7.53 -7.57 10.02
N LEU A 222 -8.54 -7.65 9.18
CA LEU A 222 -9.85 -7.29 9.59
C LEU A 222 -10.31 -8.25 10.66
N ALA A 223 -9.84 -9.49 10.59
CA ALA A 223 -10.33 -10.55 11.49
C ALA A 223 -9.81 -10.36 12.90
N LYS A 224 -8.59 -9.86 12.99
CA LYS A 224 -8.00 -9.55 14.28
C LYS A 224 -8.71 -8.37 14.97
N ASN A 226 -11.57 -6.09 16.80
CA ASN A 226 -12.52 -6.54 17.80
C ASN A 226 -13.92 -5.99 17.55
N GLY A 227 -14.79 -6.17 18.54
CA GLY A 227 -16.16 -5.71 18.46
C GLY A 227 -16.23 -4.22 18.26
N TYR A 228 -15.67 -3.47 19.20
CA TYR A 228 -15.61 -2.01 19.16
C TYR A 228 -14.96 -1.49 17.92
N GLN A 229 -13.98 -2.21 17.43
CA GLN A 229 -13.21 -1.75 16.33
C GLN A 229 -13.98 -1.87 15.05
N LEU A 230 -14.54 -3.06 14.81
CA LEU A 230 -15.37 -3.27 13.63
C LEU A 230 -16.58 -2.35 13.68
N ALA A 231 -17.13 -2.21 14.89
CA ALA A 231 -18.23 -1.32 15.13
C ALA A 231 -17.84 0.07 14.71
N THR A 232 -16.69 0.52 15.19
CA THR A 232 -16.24 1.86 14.86
C THR A 232 -16.16 2.05 13.35
N ILE A 233 -15.70 1.03 12.67
CA ILE A 233 -15.52 1.06 11.24
C ILE A 233 -16.88 1.16 10.57
N CYS A 234 -17.84 0.40 11.02
CA CYS A 234 -19.16 0.48 10.40
C CYS A 234 -19.74 1.88 10.51
N LEU A 235 -19.71 2.46 11.70
CA LEU A 235 -20.19 3.79 11.87
C LEU A 235 -19.48 4.75 10.93
N GLU A 236 -18.18 4.57 10.72
CA GLU A 236 -17.48 5.49 9.85
C GLU A 236 -17.95 5.38 8.44
N GLU A 237 -18.10 4.16 7.94
CA GLU A 237 -18.41 3.99 6.55
C GLU A 237 -19.74 4.63 6.19
N LEU A 238 -20.65 4.73 7.16
CA LEU A 238 -21.95 5.34 6.92
C LEU A 238 -21.84 6.82 6.62
N ASN A 239 -20.66 7.40 6.81
CA ASN A 239 -20.45 8.74 6.32
C ASN A 239 -20.24 8.79 4.83
N SER A 240 -20.12 7.67 4.15
CA SER A 240 -20.24 7.71 2.69
C SER A 240 -21.73 7.77 2.33
N PRO A 241 -22.06 8.13 1.07
CA PRO A 241 -23.46 8.05 0.71
C PRO A 241 -23.83 6.64 0.24
N LYS A 242 -23.19 6.11 -0.79
CA LYS A 242 -23.49 4.72 -1.12
C LYS A 242 -22.79 3.78 -0.14
N PRO A 243 -23.38 2.61 0.14
CA PRO A 243 -22.75 1.57 0.94
C PRO A 243 -21.38 1.19 0.36
N SER A 244 -20.38 1.01 1.22
CA SER A 244 -19.03 0.71 0.76
C SER A 244 -18.82 -0.77 0.61
N PRO A 245 -17.93 -1.14 -0.32
CA PRO A 245 -17.45 -2.52 -0.43
C PRO A 245 -16.96 -3.05 0.92
N LEU A 246 -16.28 -2.20 1.68
CA LEU A 246 -15.74 -2.57 2.96
C LEU A 246 -16.82 -2.96 3.91
N ILE A 247 -17.80 -2.09 4.14
CA ILE A 247 -18.88 -2.40 5.08
C ILE A 247 -19.64 -3.63 4.61
N GLU A 248 -19.71 -3.85 3.30
CA GLU A 248 -20.39 -5.05 2.82
C GLU A 248 -19.59 -6.23 3.28
N ARG A 249 -18.26 -6.19 3.13
CA ARG A 249 -17.41 -7.29 3.58
C ARG A 249 -17.72 -7.58 5.02
N ILE A 250 -17.53 -6.58 5.86
CA ILE A 250 -17.76 -6.75 7.28
C ILE A 250 -19.17 -7.30 7.56
N LEU A 251 -20.18 -6.73 6.96
CA LEU A 251 -21.52 -7.11 7.36
C LEU A 251 -21.92 -8.44 6.79
N SER A 252 -21.26 -8.86 5.72
CA SER A 252 -21.61 -10.13 5.10
C SER A 252 -21.03 -11.28 5.90
N ASN A 253 -19.83 -11.09 6.43
CA ASN A 253 -19.16 -12.10 7.24
C ASN A 253 -19.84 -12.41 8.55
N LYS A 254 -20.32 -13.65 8.65
CA LYS A 254 -21.12 -14.13 9.77
C LYS A 254 -20.37 -14.19 11.09
N LYS A 255 -19.08 -14.49 11.03
CA LYS A 255 -18.23 -14.55 12.23
C LYS A 255 -18.13 -13.18 12.94
N PHE A 256 -17.89 -12.10 12.18
CA PHE A 256 -17.76 -10.77 12.76
C PHE A 256 -18.99 -10.24 13.49
N TRP A 257 -20.19 -10.73 13.18
CA TRP A 257 -21.38 -10.05 13.65
C TRP A 257 -21.60 -10.04 15.17
N LYS A 258 -21.45 -11.18 15.83
CA LYS A 258 -21.73 -11.23 17.29
C LYS A 258 -21.02 -10.12 18.04
N ARG A 259 -19.73 -9.93 17.75
CA ARG A 259 -18.92 -8.95 18.49
C ARG A 259 -19.26 -7.53 18.08
N ILE A 260 -19.53 -7.33 16.79
CA ILE A 260 -20.02 -6.04 16.32
C ILE A 260 -21.25 -5.67 17.09
N ASN A 261 -22.19 -6.60 17.16
CA ASN A 261 -23.46 -6.29 17.77
C ASN A 261 -23.34 -6.03 19.25
N SER A 262 -22.62 -6.90 19.95
CA SER A 262 -22.47 -6.71 21.37
C SER A 262 -21.81 -5.35 21.61
N ALA A 263 -20.94 -4.93 20.70
CA ALA A 263 -20.29 -3.63 20.84
C ALA A 263 -21.39 -2.62 20.84
N PHE A 264 -22.30 -2.73 19.88
CA PHE A 264 -23.45 -1.84 19.79
C PHE A 264 -24.22 -1.81 21.08
N GLU A 265 -24.61 -2.99 21.55
CA GLU A 265 -25.45 -3.08 22.73
C GLU A 265 -24.76 -2.54 23.97
N SER A 266 -23.44 -2.58 23.99
CA SER A 266 -22.69 -2.04 25.10
C SER A 266 -22.98 -0.57 25.43
N GLY A 267 -23.41 0.21 24.44
CA GLY A 267 -23.82 1.60 24.69
C GLY A 267 -22.74 2.66 24.57
N VAL A 268 -21.52 2.22 24.32
CA VAL A 268 -20.39 3.11 24.22
C VAL A 268 -20.61 4.12 23.13
N PHE A 269 -21.52 3.85 22.22
CA PHE A 269 -21.70 4.77 21.11
C PHE A 269 -22.79 5.79 21.34
N LYS A 270 -23.49 5.66 22.47
CA LYS A 270 -24.71 6.41 22.68
C LYS A 270 -24.52 7.90 22.40
N GLY A 271 -23.38 8.44 22.80
CA GLY A 271 -23.27 9.89 22.86
C GLY A 271 -22.67 10.52 21.65
N ARG A 272 -22.62 9.78 20.54
CA ARG A 272 -21.98 10.28 19.32
C ARG A 272 -22.89 11.31 18.72
N THR A 273 -22.30 12.36 18.14
CA THR A 273 -23.07 13.36 17.43
C THR A 273 -23.44 12.92 16.04
N ASP A 274 -23.07 11.71 15.63
CA ASP A 274 -23.24 11.36 14.24
C ASP A 274 -24.40 10.44 14.02
N ASP A 275 -25.48 10.76 14.71
CA ASP A 275 -26.69 9.94 14.73
C ASP A 275 -26.41 8.47 14.99
N PRO A 276 -25.80 8.14 16.13
CA PRO A 276 -25.40 6.78 16.22
C PRO A 276 -26.64 5.89 16.10
N ALA A 277 -27.70 6.28 16.80
CA ALA A 277 -28.88 5.46 16.92
C ALA A 277 -29.33 5.06 15.53
N GLY A 278 -29.47 6.06 14.67
CA GLY A 278 -29.81 5.89 13.26
C GLY A 278 -28.83 4.99 12.54
N LYS A 279 -27.55 5.28 12.63
CA LYS A 279 -26.55 4.46 11.97
C LYS A 279 -26.71 3.02 12.41
N ILE A 280 -26.81 2.79 13.72
CA ILE A 280 -26.87 1.43 14.26
C ILE A 280 -28.03 0.66 13.64
N ALA A 281 -29.20 1.27 13.71
CA ALA A 281 -30.37 0.71 13.08
C ALA A 281 -30.03 0.33 11.63
N LYS A 282 -29.60 1.29 10.82
CA LYS A 282 -29.33 0.98 9.42
C LYS A 282 -28.32 -0.17 9.26
N ILE A 283 -27.39 -0.27 10.20
CA ILE A 283 -26.36 -1.29 10.05
C ILE A 283 -27.00 -2.62 10.31
N ARG A 284 -27.88 -2.65 11.30
CA ARG A 284 -28.60 -3.86 11.59
C ARG A 284 -29.39 -4.28 10.39
N GLU A 285 -30.13 -3.36 9.78
CA GLU A 285 -30.87 -3.62 8.55
C GLU A 285 -29.99 -4.29 7.52
N TRP A 286 -28.93 -3.61 7.13
CA TRP A 286 -28.04 -4.07 6.06
C TRP A 286 -27.51 -5.46 6.35
N HIS A 287 -27.32 -5.72 7.64
CA HIS A 287 -26.82 -6.99 8.06
C HIS A 287 -27.92 -8.00 7.82
N GLN A 288 -29.14 -7.66 8.23
CA GLN A 288 -30.28 -8.54 8.08
C GLN A 288 -30.45 -8.85 6.61
N LEU A 289 -30.35 -7.81 5.77
CA LEU A 289 -30.50 -8.01 4.36
C LEU A 289 -29.52 -9.04 3.92
N LEU A 290 -28.27 -8.79 4.25
CA LEU A 290 -27.15 -9.59 3.77
C LEU A 290 -27.19 -11.02 4.19
N GLN A 291 -27.75 -11.30 5.35
CA GLN A 291 -27.78 -12.66 5.81
C GLN A 291 -28.86 -13.46 5.09
N ILE A 292 -29.87 -12.75 4.60
CA ILE A 292 -30.87 -13.34 3.71
C ILE A 292 -30.20 -13.80 2.41
N SER A 293 -29.42 -12.91 1.80
CA SER A 293 -28.75 -13.14 0.51
C SER A 293 -27.72 -14.25 0.57
N GLY A 294 -26.98 -14.27 1.68
CA GLY A 294 -25.96 -15.28 1.87
C GLY A 294 -26.52 -16.57 2.42
N LYS A 295 -27.81 -16.81 2.21
CA LYS A 295 -28.41 -18.05 2.65
C LYS A 295 -28.57 -19.03 1.48
N LYS A 296 -27.56 -19.03 0.60
CA LYS A 296 -27.53 -19.93 -0.57
C LYS A 296 -26.26 -20.76 -0.58
N GLU B 14 -24.57 44.30 43.01
CA GLU B 14 -25.67 43.52 43.67
C GLU B 14 -25.23 42.11 44.13
N TYR B 15 -23.92 41.91 44.20
CA TYR B 15 -23.32 40.70 44.79
C TYR B 15 -22.21 41.15 45.76
N ASP B 16 -21.83 40.27 46.69
CA ASP B 16 -20.86 40.60 47.75
C ASP B 16 -19.41 40.27 47.38
N TYR B 17 -19.22 39.22 46.59
CA TYR B 17 -17.88 38.76 46.21
C TYR B 17 -17.92 38.20 44.79
N LEU B 18 -16.76 38.18 44.13
CA LEU B 18 -16.63 37.55 42.83
C LEU B 18 -15.33 36.74 42.75
N PHE B 19 -15.50 35.42 42.78
CA PHE B 19 -14.38 34.49 42.66
C PHE B 19 -14.24 33.94 41.23
N LYS B 20 -13.00 33.93 40.75
CA LYS B 20 -12.69 33.38 39.45
C LYS B 20 -12.12 31.99 39.64
N LEU B 21 -12.81 31.00 39.10
CA LEU B 21 -12.43 29.60 39.25
C LEU B 21 -12.02 29.01 37.91
N LEU B 22 -11.31 27.89 37.96
CA LEU B 22 -10.75 27.30 36.76
C LEU B 22 -10.66 25.79 36.89
N LEU B 23 -11.33 25.05 36.01
CA LEU B 23 -11.14 23.62 36.00
C LEU B 23 -10.13 23.21 34.95
N ILE B 24 -9.09 22.51 35.39
CA ILE B 24 -8.13 21.93 34.47
C ILE B 24 -8.09 20.42 34.72
N GLY B 25 -7.33 19.72 33.90
CA GLY B 25 -7.35 18.27 33.93
C GLY B 25 -7.27 17.70 32.52
N ASP B 26 -6.93 16.41 32.46
CA ASP B 26 -6.91 15.68 31.20
C ASP B 26 -8.18 15.76 30.35
N SER B 27 -8.12 15.28 29.12
CA SER B 27 -9.26 15.39 28.27
C SER B 27 -10.29 14.34 28.60
N GLY B 28 -11.53 14.77 28.76
CA GLY B 28 -12.65 13.85 28.92
C GLY B 28 -12.77 13.30 30.30
N VAL B 29 -12.18 14.00 31.28
CA VAL B 29 -12.21 13.51 32.66
C VAL B 29 -13.48 13.93 33.34
N GLY B 30 -14.18 14.90 32.74
CA GLY B 30 -15.49 15.32 33.20
C GLY B 30 -15.65 16.80 33.48
N LYS B 31 -14.56 17.56 33.32
CA LYS B 31 -14.57 18.99 33.63
C LYS B 31 -15.88 19.65 33.24
N SER B 32 -16.27 19.50 31.98
CA SER B 32 -17.42 20.23 31.51
C SER B 32 -18.74 19.73 32.14
N CYS B 33 -18.90 18.42 32.34
CA CYS B 33 -20.14 17.94 32.96
C CYS B 33 -20.26 18.41 34.39
N LEU B 34 -19.12 18.45 35.09
CA LEU B 34 -19.06 19.09 36.40
C LEU B 34 -19.59 20.52 36.28
N LEU B 35 -18.91 21.36 35.51
CA LEU B 35 -19.37 22.72 35.34
C LEU B 35 -20.86 22.77 35.02
N LEU B 36 -21.34 21.84 34.21
CA LEU B 36 -22.71 21.89 33.76
C LEU B 36 -23.67 21.51 34.87
N ARG B 37 -23.45 20.38 35.53
CA ARG B 37 -24.33 20.01 36.63
C ARG B 37 -24.35 21.12 37.63
N PHE B 38 -23.18 21.58 38.06
CA PHE B 38 -23.09 22.69 39.03
C PHE B 38 -23.79 23.98 38.59
N ALA B 39 -23.61 24.41 37.35
CA ALA B 39 -24.27 25.64 36.92
C ALA B 39 -25.74 25.44 36.62
N ASP B 40 -26.09 24.47 35.78
CA ASP B 40 -27.45 24.32 35.25
C ASP B 40 -28.20 23.12 35.77
N ASP B 41 -27.52 22.34 36.61
CA ASP B 41 -28.10 21.12 37.16
C ASP B 41 -28.61 20.19 36.08
N THR B 42 -27.81 20.03 35.03
CA THR B 42 -28.10 19.09 33.97
C THR B 42 -26.84 18.33 33.55
N TYR B 43 -27.04 17.35 32.69
CA TYR B 43 -25.98 16.50 32.26
C TYR B 43 -26.41 15.98 30.91
N THR B 44 -25.48 15.92 29.97
CA THR B 44 -25.75 15.36 28.68
C THR B 44 -24.79 14.24 28.45
N GLU B 45 -25.31 13.09 28.03
CA GLU B 45 -24.48 11.92 27.75
C GLU B 45 -23.55 12.15 26.55
N SER B 46 -23.86 13.15 25.74
CA SER B 46 -23.27 13.28 24.41
C SER B 46 -21.82 13.78 24.37
N TYR B 47 -21.03 13.21 23.45
CA TYR B 47 -19.57 13.44 23.39
C TYR B 47 -19.11 14.70 22.68
N ILE B 48 -18.82 15.71 23.48
CA ILE B 48 -18.22 16.92 22.96
C ILE B 48 -16.95 17.24 23.71
N SER B 49 -15.89 17.56 22.97
CA SER B 49 -14.69 18.08 23.58
C SER B 49 -14.65 19.58 23.47
N THR B 50 -14.54 20.25 24.63
CA THR B 50 -14.41 21.70 24.74
C THR B 50 -13.21 22.15 23.95
N ILE B 51 -13.35 23.24 23.21
CA ILE B 51 -12.22 23.89 22.54
C ILE B 51 -11.80 25.05 23.41
N GLY B 52 -10.51 25.38 23.39
CA GLY B 52 -9.98 26.53 24.12
C GLY B 52 -10.57 26.63 25.51
N VAL B 53 -11.33 27.68 25.76
CA VAL B 53 -12.03 27.81 27.02
C VAL B 53 -13.50 28.20 26.85
N ASP B 54 -14.23 28.07 27.95
CA ASP B 54 -15.58 28.54 28.08
C ASP B 54 -15.70 28.94 29.54
N PHE B 55 -16.78 29.59 29.90
CA PHE B 55 -17.02 30.00 31.27
C PHE B 55 -18.50 30.03 31.55
N LYS B 56 -18.87 29.55 32.73
CA LYS B 56 -20.21 29.72 33.25
C LYS B 56 -20.15 30.40 34.60
N ILE B 57 -21.30 30.97 35.00
CA ILE B 57 -21.44 31.82 36.16
C ILE B 57 -22.68 31.43 36.94
N ARG B 58 -22.45 30.89 38.14
CA ARG B 58 -23.51 30.66 39.09
C ARG B 58 -23.20 31.54 40.29
N THR B 59 -24.26 32.06 40.92
CA THR B 59 -24.15 32.78 42.19
C THR B 59 -24.51 31.92 43.40
N ILE B 60 -23.57 31.85 44.34
CA ILE B 60 -23.65 31.02 45.51
C ILE B 60 -23.86 31.92 46.73
N GLU B 61 -24.39 31.36 47.82
CA GLU B 61 -24.54 32.11 49.07
C GLU B 61 -23.80 31.42 50.20
N LEU B 62 -23.01 32.18 50.94
CA LEU B 62 -22.18 31.64 52.01
C LEU B 62 -21.97 32.65 53.15
N ASP B 63 -22.63 32.39 54.28
CA ASP B 63 -22.30 33.01 55.59
C ASP B 63 -22.82 34.42 55.96
N GLY B 64 -23.95 34.89 55.44
CA GLY B 64 -24.63 34.37 54.27
C GLY B 64 -24.44 35.45 53.22
N LYS B 65 -23.18 35.77 52.93
CA LYS B 65 -22.81 36.68 51.84
C LYS B 65 -22.99 35.96 50.50
N THR B 66 -23.51 36.67 49.50
CA THR B 66 -23.67 36.09 48.16
C THR B 66 -22.38 36.26 47.34
N ILE B 67 -21.90 35.15 46.77
CA ILE B 67 -20.66 35.12 45.97
C ILE B 67 -20.94 34.73 44.50
N LYS B 68 -20.53 35.59 43.57
CA LYS B 68 -20.62 35.31 42.14
C LYS B 68 -19.41 34.46 41.75
N LEU B 69 -19.66 33.31 41.14
CA LEU B 69 -18.62 32.43 40.66
C LEU B 69 -18.45 32.57 39.15
N GLN B 70 -17.29 33.06 38.74
CA GLN B 70 -16.98 33.14 37.34
C GLN B 70 -16.09 31.91 37.03
N ILE B 71 -16.73 30.80 36.67
CA ILE B 71 -16.00 29.55 36.49
C ILE B 71 -15.58 29.35 35.05
N TRP B 72 -14.28 29.09 34.85
CA TRP B 72 -13.72 28.92 33.52
C TRP B 72 -13.31 27.49 33.28
N ASP B 73 -13.87 26.92 32.23
CA ASP B 73 -13.64 25.54 31.84
C ASP B 73 -12.52 25.58 30.81
N THR B 74 -11.66 24.57 30.79
CA THR B 74 -10.53 24.54 29.88
C THR B 74 -10.45 23.24 29.07
N ALA B 75 -9.80 23.31 27.92
CA ALA B 75 -9.53 22.13 27.11
C ALA B 75 -8.38 21.33 27.70
N GLY B 76 -8.55 20.04 27.82
CA GLY B 76 -7.48 19.18 28.31
C GLY B 76 -6.30 19.00 27.36
N GLN B 77 -6.54 19.02 26.06
CA GLN B 77 -5.53 18.59 25.11
C GLN B 77 -4.30 19.43 25.14
N GLU B 78 -3.19 18.83 24.73
CA GLU B 78 -1.89 19.48 24.84
C GLU B 78 -1.83 20.67 23.92
N ARG B 79 -2.48 20.53 22.77
CA ARG B 79 -2.43 21.55 21.74
C ARG B 79 -3.21 22.78 22.08
N PHE B 80 -4.00 22.74 23.16
CA PHE B 80 -4.69 23.96 23.53
C PHE B 80 -3.94 24.78 24.56
N ARG B 81 -2.78 24.27 24.99
CA ARG B 81 -2.15 24.78 26.21
C ARG B 81 -1.84 26.26 26.16
N THR B 82 -1.31 26.71 25.03
CA THR B 82 -1.12 28.11 24.78
C THR B 82 -2.30 28.87 25.34
N ILE B 83 -3.51 28.49 24.92
CA ILE B 83 -4.71 29.22 25.30
C ILE B 83 -5.05 29.02 26.76
N THR B 84 -5.32 27.78 27.14
CA THR B 84 -5.75 27.51 28.49
C THR B 84 -4.86 28.26 29.48
N SER B 85 -3.54 28.18 29.27
CA SER B 85 -2.55 28.73 30.20
C SER B 85 -2.70 30.23 30.49
N SER B 86 -3.25 30.98 29.51
CA SER B 86 -3.64 32.37 29.70
C SER B 86 -4.49 32.63 30.94
N TYR B 87 -5.45 31.76 31.19
CA TYR B 87 -6.47 32.04 32.19
C TYR B 87 -6.09 31.57 33.57
N TYR B 88 -4.83 31.19 33.74
CA TYR B 88 -4.34 30.69 35.02
C TYR B 88 -4.10 31.78 36.06
N ARG B 89 -3.31 32.80 35.69
CA ARG B 89 -2.96 33.87 36.62
C ARG B 89 -4.21 34.50 37.26
N GLY B 90 -5.25 34.69 36.48
CA GLY B 90 -6.45 35.37 36.98
C GLY B 90 -7.29 34.60 37.99
N ALA B 91 -7.00 33.33 38.15
CA ALA B 91 -7.87 32.49 38.96
C ALA B 91 -7.56 32.58 40.43
N HIS B 92 -8.63 32.75 41.21
CA HIS B 92 -8.56 32.68 42.65
C HIS B 92 -8.31 31.24 43.07
N GLY B 93 -9.03 30.33 42.41
CA GLY B 93 -8.85 28.91 42.67
C GLY B 93 -8.96 28.01 41.44
N ILE B 94 -8.05 27.06 41.35
CA ILE B 94 -8.08 26.04 40.32
C ILE B 94 -8.51 24.66 40.88
N ILE B 95 -9.48 24.03 40.22
CA ILE B 95 -9.78 22.62 40.43
C ILE B 95 -9.09 21.78 39.35
N VAL B 96 -8.23 20.87 39.80
CA VAL B 96 -7.63 19.88 38.92
C VAL B 96 -8.48 18.63 39.02
N VAL B 97 -8.87 18.08 37.86
CA VAL B 97 -9.79 16.94 37.83
C VAL B 97 -9.17 15.73 37.15
N TYR B 98 -9.35 14.56 37.74
CA TYR B 98 -8.90 13.33 37.13
C TYR B 98 -10.09 12.42 37.15
N ASP B 99 -10.02 11.34 36.39
CA ASP B 99 -11.16 10.48 36.19
C ASP B 99 -10.76 9.22 36.88
N VAL B 100 -11.57 8.77 37.84
CA VAL B 100 -11.18 7.67 38.74
C VAL B 100 -11.01 6.33 38.04
N THR B 101 -11.62 6.19 36.87
CA THR B 101 -11.52 4.96 36.11
C THR B 101 -10.32 5.07 35.18
N ASP B 102 -9.75 6.25 35.09
CA ASP B 102 -8.61 6.48 34.18
C ASP B 102 -7.31 6.57 34.93
N GLN B 103 -6.48 5.54 34.83
CA GLN B 103 -5.22 5.56 35.56
C GLN B 103 -4.38 6.77 35.22
N GLU B 104 -3.99 6.89 33.95
CA GLU B 104 -3.10 7.95 33.56
C GLU B 104 -3.59 9.32 33.97
N SER B 105 -4.90 9.55 33.95
CA SER B 105 -5.42 10.85 34.32
C SER B 105 -4.95 11.23 35.72
N PHE B 106 -4.86 10.24 36.61
CA PHE B 106 -4.38 10.47 37.95
C PHE B 106 -2.87 10.72 37.97
N ASN B 107 -2.14 9.85 37.28
CA ASN B 107 -0.71 10.01 37.13
C ASN B 107 -0.35 11.40 36.61
N ASN B 108 -1.31 12.02 35.95
CA ASN B 108 -1.09 13.28 35.29
C ASN B 108 -1.29 14.47 36.19
N VAL B 109 -2.05 14.28 37.26
CA VAL B 109 -2.21 15.35 38.24
C VAL B 109 -0.87 16.04 38.54
N LYS B 110 0.19 15.24 38.70
CA LYS B 110 1.56 15.74 38.79
C LYS B 110 1.78 16.92 37.84
N GLN B 111 1.74 16.70 36.52
CA GLN B 111 1.96 17.80 35.57
C GLN B 111 0.96 18.91 35.74
N TRP B 112 -0.27 18.56 36.05
CA TRP B 112 -1.29 19.57 36.13
C TRP B 112 -0.96 20.54 37.24
N LEU B 113 -0.37 20.00 38.32
CA LEU B 113 0.02 20.80 39.45
C LEU B 113 1.22 21.63 39.06
N GLN B 114 2.11 21.06 38.24
CA GLN B 114 3.25 21.79 37.71
C GLN B 114 2.80 22.96 36.86
N GLU B 115 1.82 22.72 35.99
CA GLU B 115 1.29 23.76 35.12
C GLU B 115 0.70 24.87 35.97
N ILE B 116 0.19 24.53 37.14
CA ILE B 116 -0.34 25.55 38.02
C ILE B 116 0.81 26.40 38.54
N ASP B 117 1.89 25.73 38.95
CA ASP B 117 3.07 26.45 39.39
C ASP B 117 3.56 27.33 38.27
N ARG B 118 3.78 26.76 37.09
CA ARG B 118 4.24 27.55 35.96
C ARG B 118 3.40 28.80 35.67
N TYR B 119 2.08 28.73 35.82
CA TYR B 119 1.25 29.79 35.23
C TYR B 119 0.38 30.63 36.14
N ALA B 120 -0.16 30.04 37.19
CA ALA B 120 -1.19 30.72 37.98
C ALA B 120 -0.53 31.55 39.04
N SER B 121 -1.35 32.19 39.87
CA SER B 121 -0.82 33.04 40.93
C SER B 121 0.02 32.33 41.98
N GLU B 122 0.67 33.12 42.81
CA GLU B 122 1.55 32.63 43.85
C GLU B 122 0.80 31.80 44.91
N ASN B 123 -0.46 32.13 45.11
CA ASN B 123 -1.22 31.67 46.27
C ASN B 123 -2.58 31.10 45.89
N VAL B 124 -2.67 30.59 44.67
CA VAL B 124 -3.92 30.08 44.11
C VAL B 124 -4.46 28.92 44.94
N ASN B 125 -5.78 28.88 45.10
CA ASN B 125 -6.41 27.82 45.87
C ASN B 125 -6.71 26.56 45.07
N LYS B 126 -5.97 25.51 45.35
CA LYS B 126 -6.13 24.28 44.62
C LYS B 126 -7.25 23.39 45.21
N LEU B 127 -7.61 22.34 44.45
CA LEU B 127 -8.62 21.34 44.83
C LEU B 127 -8.54 20.17 43.86
N LEU B 128 -8.33 18.97 44.40
CA LEU B 128 -8.26 17.76 43.62
C LEU B 128 -9.63 17.13 43.59
N VAL B 129 -10.10 16.77 42.39
CA VAL B 129 -11.41 16.13 42.21
C VAL B 129 -11.27 14.86 41.36
N GLY B 130 -11.78 13.75 41.88
CA GLY B 130 -11.80 12.47 41.18
C GLY B 130 -13.23 12.26 40.71
N ASN B 131 -13.45 12.47 39.43
CA ASN B 131 -14.78 12.44 38.91
C ASN B 131 -15.10 11.08 38.34
N LYS B 132 -16.36 10.91 37.93
CA LYS B 132 -16.89 9.61 37.47
C LYS B 132 -16.74 8.59 38.60
N CYS B 133 -17.15 8.96 39.80
CA CYS B 133 -16.92 8.09 40.95
C CYS B 133 -18.00 7.02 41.02
N ASP B 134 -19.14 7.31 40.40
CA ASP B 134 -20.21 6.35 40.30
C ASP B 134 -19.85 5.06 39.55
N LEU B 135 -18.82 5.10 38.70
CA LEU B 135 -18.43 3.89 37.98
C LEU B 135 -17.61 2.94 38.86
N THR B 136 -18.30 2.26 39.77
CA THR B 136 -17.64 1.49 40.84
C THR B 136 -16.76 0.37 40.31
N THR B 137 -17.30 -0.44 39.40
CA THR B 137 -16.58 -1.60 38.85
C THR B 137 -15.42 -1.22 37.94
N LYS B 138 -15.54 -0.09 37.27
CA LYS B 138 -14.53 0.33 36.32
C LYS B 138 -13.48 1.22 36.98
N LYS B 139 -13.62 1.49 38.28
CA LYS B 139 -12.71 2.36 39.02
C LYS B 139 -11.33 1.75 39.11
N VAL B 140 -10.31 2.58 39.28
CA VAL B 140 -8.94 2.07 39.40
C VAL B 140 -8.05 2.89 40.33
N VAL B 141 -8.56 4.00 40.86
CA VAL B 141 -7.77 4.87 41.74
C VAL B 141 -8.48 4.95 43.08
N ASP B 142 -7.94 4.20 44.05
CA ASP B 142 -8.51 4.06 45.39
C ASP B 142 -8.59 5.36 46.14
N TYR B 143 -9.80 5.70 46.60
CA TYR B 143 -10.00 6.93 47.37
C TYR B 143 -8.80 7.17 48.28
N THR B 144 -8.46 6.15 49.04
CA THR B 144 -7.26 6.17 49.85
C THR B 144 -6.07 6.70 49.03
N THR B 145 -5.47 5.89 48.16
CA THR B 145 -4.28 6.32 47.39
C THR B 145 -4.33 7.77 46.90
N ALA B 146 -5.47 8.19 46.36
CA ALA B 146 -5.67 9.58 45.94
C ALA B 146 -5.58 10.54 47.10
N LYS B 147 -6.43 10.31 48.10
CA LYS B 147 -6.49 11.09 49.37
C LYS B 147 -5.15 11.23 50.08
N GLU B 148 -4.33 10.19 50.03
CA GLU B 148 -3.00 10.25 50.61
C GLU B 148 -2.15 11.22 49.83
N PHE B 149 -2.04 10.99 48.52
CA PHE B 149 -1.33 11.92 47.64
C PHE B 149 -1.80 13.35 47.91
N ALA B 150 -3.11 13.50 47.96
CA ALA B 150 -3.74 14.80 48.16
C ALA B 150 -3.17 15.45 49.42
N ASP B 151 -3.25 14.72 50.53
CA ASP B 151 -2.80 15.15 51.84
C ASP B 151 -1.30 15.38 51.87
N SER B 152 -0.57 14.59 51.09
CA SER B 152 0.85 14.80 50.92
C SER B 152 1.15 16.27 50.65
N LEU B 153 0.20 16.96 49.99
CA LEU B 153 0.38 18.35 49.55
C LEU B 153 -0.64 19.34 50.16
N GLY B 154 -1.40 18.87 51.13
CA GLY B 154 -2.36 19.73 51.85
C GLY B 154 -3.41 20.36 50.97
N ILE B 155 -3.70 19.70 49.86
CA ILE B 155 -4.74 20.12 48.93
C ILE B 155 -5.96 19.28 49.25
N PRO B 156 -7.10 19.94 49.50
CA PRO B 156 -8.34 19.23 49.77
C PRO B 156 -8.66 18.27 48.63
N PHE B 157 -9.40 17.21 48.90
CA PHE B 157 -9.75 16.23 47.86
C PHE B 157 -11.15 15.66 47.99
N LEU B 158 -11.85 15.57 46.86
CA LEU B 158 -13.19 14.97 46.78
C LEU B 158 -13.34 14.08 45.57
N GLU B 159 -13.93 12.90 45.78
CA GLU B 159 -14.47 12.10 44.69
C GLU B 159 -15.86 12.63 44.37
N THR B 160 -16.27 12.48 43.12
CA THR B 160 -17.50 13.10 42.65
C THR B 160 -18.03 12.42 41.41
N SER B 161 -19.34 12.42 41.26
CA SER B 161 -19.92 12.03 39.99
C SER B 161 -20.81 13.14 39.43
N ALA B 162 -20.36 13.74 38.34
CA ALA B 162 -21.14 14.78 37.68
C ALA B 162 -22.43 14.19 37.16
N LYS B 163 -22.37 12.96 36.67
CA LYS B 163 -23.55 12.25 36.25
C LYS B 163 -24.57 12.25 37.36
N ASN B 164 -24.24 11.54 38.46
CA ASN B 164 -25.11 11.34 39.63
C ASN B 164 -25.38 12.53 40.56
N ALA B 165 -24.68 13.65 40.37
CA ALA B 165 -24.69 14.80 41.30
C ALA B 165 -23.81 14.62 42.53
N THR B 166 -23.58 13.37 42.94
CA THR B 166 -22.68 13.05 44.05
C THR B 166 -21.54 14.07 44.21
N ASN B 167 -21.63 14.93 45.22
CA ASN B 167 -20.54 15.83 45.66
C ASN B 167 -20.18 17.02 44.76
N VAL B 168 -20.85 17.19 43.63
CA VAL B 168 -20.50 18.27 42.72
C VAL B 168 -20.76 19.61 43.41
N GLU B 169 -21.96 19.75 43.98
CA GLU B 169 -22.30 20.90 44.80
C GLU B 169 -21.24 21.16 45.86
N GLN B 170 -21.02 20.18 46.72
CA GLN B 170 -20.06 20.31 47.82
C GLN B 170 -18.69 20.77 47.34
N SER B 171 -18.26 20.36 46.15
CA SER B 171 -16.90 20.63 45.70
C SER B 171 -16.67 22.11 45.51
N PHE B 172 -17.55 22.78 44.79
CA PHE B 172 -17.40 24.21 44.53
C PHE B 172 -17.59 25.02 45.80
N THR B 174 -16.83 24.03 48.85
CA THR B 174 -15.55 23.87 49.54
C THR B 174 -14.47 24.78 48.97
N ALA B 176 -14.91 27.49 47.34
CA ALA B 176 -15.29 28.88 47.58
C ALA B 176 -14.97 29.29 49.01
N ALA B 177 -15.36 28.44 49.95
CA ALA B 177 -15.12 28.67 51.36
C ALA B 177 -13.63 28.83 51.58
N GLU B 178 -12.88 27.85 51.09
CA GLU B 178 -11.42 27.87 51.15
C GLU B 178 -10.84 29.18 50.65
N ILE B 179 -11.52 29.83 49.69
CA ILE B 179 -11.04 31.12 49.16
C ILE B 179 -11.35 32.27 50.13
N LYS B 180 -12.60 32.36 50.58
CA LYS B 180 -13.04 33.41 51.51
C LYS B 180 -12.13 33.49 52.75
N LYS B 181 -11.86 32.33 53.35
CA LYS B 181 -10.88 32.15 54.42
C LYS B 181 -9.55 32.86 54.14
N ARG B 182 -9.09 32.82 52.90
CA ARG B 182 -7.83 33.46 52.51
C ARG B 182 -8.01 34.94 52.11
N SER C 1 35.66 -45.52 -21.25
CA SER C 1 34.44 -45.47 -22.13
C SER C 1 33.62 -44.19 -21.91
N LEU C 2 33.25 -43.91 -20.65
CA LEU C 2 32.52 -42.67 -20.29
C LEU C 2 33.41 -41.65 -19.56
N LYS C 3 33.14 -40.36 -19.78
CA LYS C 3 33.96 -39.27 -19.25
C LYS C 3 33.79 -38.96 -17.75
N PRO C 4 34.89 -38.65 -17.06
CA PRO C 4 34.75 -38.27 -15.68
C PRO C 4 34.27 -36.82 -15.56
N LEU C 5 33.34 -36.59 -14.62
CA LEU C 5 32.77 -35.27 -14.40
C LEU C 5 32.87 -34.83 -12.96
N THR C 6 33.11 -33.55 -12.78
CA THR C 6 33.09 -32.97 -11.45
C THR C 6 32.71 -31.49 -11.43
N LEU C 7 32.31 -31.00 -10.26
CA LEU C 7 32.00 -29.60 -10.10
C LEU C 7 33.13 -28.92 -9.37
N LEU C 8 34.03 -28.34 -10.15
CA LEU C 8 35.17 -27.62 -9.64
C LEU C 8 34.77 -26.20 -9.22
N THR C 10 36.31 -22.03 -8.69
CA THR C 10 37.44 -21.15 -8.93
C THR C 10 37.82 -20.41 -7.68
N SER C 11 39.11 -20.12 -7.54
CA SER C 11 39.66 -19.44 -6.37
C SER C 11 38.71 -18.47 -5.66
N SER C 12 38.33 -17.40 -6.35
CA SER C 12 37.68 -16.24 -5.73
C SER C 12 36.17 -16.09 -5.98
N THR C 13 35.66 -16.75 -7.03
CA THR C 13 34.23 -16.69 -7.42
C THR C 13 33.25 -16.73 -6.26
N SER C 14 32.23 -15.87 -6.33
CA SER C 14 31.15 -15.80 -5.34
C SER C 14 30.30 -17.06 -5.37
N PHE C 15 29.55 -17.28 -4.29
CA PHE C 15 28.64 -18.42 -4.23
C PHE C 15 27.69 -18.41 -5.41
N SER C 16 27.16 -17.24 -5.70
CA SER C 16 26.17 -17.07 -6.74
C SER C 16 26.71 -17.50 -8.09
N GLU C 17 27.89 -17.01 -8.42
CA GLU C 17 28.54 -17.27 -9.70
C GLU C 17 28.84 -18.74 -9.79
N THR C 18 29.44 -19.26 -8.74
CA THR C 18 29.78 -20.67 -8.65
C THR C 18 28.57 -21.52 -8.93
N ILE C 19 27.42 -21.12 -8.40
CA ILE C 19 26.25 -21.93 -8.59
C ILE C 19 25.84 -21.84 -10.05
N ASN C 20 25.93 -20.64 -10.61
CA ASN C 20 25.63 -20.46 -12.03
C ASN C 20 26.46 -21.41 -12.87
N GLN C 21 27.78 -21.37 -12.69
CA GLN C 21 28.70 -22.27 -13.36
C GLN C 21 28.31 -23.74 -13.34
N TRP C 22 28.01 -24.24 -12.15
CA TRP C 22 27.65 -25.63 -12.00
C TRP C 22 26.34 -25.90 -12.67
N ALA C 23 25.50 -24.87 -12.73
CA ALA C 23 24.19 -24.99 -13.33
C ALA C 23 24.32 -25.19 -14.85
N ASP C 24 25.15 -24.38 -15.49
CA ASP C 24 25.46 -24.57 -16.92
C ASP C 24 25.90 -26.00 -17.14
N ILE C 25 27.00 -26.39 -16.50
CA ILE C 25 27.52 -27.75 -16.60
C ILE C 25 26.43 -28.80 -16.43
N LEU C 26 25.64 -28.68 -15.37
CA LEU C 26 24.62 -29.70 -15.10
C LEU C 26 23.47 -29.70 -16.10
N LYS C 27 23.05 -28.51 -16.52
CA LYS C 27 21.92 -28.37 -17.44
C LYS C 27 22.31 -28.86 -18.82
N THR C 28 23.60 -28.72 -19.16
CA THR C 28 24.11 -29.02 -20.50
C THR C 28 24.98 -30.28 -20.60
N THR C 29 24.80 -31.23 -19.69
CA THR C 29 25.53 -32.51 -19.78
C THR C 29 24.62 -33.69 -19.47
N ASP C 30 24.52 -34.62 -20.42
CA ASP C 30 23.75 -35.83 -20.21
C ASP C 30 24.43 -36.75 -19.17
N GLU C 32 23.98 -39.34 -18.08
CA GLU C 32 24.01 -40.76 -18.45
C GLU C 32 25.39 -41.13 -19.00
N LYS C 33 26.01 -40.16 -19.66
CA LYS C 33 27.21 -40.39 -20.46
C LYS C 33 28.52 -40.18 -19.67
N PHE C 34 28.41 -39.81 -18.39
CA PHE C 34 29.56 -39.48 -17.54
C PHE C 34 29.53 -40.21 -16.21
N SER C 35 30.69 -40.43 -15.59
CA SER C 35 30.73 -40.95 -14.23
C SER C 35 31.25 -39.86 -13.31
N PHE C 36 30.50 -39.59 -12.25
CA PHE C 36 30.67 -38.35 -11.52
C PHE C 36 31.63 -38.57 -10.37
N ASP C 37 32.64 -37.72 -10.27
CA ASP C 37 33.62 -37.81 -9.19
C ASP C 37 33.42 -36.67 -8.20
N SER C 38 32.92 -37.00 -7.01
CA SER C 38 32.66 -35.98 -5.99
C SER C 38 33.88 -35.62 -5.14
N ASN C 39 34.99 -36.33 -5.35
CA ASN C 39 36.23 -36.08 -4.60
C ASN C 39 36.78 -34.69 -4.82
N PRO C 40 36.98 -34.29 -6.08
CA PRO C 40 37.53 -32.94 -6.22
C PRO C 40 36.68 -31.81 -5.63
N ILE C 41 35.37 -32.04 -5.42
CA ILE C 41 34.43 -30.98 -5.05
C ILE C 41 34.70 -30.53 -3.63
N ASN C 42 35.02 -29.25 -3.50
CA ASN C 42 35.53 -28.72 -2.25
C ASN C 42 34.44 -28.13 -1.36
N LEU C 43 33.82 -28.94 -0.48
CA LEU C 43 32.72 -28.42 0.35
C LEU C 43 33.11 -27.24 1.17
N LEU C 44 34.12 -27.42 2.01
CA LEU C 44 34.54 -26.35 2.91
C LEU C 44 34.64 -25.02 2.20
N GLU C 45 35.24 -25.00 1.01
CA GLU C 45 35.38 -23.74 0.31
C GLU C 45 34.02 -23.16 -0.04
N LEU C 46 33.10 -24.03 -0.51
CA LEU C 46 31.73 -23.64 -0.90
C LEU C 46 31.01 -23.08 0.29
N VAL C 47 31.02 -23.82 1.40
CA VAL C 47 30.49 -23.34 2.66
C VAL C 47 31.01 -21.95 2.98
N LYS C 48 32.32 -21.73 2.95
CA LYS C 48 32.86 -20.41 3.30
C LYS C 48 32.28 -19.33 2.37
N GLN C 49 32.06 -19.68 1.12
CA GLN C 49 31.58 -18.71 0.13
C GLN C 49 30.09 -18.43 0.27
N PHE C 50 29.37 -19.42 0.77
CA PHE C 50 27.95 -19.26 1.00
C PHE C 50 27.77 -18.37 2.18
N ASN C 51 28.43 -18.71 3.29
CA ASN C 51 28.35 -17.92 4.51
C ASN C 51 28.61 -16.49 4.22
N LEU C 52 29.42 -16.24 3.20
CA LEU C 52 29.76 -14.90 2.84
C LEU C 52 28.57 -14.23 2.22
N TYR C 53 27.82 -15.00 1.42
CA TYR C 53 26.67 -14.49 0.70
C TYR C 53 25.62 -14.15 1.72
N VAL C 54 25.27 -15.13 2.55
CA VAL C 54 24.39 -14.91 3.67
C VAL C 54 24.74 -13.60 4.34
N ASP C 55 26.01 -13.35 4.56
CA ASP C 55 26.37 -12.17 5.31
C ASP C 55 26.03 -10.91 4.54
N GLU C 56 26.31 -10.91 3.24
CA GLU C 56 26.06 -9.72 2.44
C GLU C 56 24.58 -9.47 2.33
N LEU C 57 23.82 -10.55 2.13
CA LEU C 57 22.40 -10.42 2.07
C LEU C 57 21.91 -9.70 3.31
N ALA C 58 22.39 -10.15 4.46
CA ALA C 58 21.98 -9.56 5.71
C ALA C 58 22.25 -8.07 5.69
N ILE C 59 23.45 -7.71 5.25
CA ILE C 59 23.87 -6.30 5.20
C ILE C 59 22.99 -5.47 4.28
N THR C 60 22.72 -5.96 3.09
CA THR C 60 21.87 -5.20 2.18
C THR C 60 20.47 -5.01 2.78
N CYS C 61 19.82 -6.08 3.21
CA CYS C 61 18.55 -5.94 3.95
C CYS C 61 18.53 -4.86 5.01
N GLU C 62 19.59 -4.76 5.78
CA GLU C 62 19.56 -3.81 6.85
C GLU C 62 19.77 -2.44 6.28
N ALA C 63 20.56 -2.35 5.20
CA ALA C 63 21.06 -1.05 4.73
C ALA C 63 20.04 -0.44 3.85
N ASN C 64 19.38 -1.29 3.08
CA ASN C 64 18.28 -0.86 2.29
C ASN C 64 17.05 -0.61 3.12
N ASN C 65 17.16 -0.90 4.41
CA ASN C 65 16.07 -0.75 5.36
C ASN C 65 14.87 -1.63 5.07
N VAL C 66 15.13 -2.76 4.43
CA VAL C 66 14.11 -3.68 4.03
C VAL C 66 13.13 -3.97 5.15
N TRP C 67 13.58 -4.12 6.38
CA TRP C 67 12.66 -4.59 7.41
C TRP C 67 11.62 -3.55 7.80
N ALA C 68 11.99 -2.28 7.67
CA ALA C 68 11.03 -1.21 7.90
C ALA C 68 9.89 -1.36 6.90
N LYS C 69 10.24 -1.59 5.64
CA LYS C 69 9.28 -1.91 4.59
C LYS C 69 8.33 -3.00 5.05
N GLU C 70 8.86 -3.98 5.77
CA GLU C 70 8.09 -5.16 6.11
C GLU C 70 7.32 -5.01 7.43
N ARG C 71 7.59 -3.96 8.20
CA ARG C 71 6.96 -3.77 9.51
C ARG C 71 5.49 -3.32 9.38
N ILE C 72 4.58 -3.97 10.09
CA ILE C 72 3.17 -3.58 10.07
C ILE C 72 2.51 -3.30 11.42
N ASP C 73 3.15 -3.64 12.53
CA ASP C 73 2.62 -3.34 13.88
C ASP C 73 3.74 -3.10 14.90
N SER C 74 3.42 -2.45 16.01
CA SER C 74 4.44 -1.97 16.97
C SER C 74 5.55 -2.96 17.41
N THR C 75 5.15 -4.20 17.73
CA THR C 75 6.08 -5.27 18.08
C THR C 75 7.46 -4.93 17.52
N PRO C 76 8.53 -5.03 18.37
CA PRO C 76 9.90 -4.52 18.08
C PRO C 76 10.52 -5.08 16.80
N ASN C 77 10.47 -6.41 16.62
CA ASN C 77 10.86 -7.00 15.33
C ASN C 77 9.77 -7.83 14.69
N LEU C 78 9.93 -8.14 13.40
CA LEU C 78 8.88 -8.81 12.65
C LEU C 78 8.28 -10.05 13.29
N PHE C 79 8.94 -10.61 14.29
CA PHE C 79 8.60 -11.95 14.75
C PHE C 79 8.03 -11.95 16.12
N ALA C 80 8.13 -10.80 16.78
CA ALA C 80 7.84 -10.71 18.21
C ALA C 80 6.45 -11.25 18.45
N LEU C 81 5.52 -10.75 17.66
CA LEU C 81 4.14 -11.16 17.76
C LEU C 81 3.99 -12.68 17.88
N TYR C 82 4.93 -13.45 17.36
CA TYR C 82 4.72 -14.90 17.26
C TYR C 82 5.46 -15.73 18.31
N ASP C 83 5.98 -15.08 19.33
CA ASP C 83 6.70 -15.77 20.37
C ASP C 83 5.72 -16.33 21.36
N ASN C 84 5.82 -17.62 21.64
CA ASN C 84 5.04 -18.20 22.73
C ASN C 84 5.97 -18.83 23.75
N SER C 85 7.24 -18.41 23.74
CA SER C 85 8.31 -19.08 24.50
C SER C 85 8.16 -18.88 26.00
N GLY C 86 7.60 -17.74 26.37
CA GLY C 86 7.52 -17.33 27.77
C GLY C 86 8.91 -17.24 28.35
N GLY C 87 9.77 -16.49 27.68
CA GLY C 87 11.11 -16.23 28.20
C GLY C 87 11.99 -17.43 28.51
N GLU C 88 11.52 -18.62 28.15
CA GLU C 88 12.31 -19.82 28.34
C GLU C 88 13.54 -19.72 27.47
N ALA C 89 14.60 -20.35 27.94
CA ALA C 89 15.73 -20.68 27.08
C ALA C 89 15.35 -21.88 26.24
N ILE C 90 15.63 -21.80 24.95
CA ILE C 90 15.40 -22.92 24.05
C ILE C 90 16.70 -23.29 23.36
N HIS C 91 17.24 -24.47 23.71
CA HIS C 91 18.55 -24.86 23.24
C HIS C 91 19.53 -23.69 23.27
N GLY C 92 19.73 -23.18 24.48
CA GLY C 92 20.72 -22.15 24.75
C GLY C 92 20.41 -20.75 24.28
N HIS C 93 19.17 -20.47 23.88
CA HIS C 93 18.76 -19.14 23.43
C HIS C 93 17.37 -18.84 23.90
N ALA C 94 17.19 -17.74 24.61
CA ALA C 94 15.86 -17.31 24.98
C ALA C 94 15.40 -16.39 23.88
N PHE C 95 14.10 -16.24 23.71
CA PHE C 95 13.59 -15.30 22.71
C PHE C 95 13.73 -13.87 23.20
N VAL C 96 14.22 -12.98 22.36
CA VAL C 96 14.31 -11.57 22.73
C VAL C 96 13.79 -10.82 21.54
N PRO C 97 12.70 -10.06 21.72
CA PRO C 97 12.02 -9.52 20.58
C PRO C 97 12.69 -8.27 20.03
N TYR C 98 13.83 -7.88 20.58
CA TYR C 98 14.56 -6.72 20.07
C TYR C 98 15.65 -7.06 19.10
N TYR C 99 15.77 -8.33 18.75
CA TYR C 99 16.77 -8.77 17.79
C TYR C 99 16.53 -8.11 16.44
N LYS C 100 17.55 -7.48 15.86
CA LYS C 100 17.44 -7.09 14.45
C LYS C 100 17.24 -8.31 13.53
N GLU C 101 16.43 -8.13 12.50
CA GLU C 101 16.07 -9.23 11.61
C GLU C 101 17.29 -9.76 10.88
N SER C 102 18.19 -8.85 10.47
CA SER C 102 19.42 -9.27 9.78
C SER C 102 20.31 -10.17 10.63
N ILE C 103 20.38 -9.92 11.95
CA ILE C 103 20.94 -10.92 12.86
C ILE C 103 20.13 -12.22 12.85
N VAL C 104 18.84 -12.14 13.04
CA VAL C 104 18.02 -13.34 12.98
C VAL C 104 18.31 -14.08 11.69
N LEU C 105 18.50 -13.32 10.62
CA LEU C 105 18.75 -13.93 9.32
C LEU C 105 20.03 -14.75 9.34
N ARG C 106 21.12 -14.08 9.69
CA ARG C 106 22.43 -14.69 9.70
C ARG C 106 22.45 -15.93 10.59
N ARG C 107 21.79 -15.83 11.75
CA ARG C 107 21.82 -16.90 12.73
C ARG C 107 21.08 -18.12 12.28
N LEU C 108 20.03 -17.94 11.48
CA LEU C 108 19.28 -19.09 11.04
C LEU C 108 19.85 -19.70 9.77
N PHE C 109 20.77 -19.01 9.12
CA PHE C 109 21.24 -19.58 7.85
C PHE C 109 22.74 -19.85 7.67
N THR C 110 23.59 -19.15 8.41
CA THR C 110 25.01 -19.39 8.32
C THR C 110 25.31 -20.86 8.60
N VAL C 111 26.24 -21.46 7.88
CA VAL C 111 26.55 -22.86 8.07
C VAL C 111 27.81 -23.02 8.90
N ASP C 112 27.75 -23.92 9.87
CA ASP C 112 28.86 -24.16 10.77
C ASP C 112 29.84 -24.96 9.98
N PRO C 113 31.00 -24.38 9.68
CA PRO C 113 31.93 -25.02 8.76
C PRO C 113 32.48 -26.33 9.31
N ASN C 114 32.48 -26.49 10.63
CA ASN C 114 32.90 -27.77 11.25
C ASN C 114 31.98 -28.94 10.98
N THR C 115 30.67 -28.70 11.03
CA THR C 115 29.63 -29.72 10.86
C THR C 115 28.97 -29.71 9.50
N PHE C 116 28.97 -28.58 8.84
CA PHE C 116 28.07 -28.34 7.69
C PHE C 116 26.59 -28.42 8.11
N ASN C 117 26.34 -28.10 9.37
CA ASN C 117 25.00 -27.98 9.86
C ASN C 117 24.81 -26.57 10.39
N LEU C 118 23.68 -26.31 11.04
CA LEU C 118 23.38 -25.02 11.65
C LEU C 118 23.70 -25.06 13.12
N SER C 119 24.15 -23.95 13.68
CA SER C 119 24.26 -23.86 15.12
C SER C 119 22.96 -23.26 15.66
N ARG C 120 22.29 -23.97 16.55
CA ARG C 120 20.91 -23.66 16.90
C ARG C 120 20.64 -22.20 17.24
N PHE C 121 19.67 -21.61 16.54
CA PHE C 121 19.06 -20.34 17.00
C PHE C 121 17.58 -20.61 17.29
N ALA C 122 17.36 -21.47 18.27
CA ALA C 122 16.10 -22.18 18.42
C ALA C 122 14.93 -21.32 18.84
N ALA C 123 15.23 -20.23 19.52
CA ALA C 123 14.20 -19.46 20.15
C ALA C 123 13.32 -18.82 19.08
N PHE C 124 13.93 -18.51 17.94
CA PHE C 124 13.24 -17.87 16.84
C PHE C 124 12.75 -18.82 15.77
N GLU C 125 13.02 -20.12 15.93
CA GLU C 125 12.69 -21.04 14.87
C GLU C 125 11.17 -21.17 14.76
N GLY C 126 10.48 -21.24 15.89
CA GLY C 126 9.00 -21.25 15.95
C GLY C 126 8.35 -20.00 15.38
N PRO C 127 8.57 -18.83 16.04
CA PRO C 127 8.06 -17.55 15.56
C PRO C 127 8.32 -17.32 14.08
N CYS C 128 9.40 -17.84 13.55
CA CYS C 128 9.73 -17.55 12.19
C CYS C 128 8.91 -18.33 11.19
N GLN C 129 8.74 -19.62 11.46
CA GLN C 129 7.94 -20.46 10.58
C GLN C 129 6.54 -19.91 10.60
N LEU C 130 6.13 -19.47 11.79
CA LEU C 130 4.78 -18.96 12.02
C LEU C 130 4.49 -17.69 11.25
N TYR C 131 5.48 -16.84 11.13
CA TYR C 131 5.31 -15.63 10.39
C TYR C 131 5.26 -15.99 8.92
N CYS C 132 6.02 -17.00 8.51
CA CYS C 132 6.04 -17.36 7.10
C CYS C 132 4.66 -17.79 6.72
N LYS C 133 4.02 -18.59 7.57
CA LYS C 133 2.68 -19.06 7.27
C LYS C 133 1.76 -17.88 7.02
N GLU C 134 1.88 -16.82 7.81
CA GLU C 134 0.92 -15.76 7.71
C GLU C 134 1.37 -14.59 6.86
N HIS C 135 2.41 -14.79 6.06
CA HIS C 135 2.83 -13.80 5.08
C HIS C 135 3.66 -14.49 4.03
N LYS C 136 3.06 -15.08 2.99
CA LYS C 136 3.87 -15.42 1.83
C LYS C 136 4.20 -14.11 1.16
N ASP C 137 4.90 -14.17 0.04
CA ASP C 137 5.25 -12.96 -0.69
C ASP C 137 5.82 -11.84 0.18
N SER C 138 6.24 -12.16 1.40
CA SER C 138 7.00 -11.22 2.21
C SER C 138 8.46 -11.37 1.81
N ALA C 139 9.30 -10.39 2.15
CA ALA C 139 10.73 -10.51 1.86
C ALA C 139 11.29 -11.74 2.58
N TRP C 140 11.04 -11.83 3.88
CA TRP C 140 11.51 -12.96 4.66
C TRP C 140 11.19 -14.27 3.99
N VAL C 141 9.99 -14.46 3.48
CA VAL C 141 9.72 -15.77 2.90
C VAL C 141 10.60 -15.99 1.68
N LYS C 142 10.62 -14.99 0.82
CA LYS C 142 11.44 -15.01 -0.38
C LYS C 142 12.91 -15.24 -0.04
N ILE C 143 13.49 -14.40 0.82
CA ILE C 143 14.84 -14.63 1.33
C ILE C 143 15.08 -16.04 1.83
N GLN C 144 14.27 -16.52 2.77
CA GLN C 144 14.54 -17.82 3.33
C GLN C 144 14.46 -18.90 2.26
N THR C 145 13.63 -18.72 1.24
CA THR C 145 13.57 -19.67 0.12
C THR C 145 14.94 -19.80 -0.52
N LEU C 146 15.44 -18.65 -0.93
CA LEU C 146 16.77 -18.49 -1.48
C LEU C 146 17.86 -19.13 -0.59
N LEU C 147 17.98 -18.69 0.65
CA LEU C 147 19.00 -19.22 1.54
C LEU C 147 18.82 -20.71 1.83
N THR C 148 17.58 -21.18 1.88
CA THR C 148 17.37 -22.57 2.22
C THR C 148 17.82 -23.44 1.07
N LEU C 149 17.64 -22.96 -0.16
CA LEU C 149 18.20 -23.64 -1.34
C LEU C 149 19.71 -23.65 -1.19
N GLY C 150 20.30 -22.49 -0.88
CA GLY C 150 21.69 -22.43 -0.48
C GLY C 150 22.04 -23.58 0.43
N ASN C 151 21.46 -23.59 1.62
CA ASN C 151 21.66 -24.67 2.58
C ASN C 151 21.61 -26.05 1.92
N GLY C 152 20.58 -26.29 1.14
CA GLY C 152 20.29 -27.60 0.59
C GLY C 152 21.40 -28.05 -0.32
N ILE C 153 21.78 -27.17 -1.24
CA ILE C 153 22.84 -27.42 -2.21
C ILE C 153 24.06 -28.02 -1.50
N ILE C 154 24.49 -27.36 -0.43
CA ILE C 154 25.57 -27.84 0.39
C ILE C 154 25.28 -29.21 0.98
N ASN C 155 24.09 -29.38 1.54
CA ASN C 155 23.75 -30.67 2.05
C ASN C 155 23.74 -31.74 0.96
N THR C 156 23.10 -31.46 -0.17
CA THR C 156 23.12 -32.43 -1.25
C THR C 156 24.55 -32.90 -1.50
N LEU C 157 25.42 -32.00 -1.92
CA LEU C 157 26.79 -32.36 -2.27
C LEU C 157 27.41 -33.16 -1.16
N LYS C 158 27.34 -32.65 0.07
CA LYS C 158 27.77 -33.43 1.23
C LYS C 158 27.30 -34.89 1.18
N ILE C 159 26.02 -35.11 0.89
CA ILE C 159 25.46 -36.46 0.84
C ILE C 159 26.02 -37.21 -0.36
N ILE C 160 26.18 -36.53 -1.50
CA ILE C 160 26.75 -37.18 -2.67
C ILE C 160 28.13 -37.72 -2.34
N LYS C 161 28.95 -36.88 -1.70
CA LYS C 161 30.29 -37.29 -1.28
C LYS C 161 30.28 -38.53 -0.43
N GLN C 162 29.53 -38.50 0.65
CA GLN C 162 29.48 -39.63 1.55
C GLN C 162 28.94 -40.85 0.86
N ALA C 163 27.83 -40.71 0.15
CA ALA C 163 27.26 -41.86 -0.55
C ALA C 163 28.33 -42.48 -1.44
N GLN C 164 29.12 -41.63 -2.09
CA GLN C 164 30.14 -42.08 -3.02
C GLN C 164 31.19 -42.87 -2.26
N ALA C 165 31.54 -42.38 -1.07
CA ALA C 165 32.52 -43.04 -0.22
C ALA C 165 32.04 -44.41 0.20
N PHE C 166 30.74 -44.57 0.44
CA PHE C 166 30.19 -45.83 0.90
C PHE C 166 29.52 -46.52 -0.27
N GLY C 167 29.82 -46.04 -1.48
CA GLY C 167 29.24 -46.61 -2.70
C GLY C 167 27.78 -46.98 -2.56
N ILE C 168 26.95 -46.06 -2.07
CA ILE C 168 25.51 -46.21 -2.22
C ILE C 168 25.16 -45.51 -3.52
N ASP C 169 24.87 -46.29 -4.56
CA ASP C 169 24.81 -45.73 -5.91
C ASP C 169 23.50 -45.06 -6.22
N GLU C 170 22.41 -45.68 -5.81
CA GLU C 170 21.11 -45.04 -5.87
C GLU C 170 21.24 -43.62 -5.34
N ALA C 171 21.75 -43.49 -4.12
CA ALA C 171 21.87 -42.20 -3.46
C ALA C 171 22.68 -41.20 -4.28
N VAL C 172 23.81 -41.63 -4.83
CA VAL C 172 24.67 -40.74 -5.63
C VAL C 172 23.89 -40.25 -6.85
N THR C 173 23.27 -41.21 -7.52
CA THR C 173 22.67 -40.98 -8.82
C THR C 173 21.36 -40.17 -8.75
N GLU C 174 20.59 -40.38 -7.68
CA GLU C 174 19.34 -39.67 -7.47
C GLU C 174 19.57 -38.25 -7.03
N ASN C 175 20.65 -38.06 -6.27
CA ASN C 175 20.99 -36.77 -5.71
C ASN C 175 21.55 -35.80 -6.72
N LEU C 176 22.09 -36.34 -7.81
CA LEU C 176 22.57 -35.54 -8.93
C LEU C 176 21.40 -34.97 -9.66
N LYS C 177 20.35 -35.77 -9.78
CA LYS C 177 19.08 -35.26 -10.31
C LYS C 177 18.67 -34.06 -9.48
N ALA C 178 18.39 -34.32 -8.21
CA ALA C 178 18.07 -33.28 -7.25
C ALA C 178 18.94 -32.04 -7.40
N LEU C 179 20.24 -32.20 -7.27
CA LEU C 179 21.14 -31.08 -7.27
C LEU C 179 20.90 -30.18 -8.48
N LYS C 180 20.55 -30.79 -9.61
CA LYS C 180 20.36 -30.01 -10.82
C LYS C 180 19.17 -29.12 -10.59
N GLU C 181 18.09 -29.71 -10.09
CA GLU C 181 16.86 -28.98 -9.83
C GLU C 181 17.07 -27.87 -8.79
N GLN C 182 17.79 -28.17 -7.71
CA GLN C 182 18.10 -27.17 -6.69
C GLN C 182 18.83 -26.02 -7.33
N PHE C 183 19.76 -26.33 -8.23
CA PHE C 183 20.46 -25.28 -8.93
C PHE C 183 19.43 -24.41 -9.62
N ILE C 184 18.62 -24.98 -10.49
CA ILE C 184 17.59 -24.24 -11.21
C ILE C 184 16.78 -23.38 -10.22
N ALA C 185 16.14 -24.06 -9.25
CA ALA C 185 15.40 -23.43 -8.17
C ALA C 185 16.16 -22.29 -7.49
N PHE C 186 17.43 -22.49 -7.21
CA PHE C 186 18.21 -21.41 -6.61
C PHE C 186 18.23 -20.18 -7.51
N GLN C 187 18.50 -20.42 -8.79
CA GLN C 187 18.68 -19.38 -9.79
C GLN C 187 17.42 -18.56 -9.84
N LEU C 188 16.29 -19.29 -9.84
CA LEU C 188 14.95 -18.71 -9.90
C LEU C 188 14.74 -17.81 -8.72
N ALA C 189 15.00 -18.35 -7.55
CA ALA C 189 14.76 -17.64 -6.31
C ALA C 189 15.67 -16.44 -6.19
N GLU C 190 16.79 -16.47 -6.90
CA GLU C 190 17.77 -15.42 -6.77
C GLU C 190 17.24 -14.21 -7.52
N ALA C 191 16.49 -14.47 -8.58
CA ALA C 191 15.82 -13.41 -9.32
C ALA C 191 14.68 -12.79 -8.51
N ASP C 192 13.81 -13.64 -7.97
CA ASP C 192 12.62 -13.23 -7.23
C ASP C 192 12.88 -12.21 -6.14
N ILE C 193 13.96 -12.42 -5.41
CA ILE C 193 14.33 -11.61 -4.26
C ILE C 193 14.62 -10.17 -4.63
N LYS C 194 14.89 -9.93 -5.91
CA LYS C 194 15.36 -8.62 -6.33
C LYS C 194 14.45 -7.49 -5.93
N GLU C 195 13.13 -7.69 -6.06
CA GLU C 195 12.23 -6.60 -5.70
C GLU C 195 12.26 -6.31 -4.23
N SER C 196 12.02 -7.36 -3.45
CA SER C 196 11.91 -7.29 -2.01
C SER C 196 13.07 -6.53 -1.38
N LEU C 197 14.24 -6.60 -2.00
CA LEU C 197 15.40 -5.88 -1.49
C LEU C 197 15.42 -4.38 -1.81
N LYS C 198 14.47 -3.89 -2.58
CA LYS C 198 14.52 -2.49 -2.98
C LYS C 198 14.26 -1.56 -1.77
N ALA C 199 15.15 -0.61 -1.54
CA ALA C 199 15.01 0.34 -0.43
C ALA C 199 13.63 1.01 -0.43
N PRO C 200 12.96 1.08 0.74
CA PRO C 200 11.71 1.80 0.80
C PRO C 200 11.98 3.28 0.67
N SER C 201 10.93 4.04 0.47
CA SER C 201 11.05 5.47 0.21
C SER C 201 11.18 6.30 1.46
N PHE C 202 11.16 5.67 2.64
CA PHE C 202 11.26 6.38 3.93
C PHE C 202 12.63 7.01 4.11
N ALA C 203 12.71 7.84 5.16
CA ALA C 203 13.97 8.46 5.57
C ALA C 203 15.04 7.41 5.90
N GLU C 204 16.21 7.90 6.31
CA GLU C 204 17.26 7.04 6.85
C GLU C 204 16.93 6.76 8.32
N PRO C 205 17.23 5.55 8.81
CA PRO C 205 17.06 5.31 10.24
C PRO C 205 18.34 5.69 10.99
N LEU C 206 18.25 6.53 12.02
CA LEU C 206 19.45 6.90 12.79
C LEU C 206 20.15 5.65 13.34
N PRO C 207 21.51 5.60 13.25
CA PRO C 207 22.20 4.39 13.74
C PRO C 207 21.99 4.18 15.23
N ASN C 208 22.15 2.92 15.67
CA ASN C 208 21.97 2.53 17.05
C ASN C 208 23.31 2.40 17.73
N LYS C 209 23.73 3.43 18.42
CA LYS C 209 25.07 3.43 19.01
C LYS C 209 25.29 2.39 20.14
N GLU C 210 24.21 1.78 20.60
CA GLU C 210 24.28 0.97 21.79
C GLU C 210 24.56 -0.52 21.55
N SER C 211 24.18 -1.04 20.38
CA SER C 211 24.37 -2.46 20.08
C SER C 211 24.38 -2.75 18.61
N GLU C 212 25.10 -3.79 18.24
CA GLU C 212 25.21 -4.22 16.85
C GLU C 212 24.15 -5.23 16.47
N PHE C 213 23.35 -5.67 17.43
CA PHE C 213 22.52 -6.84 17.23
C PHE C 213 21.04 -6.62 17.55
N PHE C 214 20.78 -5.68 18.45
CA PHE C 214 19.41 -5.45 18.83
C PHE C 214 18.92 -4.09 18.42
N TYR C 215 17.60 -3.95 18.27
CA TYR C 215 17.00 -2.64 18.08
C TYR C 215 17.16 -1.95 19.41
N PRO C 216 16.83 -0.66 19.51
CA PRO C 216 16.91 -0.01 20.80
C PRO C 216 16.07 -0.68 21.87
N ILE C 217 16.63 -0.85 23.07
CA ILE C 217 15.92 -1.33 24.25
C ILE C 217 16.06 -0.36 25.41
N ASP C 218 14.98 0.31 25.79
CA ASP C 218 15.01 1.28 26.92
C ASP C 218 15.13 0.61 28.29
N GLU C 219 14.99 1.39 29.35
CA GLU C 219 15.20 0.82 30.66
C GLU C 219 13.97 0.01 31.03
N LYS C 220 12.81 0.54 30.64
CA LYS C 220 11.50 -0.09 30.89
C LYS C 220 11.47 -1.49 30.34
N ALA C 221 11.90 -1.65 29.10
CA ALA C 221 11.76 -2.91 28.41
C ALA C 221 12.79 -3.88 28.91
N LEU C 222 14.00 -3.39 29.03
CA LEU C 222 15.09 -4.21 29.49
C LEU C 222 14.72 -4.76 30.85
N ALA C 223 13.96 -4.00 31.63
CA ALA C 223 13.60 -4.41 32.99
C ALA C 223 12.68 -5.60 32.99
N LYS C 224 11.75 -5.62 32.05
CA LYS C 224 10.75 -6.68 31.97
C LYS C 224 11.36 -8.01 31.57
N ASN C 226 13.56 -11.42 31.62
CA ASN C 226 13.98 -12.39 32.64
C ASN C 226 15.49 -12.70 32.57
N GLY C 227 15.91 -13.71 33.30
CA GLY C 227 17.33 -14.02 33.37
C GLY C 227 17.85 -14.63 32.09
N TYR C 228 17.08 -15.53 31.51
CA TYR C 228 17.47 -16.18 30.28
C TYR C 228 17.63 -15.18 29.18
N GLN C 229 16.71 -14.25 29.13
CA GLN C 229 16.75 -13.25 28.09
C GLN C 229 17.91 -12.31 28.23
N LEU C 230 18.07 -11.76 29.41
CA LEU C 230 19.20 -10.87 29.65
C LEU C 230 20.52 -11.58 29.36
N ALA C 231 20.61 -12.83 29.79
CA ALA C 231 21.80 -13.64 29.53
C ALA C 231 21.98 -13.79 28.03
N THR C 232 20.94 -14.30 27.39
CA THR C 232 20.91 -14.45 25.94
C THR C 232 21.48 -13.24 25.23
N ILE C 233 21.14 -12.06 25.75
CA ILE C 233 21.53 -10.79 25.17
C ILE C 233 23.00 -10.55 25.45
N CYS C 234 23.45 -10.83 26.65
CA CYS C 234 24.85 -10.57 26.99
C CYS C 234 25.79 -11.42 26.14
N LEU C 235 25.42 -12.68 25.97
CA LEU C 235 26.14 -13.54 25.11
C LEU C 235 26.13 -12.98 23.69
N GLU C 236 25.00 -12.49 23.18
CA GLU C 236 25.01 -12.02 21.79
C GLU C 236 25.92 -10.86 21.64
N GLU C 237 25.96 -10.02 22.65
CA GLU C 237 26.61 -8.76 22.57
C GLU C 237 28.10 -8.98 22.53
N LEU C 238 28.55 -10.10 23.08
CA LEU C 238 29.97 -10.48 23.07
C LEU C 238 30.46 -10.90 21.69
N ASN C 239 29.60 -10.78 20.69
CA ASN C 239 30.02 -11.04 19.34
C ASN C 239 30.48 -9.76 18.72
N SER C 240 30.30 -8.64 19.40
CA SER C 240 30.94 -7.40 18.96
C SER C 240 32.42 -7.47 19.34
N PRO C 241 33.24 -6.59 18.76
CA PRO C 241 34.64 -6.67 19.13
C PRO C 241 35.03 -5.67 20.21
N LYS C 242 34.14 -4.78 20.61
CA LYS C 242 34.36 -4.00 21.80
C LYS C 242 33.17 -4.20 22.71
N PRO C 243 33.31 -3.89 24.00
CA PRO C 243 32.14 -3.87 24.84
C PRO C 243 31.12 -2.87 24.34
N SER C 244 29.86 -3.26 24.32
CA SER C 244 28.83 -2.38 23.82
C SER C 244 28.24 -1.61 24.97
N PRO C 245 27.73 -0.39 24.70
CA PRO C 245 27.06 0.38 25.71
C PRO C 245 25.93 -0.43 26.29
N LEU C 246 25.17 -1.08 25.42
CA LEU C 246 24.10 -1.92 25.88
C LEU C 246 24.59 -2.87 26.94
N ILE C 247 25.65 -3.61 26.68
CA ILE C 247 26.06 -4.63 27.63
C ILE C 247 26.54 -3.97 28.91
N GLU C 248 27.19 -2.82 28.84
CA GLU C 248 27.55 -2.19 30.09
C GLU C 248 26.28 -1.77 30.83
N ARG C 249 25.29 -1.26 30.10
CA ARG C 249 24.02 -0.90 30.70
C ARG C 249 23.42 -2.05 31.47
N ILE C 250 23.45 -3.23 30.89
CA ILE C 250 22.92 -4.39 31.53
C ILE C 250 23.79 -4.78 32.73
N LEU C 251 25.09 -4.75 32.56
CA LEU C 251 25.94 -5.29 33.62
C LEU C 251 26.20 -4.31 34.72
N SER C 252 25.73 -3.07 34.61
CA SER C 252 25.93 -2.12 35.70
C SER C 252 24.68 -1.97 36.58
N ASN C 253 23.54 -2.40 36.08
CA ASN C 253 22.37 -2.51 36.93
C ASN C 253 22.50 -3.71 37.87
N LYS C 254 22.36 -3.46 39.16
CA LYS C 254 22.51 -4.52 40.17
C LYS C 254 21.33 -5.49 40.24
N LYS C 255 20.12 -4.97 40.09
CA LYS C 255 18.93 -5.82 40.13
C LYS C 255 18.92 -6.93 39.04
N PHE C 256 19.47 -6.60 37.87
CA PHE C 256 19.62 -7.54 36.76
C PHE C 256 20.61 -8.67 37.02
N TRP C 257 21.69 -8.39 37.74
CA TRP C 257 22.77 -9.37 37.79
C TRP C 257 22.37 -10.72 38.33
N LYS C 258 21.81 -10.76 39.53
CA LYS C 258 21.41 -12.03 40.10
C LYS C 258 20.65 -12.93 39.11
N ARG C 259 19.62 -12.36 38.49
CA ARG C 259 18.79 -12.98 37.45
C ARG C 259 19.67 -13.56 36.35
N ILE C 260 20.57 -12.73 35.84
CA ILE C 260 21.46 -13.10 34.74
C ILE C 260 22.32 -14.27 35.16
N ASN C 261 22.88 -14.18 36.36
CA ASN C 261 23.80 -15.20 36.81
C ASN C 261 23.13 -16.53 37.08
N SER C 262 21.96 -16.53 37.71
CA SER C 262 21.31 -17.81 37.91
C SER C 262 20.98 -18.41 36.57
N ALA C 263 20.73 -17.58 35.56
CA ALA C 263 20.54 -18.09 34.19
C ALA C 263 21.79 -18.83 33.81
N PHE C 264 22.95 -18.14 33.86
CA PHE C 264 24.25 -18.75 33.54
C PHE C 264 24.40 -20.07 34.24
N GLU C 265 24.29 -20.03 35.56
CA GLU C 265 24.52 -21.17 36.41
C GLU C 265 23.54 -22.35 36.21
N SER C 266 22.37 -22.09 35.63
CA SER C 266 21.42 -23.14 35.33
C SER C 266 21.93 -24.14 34.31
N GLY C 267 22.89 -23.73 33.49
CA GLY C 267 23.58 -24.62 32.57
C GLY C 267 22.98 -24.75 31.19
N VAL C 268 21.88 -24.03 30.94
CA VAL C 268 21.18 -24.10 29.67
C VAL C 268 22.05 -23.63 28.53
N PHE C 269 23.19 -23.00 28.83
CA PHE C 269 24.00 -22.43 27.78
C PHE C 269 25.18 -23.30 27.38
N LYS C 270 25.28 -24.47 28.00
CA LYS C 270 26.50 -25.23 27.90
C LYS C 270 26.81 -25.56 26.44
N GLY C 271 25.84 -26.11 25.72
CA GLY C 271 26.08 -26.66 24.40
C GLY C 271 26.22 -25.66 23.27
N ARG C 272 26.28 -24.38 23.61
CA ARG C 272 26.48 -23.37 22.59
C ARG C 272 27.85 -23.55 21.95
N THR C 273 27.90 -23.37 20.64
CA THR C 273 29.14 -23.47 19.91
C THR C 273 29.80 -22.12 19.80
N ASP C 274 29.39 -21.18 20.62
CA ASP C 274 30.02 -19.87 20.55
C ASP C 274 30.86 -19.54 21.77
N ASP C 275 31.50 -20.57 22.32
CA ASP C 275 32.39 -20.46 23.49
C ASP C 275 31.68 -19.89 24.72
N PRO C 276 30.62 -20.56 25.17
CA PRO C 276 29.84 -19.99 26.25
C PRO C 276 30.70 -19.87 27.51
N ALA C 277 31.42 -20.94 27.84
CA ALA C 277 32.24 -20.98 29.04
C ALA C 277 33.06 -19.72 29.03
N GLY C 278 33.76 -19.51 27.92
CA GLY C 278 34.58 -18.32 27.76
C GLY C 278 33.80 -17.02 27.83
N LYS C 279 32.64 -16.99 27.18
CA LYS C 279 31.85 -15.78 27.11
C LYS C 279 31.37 -15.45 28.49
N ILE C 280 30.79 -16.45 29.15
CA ILE C 280 30.34 -16.30 30.53
C ILE C 280 31.46 -15.77 31.42
N ALA C 281 32.58 -16.48 31.46
CA ALA C 281 33.73 -16.06 32.24
C ALA C 281 33.89 -14.58 32.05
N LYS C 282 34.12 -14.15 30.83
CA LYS C 282 34.38 -12.75 30.53
C LYS C 282 33.27 -11.81 31.01
N ILE C 283 32.02 -12.26 30.91
CA ILE C 283 30.91 -11.41 31.31
C ILE C 283 31.02 -11.18 32.81
N ARG C 284 31.31 -12.27 33.51
CA ARG C 284 31.35 -12.32 34.95
C ARG C 284 32.38 -11.35 35.42
N GLU C 285 33.54 -11.38 34.76
CA GLU C 285 34.61 -10.40 34.93
C GLU C 285 34.09 -8.99 34.77
N TRP C 286 33.49 -8.72 33.62
CA TRP C 286 33.08 -7.37 33.29
C TRP C 286 32.12 -6.87 34.33
N HIS C 287 31.41 -7.83 34.93
CA HIS C 287 30.40 -7.49 35.86
C HIS C 287 31.07 -7.06 37.14
N GLN C 288 32.19 -7.70 37.44
CA GLN C 288 32.94 -7.40 38.65
C GLN C 288 33.62 -6.08 38.52
N LEU C 289 34.28 -5.87 37.39
CA LEU C 289 34.93 -4.62 37.16
C LEU C 289 33.96 -3.49 37.40
N LEU C 290 32.73 -3.64 36.92
CA LEU C 290 31.77 -2.54 37.01
C LEU C 290 31.30 -2.36 38.42
N GLN C 291 31.15 -3.48 39.12
CA GLN C 291 30.75 -3.50 40.52
C GLN C 291 31.66 -2.65 41.35
N ILE C 292 32.95 -2.70 41.02
CA ILE C 292 33.97 -1.95 41.74
C ILE C 292 33.75 -0.46 41.58
N SER C 293 33.53 -0.03 40.35
CA SER C 293 33.27 1.38 40.04
C SER C 293 31.96 1.87 40.63
N GLY C 294 31.05 0.94 40.88
CA GLY C 294 29.73 1.25 41.41
C GLY C 294 29.81 1.83 42.79
N LYS C 295 30.76 1.32 43.59
CA LYS C 295 30.96 1.77 44.97
C LYS C 295 31.89 2.99 45.05
N LYS C 296 32.79 3.10 44.08
CA LYS C 296 33.67 4.27 43.93
C LYS C 296 32.88 5.51 43.45
N GLU D 14 28.35 -60.61 2.37
CA GLU D 14 28.88 -59.97 3.61
C GLU D 14 27.79 -59.57 4.61
N TYR D 15 26.59 -59.28 4.11
CA TYR D 15 25.43 -58.99 4.96
C TYR D 15 24.20 -59.81 4.53
N ASP D 16 23.39 -60.21 5.50
CA ASP D 16 22.18 -60.98 5.19
C ASP D 16 20.99 -60.11 4.82
N TYR D 17 20.98 -58.88 5.34
CA TYR D 17 19.93 -57.89 5.02
C TYR D 17 20.45 -56.46 4.95
N LEU D 18 19.71 -55.59 4.28
CA LEU D 18 19.98 -54.16 4.25
C LEU D 18 18.68 -53.38 4.38
N PHE D 19 18.43 -52.83 5.56
CA PHE D 19 17.24 -52.01 5.78
C PHE D 19 17.54 -50.50 5.80
N LYS D 20 16.67 -49.75 5.12
CA LYS D 20 16.71 -48.29 5.16
C LYS D 20 15.80 -47.77 6.26
N LEU D 21 16.36 -46.97 7.14
CA LEU D 21 15.61 -46.38 8.23
C LEU D 21 15.64 -44.86 8.14
N LEU D 22 14.56 -44.25 8.61
CA LEU D 22 14.40 -42.80 8.57
C LEU D 22 13.83 -42.27 9.88
N LEU D 23 14.57 -41.40 10.54
CA LEU D 23 14.02 -40.72 11.70
C LEU D 23 13.47 -39.38 11.28
N ILE D 24 12.27 -39.08 11.76
CA ILE D 24 11.64 -37.78 11.53
C ILE D 24 11.06 -37.30 12.84
N GLY D 25 10.42 -36.14 12.82
CA GLY D 25 9.98 -35.50 14.06
C GLY D 25 10.35 -34.03 14.14
N ASP D 26 9.67 -33.34 15.04
CA ASP D 26 9.97 -31.95 15.32
C ASP D 26 11.46 -31.62 15.49
N SER D 27 11.79 -30.33 15.39
CA SER D 27 13.19 -29.94 15.55
C SER D 27 13.67 -30.03 16.99
N GLY D 28 14.81 -30.69 17.18
CA GLY D 28 15.45 -30.70 18.49
C GLY D 28 14.85 -31.70 19.45
N VAL D 29 14.13 -32.67 18.91
CA VAL D 29 13.53 -33.69 19.74
C VAL D 29 14.56 -34.76 20.08
N GLY D 30 15.71 -34.71 19.40
CA GLY D 30 16.83 -35.59 19.70
C GLY D 30 17.15 -36.57 18.60
N LYS D 31 16.38 -36.51 17.51
CA LYS D 31 16.62 -37.38 16.36
C LYS D 31 18.08 -37.67 16.14
N SER D 32 18.90 -36.63 16.07
CA SER D 32 20.31 -36.82 15.78
C SER D 32 21.09 -37.46 16.94
N CYS D 33 20.73 -37.12 18.16
CA CYS D 33 21.38 -37.70 19.31
C CYS D 33 21.15 -39.18 19.36
N LEU D 34 19.92 -39.58 19.05
CA LEU D 34 19.53 -40.96 19.00
C LEU D 34 20.40 -41.67 17.99
N LEU D 35 20.41 -41.18 16.77
CA LEU D 35 21.24 -41.83 15.77
C LEU D 35 22.63 -42.05 16.33
N LEU D 36 23.21 -41.02 16.91
CA LEU D 36 24.61 -41.06 17.34
C LEU D 36 24.85 -42.04 18.46
N ARG D 37 23.95 -42.12 19.44
CA ARG D 37 24.18 -43.08 20.50
C ARG D 37 24.08 -44.48 19.98
N PHE D 38 23.11 -44.73 19.12
CA PHE D 38 22.99 -46.04 18.50
C PHE D 38 24.05 -46.35 17.43
N ALA D 39 24.66 -45.33 16.85
CA ALA D 39 25.67 -45.58 15.83
C ALA D 39 27.10 -45.66 16.38
N ASP D 40 27.55 -44.62 17.08
CA ASP D 40 28.88 -44.60 17.65
C ASP D 40 28.84 -44.71 19.16
N ASP D 41 27.70 -45.16 19.69
CA ASP D 41 27.49 -45.16 21.13
C ASP D 41 28.18 -43.98 21.83
N THR D 42 27.74 -42.78 21.48
CA THR D 42 28.28 -41.59 22.08
C THR D 42 27.19 -40.48 22.16
N TYR D 43 27.50 -39.38 22.84
CA TYR D 43 26.53 -38.29 23.02
C TYR D 43 27.24 -36.98 23.18
N THR D 44 26.63 -35.92 22.67
CA THR D 44 27.23 -34.59 22.71
C THR D 44 26.22 -33.57 23.16
N GLU D 45 26.63 -32.75 24.13
CA GLU D 45 25.78 -31.67 24.64
C GLU D 45 25.59 -30.57 23.59
N SER D 46 26.58 -30.44 22.71
CA SER D 46 26.65 -29.35 21.77
C SER D 46 25.44 -29.23 20.85
N TYR D 47 24.90 -28.01 20.75
CA TYR D 47 23.68 -27.69 20.00
C TYR D 47 23.96 -27.49 18.53
N ILE D 48 23.54 -28.45 17.74
CA ILE D 48 23.69 -28.35 16.30
C ILE D 48 22.37 -28.82 15.70
N SER D 49 21.78 -27.97 14.86
CA SER D 49 20.63 -28.41 14.08
C SER D 49 21.08 -29.01 12.75
N THR D 50 20.60 -30.23 12.49
CA THR D 50 20.88 -30.95 11.26
C THR D 50 20.35 -30.20 10.07
N ILE D 51 21.19 -29.90 9.08
CA ILE D 51 20.68 -29.41 7.81
C ILE D 51 20.24 -30.57 6.91
N GLY D 52 19.08 -30.43 6.27
CA GLY D 52 18.66 -31.38 5.23
C GLY D 52 18.62 -32.79 5.77
N VAL D 53 19.44 -33.67 5.23
CA VAL D 53 19.52 -35.01 5.79
C VAL D 53 20.96 -35.46 6.02
N ASP D 54 21.06 -36.56 6.76
CA ASP D 54 22.31 -37.21 6.99
C ASP D 54 22.04 -38.69 7.16
N PHE D 55 23.10 -39.50 7.15
CA PHE D 55 22.94 -40.94 7.34
C PHE D 55 24.12 -41.56 8.07
N LYS D 56 23.81 -42.44 9.01
CA LYS D 56 24.81 -43.33 9.57
C LYS D 56 24.44 -44.77 9.29
N ILE D 57 25.46 -45.60 9.17
CA ILE D 57 25.31 -47.00 8.82
C ILE D 57 25.91 -47.85 9.92
N ARG D 58 25.08 -48.71 10.51
CA ARG D 58 25.52 -49.66 11.51
C ARG D 58 24.91 -51.02 11.21
N THR D 59 25.61 -52.09 11.61
CA THR D 59 25.12 -53.46 11.43
C THR D 59 24.81 -54.14 12.77
N ILE D 60 23.62 -54.73 12.88
CA ILE D 60 23.26 -55.53 14.04
C ILE D 60 23.06 -56.98 13.64
N GLU D 61 23.01 -57.87 14.65
CA GLU D 61 22.80 -59.31 14.46
C GLU D 61 21.43 -59.71 15.00
N LEU D 62 20.69 -60.53 14.25
CA LEU D 62 19.34 -60.91 14.66
C LEU D 62 18.87 -62.28 14.12
N ASP D 63 18.99 -63.32 14.96
CA ASP D 63 18.37 -64.65 14.72
C ASP D 63 19.18 -65.79 14.08
N GLY D 64 20.51 -65.68 13.89
CA GLY D 64 21.30 -64.49 14.12
C GLY D 64 21.83 -63.97 12.78
N LYS D 65 20.89 -63.58 11.91
CA LYS D 65 21.20 -62.94 10.62
C LYS D 65 21.88 -61.58 10.84
N THR D 66 22.92 -61.30 10.07
CA THR D 66 23.54 -59.98 10.11
C THR D 66 22.69 -59.01 9.31
N ILE D 67 22.06 -58.03 9.99
CA ILE D 67 21.23 -56.98 9.34
C ILE D 67 21.94 -55.63 9.29
N LYS D 68 22.19 -55.13 8.07
CA LYS D 68 22.81 -53.83 7.85
C LYS D 68 21.76 -52.73 7.83
N LEU D 69 22.01 -51.68 8.60
CA LEU D 69 21.08 -50.58 8.74
C LEU D 69 21.65 -49.32 8.12
N GLN D 70 20.93 -48.76 7.16
CA GLN D 70 21.29 -47.53 6.51
C GLN D 70 20.31 -46.49 7.02
N ILE D 71 20.64 -45.87 8.16
CA ILE D 71 19.71 -45.01 8.87
C ILE D 71 19.88 -43.55 8.48
N TRP D 72 18.77 -42.89 8.13
CA TRP D 72 18.80 -41.49 7.67
C TRP D 72 18.15 -40.53 8.65
N ASP D 73 18.96 -39.55 9.06
CA ASP D 73 18.58 -38.52 10.00
C ASP D 73 18.00 -37.40 9.15
N THR D 74 17.03 -36.66 9.67
CA THR D 74 16.45 -35.57 8.90
C THR D 74 16.27 -34.28 9.70
N ALA D 75 16.13 -33.16 8.99
CA ALA D 75 15.87 -31.87 9.61
C ALA D 75 14.40 -31.81 9.96
N GLY D 76 14.10 -31.31 11.15
CA GLY D 76 12.72 -31.20 11.57
C GLY D 76 11.98 -30.01 10.97
N GLN D 77 12.72 -28.97 10.58
CA GLN D 77 12.11 -27.69 10.19
C GLN D 77 11.27 -27.74 8.95
N GLU D 78 10.32 -26.82 8.88
CA GLU D 78 9.34 -26.83 7.81
C GLU D 78 10.05 -26.50 6.53
N ARG D 79 11.09 -25.69 6.62
CA ARG D 79 11.71 -25.22 5.40
C ARG D 79 12.55 -26.27 4.75
N PHE D 80 12.75 -27.38 5.46
CA PHE D 80 13.54 -28.42 4.88
C PHE D 80 12.69 -29.51 4.26
N ARG D 81 11.37 -29.31 4.27
CA ARG D 81 10.47 -30.41 3.96
C ARG D 81 10.67 -30.98 2.56
N THR D 82 10.88 -30.11 1.57
CA THR D 82 11.23 -30.54 0.22
C THR D 82 12.35 -31.56 0.25
N ILE D 83 13.46 -31.23 0.92
CA ILE D 83 14.62 -32.12 0.93
C ILE D 83 14.23 -33.40 1.64
N THR D 84 13.93 -33.28 2.93
CA THR D 84 13.68 -34.44 3.77
C THR D 84 12.64 -35.34 3.13
N SER D 85 11.52 -34.76 2.72
CA SER D 85 10.40 -35.53 2.19
C SER D 85 10.85 -36.47 1.09
N SER D 86 11.80 -36.02 0.27
CA SER D 86 12.28 -36.84 -0.83
C SER D 86 12.80 -38.22 -0.39
N TYR D 87 13.44 -38.28 0.77
CA TYR D 87 13.98 -39.56 1.28
C TYR D 87 12.97 -40.42 1.98
N TYR D 88 11.69 -40.15 1.77
CA TYR D 88 10.65 -40.93 2.43
C TYR D 88 10.35 -42.23 1.72
N ARG D 89 10.27 -42.18 0.39
CA ARG D 89 9.85 -43.36 -0.38
C ARG D 89 10.70 -44.58 -0.08
N GLY D 90 11.99 -44.50 -0.37
CA GLY D 90 12.86 -45.65 -0.29
C GLY D 90 12.91 -46.44 1.02
N ALA D 91 12.54 -45.80 2.13
CA ALA D 91 12.85 -46.35 3.45
C ALA D 91 11.88 -47.41 3.93
N HIS D 92 12.44 -48.51 4.44
CA HIS D 92 11.72 -49.68 4.93
C HIS D 92 10.89 -49.38 6.16
N GLY D 93 11.48 -48.60 7.06
CA GLY D 93 10.80 -48.17 8.28
C GLY D 93 11.11 -46.74 8.71
N ILE D 94 10.12 -46.09 9.32
CA ILE D 94 10.28 -44.74 9.85
C ILE D 94 10.06 -44.66 11.37
N ILE D 95 11.06 -44.13 12.07
CA ILE D 95 10.93 -43.77 13.47
C ILE D 95 10.50 -42.31 13.52
N VAL D 96 9.34 -42.07 14.10
CA VAL D 96 8.84 -40.73 14.36
C VAL D 96 9.15 -40.39 15.82
N VAL D 97 9.80 -39.25 16.06
CA VAL D 97 10.25 -38.90 17.41
C VAL D 97 9.63 -37.63 17.97
N TYR D 98 9.11 -37.72 19.18
CA TYR D 98 8.63 -36.56 19.89
C TYR D 98 9.45 -36.45 21.18
N ASP D 99 9.38 -35.28 21.79
CA ASP D 99 10.19 -34.95 22.95
C ASP D 99 9.22 -34.96 24.09
N VAL D 100 9.42 -35.85 25.07
CA VAL D 100 8.44 -36.03 26.17
C VAL D 100 8.27 -34.81 27.06
N THR D 101 9.11 -33.80 26.87
CA THR D 101 8.99 -32.57 27.64
C THR D 101 8.40 -31.48 26.77
N ASP D 102 8.24 -31.76 25.48
CA ASP D 102 7.74 -30.77 24.53
C ASP D 102 6.36 -31.18 24.09
N GLN D 103 5.35 -30.64 24.77
CA GLN D 103 3.96 -31.05 24.54
C GLN D 103 3.57 -30.90 23.08
N GLU D 104 4.01 -29.82 22.47
CA GLU D 104 3.75 -29.60 21.06
C GLU D 104 4.29 -30.74 20.20
N SER D 105 5.53 -31.15 20.40
CA SER D 105 6.15 -32.19 19.57
C SER D 105 5.28 -33.42 19.43
N PHE D 106 4.46 -33.65 20.44
CA PHE D 106 3.55 -34.78 20.49
C PHE D 106 2.30 -34.44 19.67
N ASN D 107 1.71 -33.28 19.93
CA ASN D 107 0.57 -32.82 19.15
C ASN D 107 0.88 -32.85 17.66
N ASN D 108 2.16 -32.83 17.31
CA ASN D 108 2.58 -32.81 15.93
C ASN D 108 2.69 -34.19 15.30
N VAL D 109 2.95 -35.20 16.13
CA VAL D 109 3.09 -36.59 15.66
C VAL D 109 2.00 -36.96 14.64
N LYS D 110 0.81 -36.39 14.81
CA LYS D 110 -0.29 -36.55 13.86
C LYS D 110 0.17 -36.13 12.47
N GLN D 111 0.61 -34.87 12.36
CA GLN D 111 1.08 -34.35 11.07
C GLN D 111 2.32 -35.04 10.56
N TRP D 112 3.06 -35.69 11.44
CA TRP D 112 4.26 -36.41 11.01
C TRP D 112 3.85 -37.70 10.35
N LEU D 113 2.79 -38.30 10.90
CA LEU D 113 2.28 -39.53 10.38
C LEU D 113 1.60 -39.21 9.07
N GLN D 114 0.92 -38.07 9.02
CA GLN D 114 0.35 -37.63 7.76
C GLN D 114 1.46 -37.51 6.72
N GLU D 115 2.51 -36.76 7.05
CA GLU D 115 3.64 -36.61 6.15
C GLU D 115 4.22 -37.95 5.72
N ILE D 116 4.03 -39.00 6.54
CA ILE D 116 4.41 -40.35 6.14
C ILE D 116 3.48 -40.90 5.05
N ASP D 117 2.17 -40.77 5.29
CA ASP D 117 1.16 -41.15 4.31
C ASP D 117 1.53 -40.58 2.96
N ARG D 118 1.61 -39.25 2.87
CA ARG D 118 1.85 -38.59 1.61
C ARG D 118 3.05 -39.12 0.84
N TYR D 119 4.17 -39.35 1.53
CA TYR D 119 5.44 -39.53 0.82
C TYR D 119 6.10 -40.92 0.84
N ALA D 120 5.67 -41.77 1.76
CA ALA D 120 6.37 -43.05 1.99
C ALA D 120 5.69 -44.24 1.33
N SER D 121 6.46 -45.29 1.06
CA SER D 121 5.96 -46.52 0.43
C SER D 121 4.77 -47.09 1.18
N GLU D 122 3.82 -47.65 0.43
CA GLU D 122 2.50 -47.99 0.95
C GLU D 122 2.51 -48.72 2.29
N ASN D 123 3.44 -49.65 2.45
CA ASN D 123 3.48 -50.49 3.65
C ASN D 123 4.75 -50.32 4.50
N VAL D 124 5.17 -49.07 4.70
CA VAL D 124 6.33 -48.71 5.51
C VAL D 124 6.12 -49.10 6.97
N ASN D 125 7.24 -49.35 7.68
CA ASN D 125 7.19 -49.71 9.09
C ASN D 125 7.39 -48.56 10.09
N LYS D 126 6.30 -48.16 10.72
CA LYS D 126 6.32 -47.04 11.65
C LYS D 126 6.74 -47.45 13.08
N LEU D 127 7.21 -46.49 13.88
CA LEU D 127 7.66 -46.71 15.26
C LEU D 127 7.80 -45.40 16.02
N LEU D 128 6.90 -45.16 16.96
CA LEU D 128 6.89 -43.94 17.75
C LEU D 128 7.90 -43.97 18.91
N VAL D 129 8.65 -42.88 19.10
CA VAL D 129 9.64 -42.80 20.18
C VAL D 129 9.55 -41.47 20.94
N GLY D 130 9.38 -41.55 22.25
CA GLY D 130 9.45 -40.37 23.13
C GLY D 130 10.85 -40.31 23.70
N ASN D 131 11.62 -39.31 23.26
CA ASN D 131 13.00 -39.22 23.70
C ASN D 131 13.09 -38.27 24.87
N LYS D 132 14.21 -38.34 25.59
CA LYS D 132 14.47 -37.53 26.78
C LYS D 132 13.57 -38.00 27.94
N CYS D 133 13.39 -39.31 28.04
CA CYS D 133 12.60 -39.90 29.13
C CYS D 133 13.34 -39.67 30.45
N ASP D 134 14.63 -39.39 30.36
CA ASP D 134 15.43 -39.08 31.54
C ASP D 134 15.01 -37.76 32.22
N LEU D 135 14.64 -36.76 31.44
CA LEU D 135 14.16 -35.49 32.01
C LEU D 135 12.77 -35.66 32.61
N THR D 136 12.70 -36.40 33.72
CA THR D 136 11.47 -36.84 34.39
C THR D 136 10.74 -35.67 35.01
N THR D 137 11.48 -34.91 35.81
CA THR D 137 11.06 -33.63 36.41
C THR D 137 10.23 -32.72 35.48
N LYS D 138 10.42 -32.87 34.17
CA LYS D 138 9.87 -31.95 33.16
C LYS D 138 9.04 -32.62 32.08
N LYS D 139 8.69 -33.89 32.26
CA LYS D 139 7.80 -34.59 31.34
C LYS D 139 6.45 -33.85 31.19
N VAL D 140 5.79 -34.01 30.06
CA VAL D 140 4.44 -33.48 29.93
C VAL D 140 3.55 -34.48 29.20
N VAL D 141 4.16 -35.51 28.63
CA VAL D 141 3.42 -36.54 27.93
C VAL D 141 3.68 -37.86 28.61
N ASP D 142 2.72 -38.30 29.43
CA ASP D 142 2.82 -39.50 30.28
C ASP D 142 2.75 -40.74 29.40
N TYR D 143 3.58 -41.73 29.72
CA TYR D 143 3.68 -42.98 28.96
C TYR D 143 2.32 -43.49 28.51
N THR D 144 1.42 -43.64 29.48
CA THR D 144 0.08 -44.16 29.24
C THR D 144 -0.46 -43.50 27.98
N THR D 145 -0.68 -42.18 28.07
CA THR D 145 -1.31 -41.40 27.01
C THR D 145 -0.64 -41.53 25.62
N ALA D 146 0.68 -41.62 25.61
CA ALA D 146 1.39 -41.87 24.38
C ALA D 146 1.03 -43.24 23.85
N LYS D 147 1.23 -44.25 24.69
CA LYS D 147 0.96 -45.66 24.39
C LYS D 147 -0.45 -45.90 23.88
N GLU D 148 -1.42 -45.20 24.47
CA GLU D 148 -2.78 -45.29 24.00
C GLU D 148 -2.89 -44.85 22.55
N PHE D 149 -2.46 -43.62 22.25
CA PHE D 149 -2.43 -43.16 20.87
C PHE D 149 -1.71 -44.18 20.00
N ALA D 150 -0.50 -44.54 20.42
CA ALA D 150 0.34 -45.52 19.74
C ALA D 150 -0.41 -46.81 19.38
N ASP D 151 -1.14 -47.33 20.38
CA ASP D 151 -1.88 -48.58 20.25
C ASP D 151 -3.15 -48.43 19.42
N SER D 152 -3.74 -47.23 19.40
CA SER D 152 -4.89 -46.98 18.55
C SER D 152 -4.53 -47.28 17.11
N LEU D 153 -3.31 -46.93 16.71
CA LEU D 153 -2.84 -47.18 15.35
C LEU D 153 -2.02 -48.48 15.24
N GLY D 154 -1.96 -49.23 16.34
CA GLY D 154 -1.28 -50.53 16.38
C GLY D 154 0.20 -50.43 16.12
N ILE D 155 0.70 -49.20 16.08
CA ILE D 155 2.11 -48.91 15.84
C ILE D 155 2.89 -48.96 17.16
N PRO D 156 4.04 -49.69 17.19
CA PRO D 156 4.95 -49.78 18.33
C PRO D 156 5.23 -48.44 19.05
N PHE D 157 5.57 -48.51 20.34
CA PHE D 157 5.95 -47.31 21.11
C PHE D 157 7.05 -47.55 22.16
N LEU D 158 7.93 -46.58 22.30
CA LEU D 158 8.96 -46.63 23.32
C LEU D 158 9.33 -45.22 23.80
N GLU D 159 9.62 -45.12 25.09
CA GLU D 159 10.28 -43.95 25.60
C GLU D 159 11.78 -44.28 25.57
N THR D 160 12.61 -43.27 25.30
CA THR D 160 14.05 -43.46 25.21
C THR D 160 14.70 -42.30 25.89
N SER D 161 16.03 -42.36 26.00
CA SER D 161 16.85 -41.21 26.34
C SER D 161 18.22 -41.44 25.73
N ALA D 162 18.51 -40.73 24.65
CA ALA D 162 19.81 -40.82 23.99
C ALA D 162 20.91 -40.37 24.92
N LYS D 163 20.61 -39.38 25.77
CA LYS D 163 21.54 -38.98 26.81
C LYS D 163 22.02 -40.20 27.59
N ASN D 164 21.06 -41.00 28.07
CA ASN D 164 21.28 -42.12 28.99
C ASN D 164 21.38 -43.54 28.41
N ALA D 165 21.17 -43.69 27.10
CA ALA D 165 21.10 -44.99 26.45
C ALA D 165 19.77 -45.72 26.69
N THR D 166 19.09 -45.39 27.77
CA THR D 166 17.80 -46.01 28.06
C THR D 166 17.00 -46.23 26.77
N ASN D 167 16.88 -47.49 26.38
CA ASN D 167 16.04 -47.94 25.26
C ASN D 167 16.47 -47.58 23.83
N VAL D 168 17.59 -46.89 23.67
CA VAL D 168 17.99 -46.44 22.35
C VAL D 168 18.21 -47.63 21.45
N GLU D 169 19.08 -48.54 21.87
CA GLU D 169 19.36 -49.73 21.08
C GLU D 169 18.07 -50.54 20.90
N GLN D 170 17.39 -50.81 22.00
CA GLN D 170 16.19 -51.63 21.95
C GLN D 170 15.13 -51.07 20.99
N SER D 171 15.26 -49.81 20.59
CA SER D 171 14.31 -49.19 19.68
C SER D 171 14.58 -49.63 18.26
N PHE D 172 15.84 -49.58 17.86
CA PHE D 172 16.23 -49.90 16.49
C PHE D 172 16.02 -51.37 16.23
N THR D 174 13.78 -53.28 17.68
CA THR D 174 12.34 -53.44 17.52
C THR D 174 11.89 -53.09 16.11
N ALA D 176 13.87 -53.12 13.33
CA ALA D 176 14.44 -54.06 12.38
C ALA D 176 13.68 -55.38 12.41
N ALA D 177 13.49 -55.92 13.61
CA ALA D 177 12.69 -57.11 13.80
C ALA D 177 11.35 -56.97 13.10
N GLU D 178 10.68 -55.83 13.32
CA GLU D 178 9.41 -55.56 12.68
C GLU D 178 9.49 -55.56 11.16
N ILE D 179 10.66 -55.21 10.61
CA ILE D 179 10.86 -55.25 9.16
C ILE D 179 11.08 -56.69 8.71
N LYS D 180 11.84 -57.46 9.49
CA LYS D 180 12.04 -58.88 9.20
C LYS D 180 10.72 -59.55 8.85
N LYS D 181 9.77 -59.53 9.78
CA LYS D 181 8.43 -60.10 9.59
C LYS D 181 7.85 -59.80 8.21
N ARG D 182 7.95 -58.54 7.79
CA ARG D 182 7.33 -58.07 6.55
C ARG D 182 7.97 -58.64 5.27
N SER E 1 -7.45 40.38 -5.88
CA SER E 1 -7.84 38.94 -5.87
C SER E 1 -6.67 38.01 -6.25
N LEU E 2 -6.96 36.97 -7.04
CA LEU E 2 -6.01 35.87 -7.35
C LEU E 2 -4.74 36.29 -8.11
N LYS E 3 -3.81 35.35 -8.26
CA LYS E 3 -2.58 35.56 -9.06
C LYS E 3 -2.75 34.98 -10.48
N PRO E 4 -1.76 35.19 -11.39
CA PRO E 4 -1.90 34.60 -12.73
C PRO E 4 -0.94 33.44 -13.01
N LEU E 5 -1.44 32.36 -13.58
CA LEU E 5 -0.54 31.26 -13.92
C LEU E 5 -0.70 30.71 -15.31
N THR E 6 0.41 30.25 -15.89
CA THR E 6 0.42 29.72 -17.24
C THR E 6 1.63 28.84 -17.51
N LEU E 7 1.48 28.02 -18.55
CA LEU E 7 2.51 27.07 -18.96
C LEU E 7 3.23 27.51 -20.23
N LEU E 8 4.42 28.10 -20.07
CA LEU E 8 5.20 28.47 -21.25
C LEU E 8 6.04 27.28 -21.66
N THR E 10 10.16 26.81 -23.31
CA THR E 10 11.34 27.32 -23.98
C THR E 10 11.48 26.65 -25.33
N SER E 11 12.20 27.30 -26.23
CA SER E 11 12.26 26.89 -27.64
C SER E 11 12.79 25.49 -27.87
N SER E 12 14.09 25.27 -27.66
CA SER E 12 14.68 23.97 -28.02
C SER E 12 14.67 22.93 -26.91
N THR E 13 13.95 23.20 -25.83
CA THR E 13 13.61 22.16 -24.86
C THR E 13 12.51 21.27 -25.44
N SER E 14 12.75 19.96 -25.45
CA SER E 14 11.85 19.00 -26.11
C SER E 14 10.77 18.42 -25.19
N PHE E 15 9.76 17.80 -25.80
CA PHE E 15 8.54 17.32 -25.11
C PHE E 15 8.83 16.54 -23.84
N SER E 16 9.92 15.79 -23.87
CA SER E 16 10.44 15.11 -22.69
C SER E 16 10.56 16.13 -21.56
N GLU E 17 11.49 17.07 -21.73
CA GLU E 17 11.80 18.06 -20.72
C GLU E 17 10.63 18.99 -20.40
N THR E 18 9.72 19.17 -21.36
CA THR E 18 8.65 20.17 -21.25
C THR E 18 7.49 19.73 -20.35
N ILE E 19 7.09 18.47 -20.47
CA ILE E 19 6.00 17.94 -19.66
C ILE E 19 6.49 17.83 -18.23
N ASN E 20 7.77 17.52 -18.12
CA ASN E 20 8.49 17.56 -16.86
C ASN E 20 8.33 18.92 -16.15
N GLN E 21 8.45 20.02 -16.89
CA GLN E 21 8.43 21.36 -16.28
C GLN E 21 7.04 21.77 -15.85
N TRP E 22 6.05 21.51 -16.69
CA TRP E 22 4.64 21.80 -16.37
C TRP E 22 4.11 20.89 -15.27
N ALA E 23 4.83 19.80 -15.04
CA ALA E 23 4.55 18.88 -13.94
C ALA E 23 4.87 19.54 -12.61
N ASP E 24 6.13 19.98 -12.44
CA ASP E 24 6.54 20.77 -11.28
C ASP E 24 5.60 21.95 -11.08
N ILE E 25 5.49 22.79 -12.11
CA ILE E 25 4.64 23.97 -12.09
C ILE E 25 3.17 23.67 -11.70
N LEU E 26 2.84 22.38 -11.56
CA LEU E 26 1.53 21.98 -11.05
C LEU E 26 1.64 21.26 -9.69
N LYS E 27 2.73 20.52 -9.50
CA LYS E 27 3.04 19.83 -8.23
C LYS E 27 3.60 20.78 -7.16
N THR E 28 4.07 21.94 -7.60
CA THR E 28 4.69 22.93 -6.74
C THR E 28 3.90 24.25 -6.82
N THR E 29 2.57 24.12 -6.83
CA THR E 29 1.68 25.28 -6.74
C THR E 29 0.45 24.94 -5.93
N ASP E 30 0.12 25.86 -5.02
CA ASP E 30 -1.14 25.81 -4.29
C ASP E 30 -2.21 26.08 -5.35
N GLU E 32 -5.17 26.03 -5.59
CA GLU E 32 -6.38 26.74 -5.17
C GLU E 32 -6.23 28.26 -5.18
N LYS E 33 -4.99 28.75 -5.40
CA LYS E 33 -4.72 30.20 -5.47
C LYS E 33 -4.91 30.80 -6.87
N PHE E 34 -4.02 30.45 -7.79
CA PHE E 34 -3.86 31.10 -9.11
C PHE E 34 -5.06 30.98 -10.06
N SER E 35 -5.21 31.96 -10.97
CA SER E 35 -6.19 31.86 -12.09
C SER E 35 -5.47 31.58 -13.42
N PHE E 36 -5.89 30.51 -14.08
CA PHE E 36 -5.09 29.93 -15.13
C PHE E 36 -5.39 30.57 -16.47
N ASP E 37 -4.47 31.41 -16.92
CA ASP E 37 -4.54 32.03 -18.26
C ASP E 37 -3.80 31.18 -19.28
N SER E 38 -4.53 30.79 -20.33
CA SER E 38 -4.06 29.77 -21.28
C SER E 38 -3.55 30.32 -22.61
N ASN E 39 -3.90 31.57 -22.92
CA ASN E 39 -3.53 32.18 -24.20
C ASN E 39 -2.03 32.24 -24.40
N PRO E 40 -1.27 32.43 -23.32
CA PRO E 40 0.17 32.33 -23.51
C PRO E 40 0.64 30.96 -23.95
N ILE E 41 -0.17 29.91 -23.76
CA ILE E 41 0.29 28.53 -23.96
C ILE E 41 0.30 28.13 -25.42
N ASN E 42 1.45 27.70 -25.90
CA ASN E 42 1.62 27.42 -27.31
C ASN E 42 1.38 25.97 -27.76
N LEU E 43 0.10 25.65 -27.95
CA LEU E 43 -0.35 24.36 -28.49
C LEU E 43 0.47 23.87 -29.65
N LEU E 44 0.36 24.57 -30.77
CA LEU E 44 1.10 24.21 -31.97
C LEU E 44 2.59 23.88 -31.71
N GLU E 45 3.32 24.74 -31.01
CA GLU E 45 4.76 24.52 -30.82
C GLU E 45 5.05 23.29 -29.98
N LEU E 46 4.08 22.94 -29.13
CA LEU E 46 4.14 21.74 -28.29
C LEU E 46 4.08 20.50 -29.17
N VAL E 47 3.03 20.47 -29.98
CA VAL E 47 2.80 19.40 -30.91
C VAL E 47 4.08 19.07 -31.66
N LYS E 48 4.67 20.04 -32.34
CA LYS E 48 5.90 19.81 -33.12
C LYS E 48 7.02 19.17 -32.31
N GLN E 49 7.11 19.51 -31.01
CA GLN E 49 8.11 18.93 -30.08
C GLN E 49 7.82 17.46 -29.77
N PHE E 50 6.53 17.17 -29.54
CA PHE E 50 6.06 15.81 -29.32
C PHE E 50 6.41 14.89 -30.48
N ASN E 51 6.05 15.35 -31.66
CA ASN E 51 6.26 14.59 -32.86
C ASN E 51 7.74 14.45 -33.19
N LEU E 52 8.56 15.42 -32.78
CA LEU E 52 9.99 15.28 -33.00
C LEU E 52 10.61 14.24 -32.06
N TYR E 53 9.84 13.82 -31.05
CA TYR E 53 10.28 12.78 -30.10
C TYR E 53 9.78 11.38 -30.53
N VAL E 54 8.52 11.28 -30.94
CA VAL E 54 7.96 10.06 -31.56
C VAL E 54 8.92 9.56 -32.63
N ASP E 55 9.59 10.52 -33.27
CA ASP E 55 10.49 10.34 -34.41
C ASP E 55 11.86 9.81 -34.01
N GLU E 56 12.28 10.11 -32.79
CA GLU E 56 13.55 9.60 -32.23
C GLU E 56 13.32 8.34 -31.40
N LEU E 57 12.06 8.11 -31.05
CA LEU E 57 11.60 6.89 -30.41
C LEU E 57 11.56 5.73 -31.41
N ALA E 58 11.76 6.05 -32.69
CA ALA E 58 11.75 5.10 -33.78
C ALA E 58 13.08 5.08 -34.53
N ILE E 59 13.88 6.14 -34.34
CA ILE E 59 15.26 6.24 -34.89
C ILE E 59 16.23 5.30 -34.13
N THR E 60 16.03 5.16 -32.83
CA THR E 60 16.83 4.25 -32.00
C THR E 60 16.01 3.05 -31.51
N CYS E 61 15.04 2.63 -32.33
CA CYS E 61 14.25 1.40 -32.14
C CYS E 61 14.48 0.45 -33.32
N GLU E 62 15.36 0.89 -34.22
CA GLU E 62 15.74 0.17 -35.42
C GLU E 62 17.26 0.06 -35.46
N ALA E 63 17.94 1.19 -35.25
CA ALA E 63 19.41 1.23 -35.15
C ALA E 63 19.90 0.41 -33.96
N ASN E 64 19.11 0.39 -32.89
CA ASN E 64 19.35 -0.45 -31.71
C ASN E 64 18.76 -1.86 -31.85
N ASN E 65 18.13 -2.14 -32.98
CA ASN E 65 17.48 -3.43 -33.26
C ASN E 65 16.56 -3.89 -32.12
N VAL E 66 15.69 -2.97 -31.67
CA VAL E 66 14.79 -3.20 -30.54
C VAL E 66 13.62 -4.13 -30.87
N TRP E 67 13.08 -3.98 -32.08
CA TRP E 67 11.94 -4.76 -32.56
C TRP E 67 12.28 -6.22 -32.78
N ALA E 68 13.54 -6.49 -33.11
CA ALA E 68 14.00 -7.84 -33.43
C ALA E 68 14.96 -8.46 -32.39
N LYS E 69 14.60 -8.33 -31.11
CA LYS E 69 15.23 -9.11 -30.04
C LYS E 69 14.19 -10.03 -29.39
N GLU E 70 12.95 -9.53 -29.35
CA GLU E 70 11.80 -10.23 -28.79
C GLU E 70 10.79 -10.52 -29.90
N ARG E 71 10.78 -11.75 -30.41
CA ARG E 71 10.16 -12.01 -31.72
C ARG E 71 9.50 -13.39 -31.96
N ILE E 72 8.42 -13.70 -31.23
CA ILE E 72 7.67 -14.92 -31.50
C ILE E 72 6.80 -14.76 -32.77
N ASP E 73 5.67 -14.06 -32.66
CA ASP E 73 4.86 -13.70 -33.83
C ASP E 73 5.14 -12.29 -34.36
N THR E 75 8.43 -14.30 -39.88
CA THR E 75 7.26 -13.47 -40.18
C THR E 75 7.72 -12.08 -40.66
N PRO E 76 7.01 -11.49 -41.65
CA PRO E 76 7.30 -10.14 -42.14
C PRO E 76 7.55 -9.12 -41.02
N ASN E 77 6.56 -8.92 -40.14
CA ASN E 77 6.71 -8.14 -38.88
C ASN E 77 5.74 -8.62 -37.77
N LEU E 78 5.95 -8.13 -36.54
CA LEU E 78 5.17 -8.56 -35.35
C LEU E 78 3.64 -8.64 -35.51
N PHE E 79 3.02 -7.73 -36.28
CA PHE E 79 1.54 -7.62 -36.34
C PHE E 79 0.85 -8.36 -37.52
N ALA E 80 1.65 -9.10 -38.31
CA ALA E 80 1.16 -9.81 -39.51
C ALA E 80 0.16 -10.95 -39.22
N LEU E 81 0.38 -11.66 -38.11
CA LEU E 81 -0.52 -12.72 -37.58
C LEU E 81 -1.76 -12.14 -36.87
N TYR E 82 -1.93 -10.81 -36.92
CA TYR E 82 -3.03 -10.15 -36.20
C TYR E 82 -4.05 -9.40 -37.07
N ASP E 83 -4.18 -9.81 -38.32
CA ASP E 83 -5.15 -9.23 -39.25
C ASP E 83 -6.60 -9.71 -38.98
N ASN E 84 -7.51 -8.75 -38.89
CA ASN E 84 -8.94 -9.06 -38.69
C ASN E 84 -9.87 -8.51 -39.80
N SER E 85 -9.27 -8.20 -40.95
CA SER E 85 -9.97 -7.72 -42.16
C SER E 85 -8.94 -7.63 -43.31
N GLY E 86 -8.60 -8.78 -43.90
CA GLY E 86 -7.53 -8.89 -44.90
C GLY E 86 -7.88 -8.54 -46.33
N GLY E 87 -7.06 -7.68 -46.95
CA GLY E 87 -7.31 -7.16 -48.28
C GLY E 87 -7.98 -5.77 -48.26
N GLU E 88 -8.47 -5.38 -47.09
CA GLU E 88 -9.31 -4.19 -46.91
C GLU E 88 -8.55 -2.92 -46.47
N ALA E 89 -8.77 -1.83 -47.20
CA ALA E 89 -8.17 -0.55 -46.91
C ALA E 89 -8.96 0.19 -45.85
N ILE E 90 -8.71 -0.15 -44.60
CA ILE E 90 -9.32 0.53 -43.45
C ILE E 90 -8.84 2.01 -43.35
N HIS E 91 -9.61 2.93 -43.92
CA HIS E 91 -9.33 4.39 -43.87
C HIS E 91 -8.07 4.82 -44.68
N GLY E 92 -7.88 4.22 -45.84
CA GLY E 92 -6.71 4.54 -46.64
C GLY E 92 -5.67 3.43 -46.73
N HIS E 93 -5.10 3.06 -45.58
CA HIS E 93 -4.09 1.99 -45.52
C HIS E 93 -4.74 0.60 -45.34
N ALA E 94 -4.27 -0.40 -46.10
CA ALA E 94 -4.65 -1.82 -45.91
C ALA E 94 -3.52 -2.51 -45.14
N PHE E 95 -3.73 -3.75 -44.69
CA PHE E 95 -2.72 -4.36 -43.83
C PHE E 95 -1.54 -4.96 -44.57
N VAL E 96 -0.55 -4.13 -44.90
CA VAL E 96 0.70 -4.65 -45.43
C VAL E 96 1.43 -5.15 -44.20
N PRO E 97 1.99 -6.38 -44.25
CA PRO E 97 2.75 -6.90 -43.11
C PRO E 97 4.23 -6.48 -43.13
N TYR E 98 4.70 -5.94 -44.25
CA TYR E 98 6.11 -5.63 -44.36
C TYR E 98 6.57 -4.32 -43.73
N TYR E 99 5.63 -3.59 -43.12
CA TYR E 99 5.95 -2.33 -42.43
C TYR E 99 6.98 -2.51 -41.32
N LYS E 100 8.06 -1.73 -41.38
CA LYS E 100 9.07 -1.64 -40.31
C LYS E 100 8.40 -1.07 -39.07
N GLU E 101 8.58 -1.73 -37.93
CA GLU E 101 7.82 -1.39 -36.72
C GLU E 101 8.05 0.05 -36.27
N SER E 102 9.07 0.69 -36.81
CA SER E 102 9.36 2.11 -36.56
C SER E 102 8.60 3.09 -37.49
N ILE E 103 7.97 2.54 -38.52
CA ILE E 103 7.08 3.30 -39.41
C ILE E 103 5.61 3.04 -38.99
N VAL E 104 5.37 1.91 -38.32
CA VAL E 104 4.08 1.64 -37.67
C VAL E 104 3.99 2.52 -36.46
N LEU E 105 5.09 2.58 -35.70
CA LEU E 105 5.29 3.54 -34.58
C LEU E 105 5.17 5.02 -34.98
N ARG E 106 5.66 5.38 -36.17
CA ARG E 106 5.70 6.79 -36.58
C ARG E 106 4.36 7.35 -37.07
N ARG E 107 3.47 6.50 -37.58
CA ARG E 107 2.21 7.00 -38.13
C ARG E 107 1.03 6.75 -37.18
N LEU E 108 1.26 5.89 -36.19
CA LEU E 108 0.26 5.61 -35.17
C LEU E 108 0.17 6.71 -34.14
N PHE E 109 1.33 7.29 -33.79
CA PHE E 109 1.44 8.28 -32.72
C PHE E 109 2.01 9.63 -33.17
N THR E 110 1.61 10.09 -34.36
CA THR E 110 1.97 11.44 -34.85
C THR E 110 0.76 12.36 -35.03
N VAL E 111 0.94 13.58 -34.50
CA VAL E 111 -0.10 14.58 -34.34
C VAL E 111 -0.07 15.61 -35.47
N ASP E 112 -1.26 15.81 -36.05
CA ASP E 112 -1.46 16.58 -37.28
C ASP E 112 -1.79 18.05 -36.99
N PRO E 113 -0.79 18.95 -37.14
CA PRO E 113 -0.81 20.35 -36.69
C PRO E 113 -2.06 21.13 -37.08
N ASN E 114 -2.61 20.86 -38.25
CA ASN E 114 -3.73 21.64 -38.72
C ASN E 114 -4.98 21.32 -37.93
N THR E 115 -5.06 20.07 -37.48
CA THR E 115 -6.24 19.49 -36.85
C THR E 115 -5.99 19.28 -35.35
N PHE E 116 -4.72 18.95 -35.05
CA PHE E 116 -4.19 18.58 -33.72
C PHE E 116 -4.29 17.06 -33.44
N ASN E 117 -5.04 16.35 -34.28
CA ASN E 117 -5.33 14.94 -34.04
C ASN E 117 -4.25 14.02 -34.62
N LEU E 118 -4.64 12.78 -34.90
CA LEU E 118 -3.76 11.82 -35.53
C LEU E 118 -4.27 11.63 -36.95
N SER E 119 -3.48 10.92 -37.79
CA SER E 119 -3.98 10.39 -39.06
C SER E 119 -4.09 8.85 -39.08
N ARG E 120 -5.02 8.39 -39.91
CA ARG E 120 -5.58 7.04 -39.84
C ARG E 120 -4.71 5.94 -40.47
N PHE E 121 -3.49 5.84 -39.96
CA PHE E 121 -2.68 4.65 -40.12
C PHE E 121 -3.48 3.46 -39.53
N ALA E 122 -4.72 3.29 -39.99
CA ALA E 122 -5.79 2.67 -39.19
C ALA E 122 -6.09 1.15 -39.39
N ALA E 123 -5.37 0.55 -40.34
CA ALA E 123 -5.40 -0.89 -40.57
C ALA E 123 -4.45 -1.59 -39.64
N PHE E 124 -3.52 -0.82 -39.06
CA PHE E 124 -2.54 -1.32 -38.07
C PHE E 124 -3.06 -1.14 -36.64
N GLU E 125 -4.16 -0.38 -36.50
CA GLU E 125 -4.82 -0.10 -35.21
C GLU E 125 -5.67 -1.29 -34.73
N GLY E 126 -5.87 -2.26 -35.61
CA GLY E 126 -6.38 -3.58 -35.25
C GLY E 126 -5.23 -4.37 -34.65
N PRO E 127 -4.48 -5.12 -35.48
CA PRO E 127 -3.30 -5.89 -35.07
C PRO E 127 -2.37 -5.28 -33.98
N CYS E 128 -2.56 -3.99 -33.65
CA CYS E 128 -1.83 -3.33 -32.55
C CYS E 128 -2.55 -3.39 -31.17
N GLN E 129 -3.87 -3.21 -31.16
CA GLN E 129 -4.70 -3.29 -29.94
C GLN E 129 -4.76 -4.72 -29.35
N LEU E 130 -4.22 -5.67 -30.11
CA LEU E 130 -4.24 -7.05 -29.73
C LEU E 130 -2.82 -7.63 -29.77
N TYR E 131 -1.81 -6.81 -29.50
CA TYR E 131 -0.45 -7.29 -29.15
C TYR E 131 -0.10 -6.71 -27.78
N CYS E 132 -0.79 -5.63 -27.44
CA CYS E 132 -0.67 -4.99 -26.12
C CYS E 132 -1.46 -5.79 -25.08
N LYS E 133 -2.53 -6.45 -25.53
CA LYS E 133 -3.21 -7.48 -24.75
C LYS E 133 -2.36 -8.74 -24.53
N GLU E 134 -2.01 -9.43 -25.61
CA GLU E 134 -1.32 -10.73 -25.56
C GLU E 134 0.05 -10.66 -24.90
N HIS E 135 0.85 -9.66 -25.26
CA HIS E 135 2.17 -9.47 -24.66
C HIS E 135 2.15 -8.34 -23.63
N LYS E 136 1.18 -8.38 -22.72
CA LYS E 136 0.81 -7.22 -21.87
C LYS E 136 1.96 -6.44 -21.19
N ASP E 137 3.16 -7.03 -21.15
CA ASP E 137 4.35 -6.33 -20.65
C ASP E 137 5.54 -6.47 -21.60
N SER E 138 5.27 -6.22 -22.88
CA SER E 138 6.30 -6.17 -23.93
C SER E 138 6.93 -4.76 -24.00
N ALA E 139 7.83 -4.54 -24.94
CA ALA E 139 8.37 -3.20 -25.16
C ALA E 139 7.38 -2.33 -25.93
N TRP E 140 6.50 -2.97 -26.70
CA TRP E 140 5.47 -2.28 -27.52
C TRP E 140 4.15 -2.00 -26.76
N VAL E 141 3.95 -2.68 -25.63
CA VAL E 141 2.80 -2.41 -24.76
C VAL E 141 3.11 -1.21 -23.83
N LYS E 142 4.40 -1.05 -23.50
CA LYS E 142 4.88 0.09 -22.69
C LYS E 142 4.85 1.40 -23.48
N ILE E 143 5.07 1.31 -24.80
CA ILE E 143 5.09 2.45 -25.72
C ILE E 143 3.66 2.97 -26.05
N GLN E 144 2.67 2.07 -26.06
CA GLN E 144 1.28 2.43 -26.32
C GLN E 144 0.62 3.18 -25.15
N THR E 145 1.41 3.46 -24.10
CA THR E 145 0.98 4.24 -22.91
C THR E 145 1.68 5.62 -22.82
N LEU E 146 2.96 5.65 -23.20
CA LEU E 146 3.79 6.87 -23.23
C LEU E 146 3.22 7.93 -24.18
N LEU E 147 2.68 7.46 -25.30
CA LEU E 147 2.13 8.31 -26.35
C LEU E 147 0.60 8.19 -26.40
N THR E 148 0.03 7.82 -25.25
CA THR E 148 -1.40 7.79 -25.03
C THR E 148 -1.69 9.00 -24.16
N LEU E 149 -0.81 9.22 -23.20
CA LEU E 149 -0.92 10.33 -22.24
C LEU E 149 0.16 11.41 -22.49
N GLY E 150 0.64 11.44 -23.74
CA GLY E 150 1.39 12.58 -24.28
C GLY E 150 0.51 13.24 -25.34
N ASN E 151 -0.51 12.50 -25.75
CA ASN E 151 -1.58 12.97 -26.61
C ASN E 151 -2.80 13.33 -25.78
N GLY E 152 -2.84 12.80 -24.56
CA GLY E 152 -3.86 13.18 -23.60
C GLY E 152 -3.68 14.65 -23.31
N ILE E 153 -2.43 15.01 -22.98
CA ILE E 153 -2.00 16.38 -22.73
C ILE E 153 -2.53 17.40 -23.76
N ILE E 154 -2.12 17.20 -25.02
CA ILE E 154 -2.39 18.11 -26.15
C ILE E 154 -3.87 18.40 -26.35
N ASN E 155 -4.67 17.35 -26.33
CA ASN E 155 -6.10 17.54 -26.48
C ASN E 155 -6.73 18.13 -25.22
N THR E 156 -6.09 17.89 -24.07
CA THR E 156 -6.56 18.41 -22.77
C THR E 156 -6.41 19.92 -22.72
N LEU E 157 -5.17 20.38 -22.87
CA LEU E 157 -4.81 21.79 -23.00
C LEU E 157 -5.80 22.47 -23.92
N LYS E 158 -5.85 22.00 -25.18
CA LYS E 158 -6.81 22.46 -26.18
C LYS E 158 -8.19 22.72 -25.59
N ILE E 159 -8.65 21.75 -24.80
CA ILE E 159 -9.99 21.84 -24.26
C ILE E 159 -10.10 23.07 -23.38
N ILE E 160 -9.08 23.25 -22.53
CA ILE E 160 -9.06 24.35 -21.57
C ILE E 160 -9.07 25.68 -22.29
N LYS E 161 -8.22 25.79 -23.32
CA LYS E 161 -8.16 27.00 -24.13
C LYS E 161 -9.55 27.22 -24.68
N GLN E 162 -10.07 26.19 -25.34
CA GLN E 162 -11.41 26.21 -25.92
C GLN E 162 -12.42 26.63 -24.86
N ALA E 163 -12.43 25.89 -23.75
CA ALA E 163 -13.32 26.16 -22.64
C ALA E 163 -13.22 27.63 -22.24
N GLN E 164 -12.05 27.99 -21.72
CA GLN E 164 -11.80 29.33 -21.19
C GLN E 164 -12.29 30.40 -22.16
N ALA E 165 -11.89 30.28 -23.43
CA ALA E 165 -12.26 31.22 -24.49
C ALA E 165 -13.74 31.62 -24.42
N PHE E 166 -14.60 30.62 -24.27
CA PHE E 166 -16.03 30.83 -24.10
C PHE E 166 -16.31 31.20 -22.64
N GLY E 167 -15.83 30.36 -21.73
CA GLY E 167 -16.05 30.53 -20.30
C GLY E 167 -16.75 29.35 -19.65
N ILE E 168 -16.21 28.15 -19.86
CA ILE E 168 -16.77 26.92 -19.28
C ILE E 168 -15.93 26.49 -18.07
N ASP E 169 -16.03 27.31 -17.03
CA ASP E 169 -15.27 27.18 -15.79
C ASP E 169 -15.24 25.76 -15.29
N GLU E 170 -16.41 25.15 -15.14
CA GLU E 170 -16.56 23.78 -14.67
C GLU E 170 -15.50 22.81 -15.24
N ALA E 171 -15.21 22.93 -16.54
CA ALA E 171 -14.22 22.07 -17.22
C ALA E 171 -12.81 22.66 -17.21
N VAL E 172 -12.72 23.99 -17.10
CA VAL E 172 -11.44 24.72 -16.96
C VAL E 172 -10.69 24.17 -15.74
N THR E 173 -11.31 24.30 -14.58
CA THR E 173 -10.75 23.79 -13.34
C THR E 173 -10.59 22.25 -13.37
N GLU E 174 -11.56 21.56 -13.98
CA GLU E 174 -11.55 20.10 -14.05
C GLU E 174 -10.35 19.51 -14.79
N ASN E 175 -10.03 20.07 -15.96
CA ASN E 175 -8.93 19.54 -16.79
C ASN E 175 -7.56 19.78 -16.18
N LEU E 176 -7.44 20.87 -15.43
CA LEU E 176 -6.26 21.15 -14.61
C LEU E 176 -6.03 19.98 -13.65
N LYS E 177 -7.13 19.46 -13.09
CA LYS E 177 -7.14 18.18 -12.40
C LYS E 177 -6.50 17.17 -13.33
N ALA E 178 -7.27 16.77 -14.34
CA ALA E 178 -6.90 15.75 -15.31
C ALA E 178 -5.44 15.84 -15.75
N LEU E 179 -4.94 17.08 -15.86
CA LEU E 179 -3.63 17.36 -16.47
C LEU E 179 -2.44 16.87 -15.65
N LYS E 180 -2.52 17.10 -14.34
CA LYS E 180 -1.51 16.62 -13.39
C LYS E 180 -1.51 15.08 -13.35
N GLU E 181 -2.71 14.50 -13.24
CA GLU E 181 -2.89 13.06 -13.27
C GLU E 181 -2.21 12.53 -14.52
N GLN E 182 -2.38 13.27 -15.61
CA GLN E 182 -1.81 12.90 -16.90
C GLN E 182 -0.31 13.16 -16.95
N PHE E 183 0.15 14.18 -16.23
CA PHE E 183 1.56 14.53 -16.21
C PHE E 183 2.40 13.47 -15.52
N ILE E 184 1.96 13.01 -14.35
CA ILE E 184 2.75 12.04 -13.59
C ILE E 184 2.45 10.61 -14.08
N ALA E 185 1.41 10.47 -14.90
CA ALA E 185 1.17 9.22 -15.63
C ALA E 185 2.11 9.09 -16.83
N PHE E 186 2.59 10.22 -17.32
CA PHE E 186 3.61 10.27 -18.35
C PHE E 186 5.01 10.04 -17.76
N GLN E 187 5.18 10.31 -16.46
CA GLN E 187 6.42 9.97 -15.76
C GLN E 187 6.44 8.45 -15.50
N LEU E 188 5.27 7.90 -15.14
CA LEU E 188 5.09 6.46 -14.92
C LEU E 188 5.17 5.66 -16.22
N ALA E 189 5.03 6.37 -17.33
CA ALA E 189 5.15 5.78 -18.65
C ALA E 189 6.54 5.97 -19.26
N GLU E 190 7.27 7.00 -18.82
CA GLU E 190 8.60 7.32 -19.38
C GLU E 190 9.78 6.70 -18.59
N ALA E 191 9.52 6.36 -17.33
CA ALA E 191 10.44 5.54 -16.55
C ALA E 191 10.23 4.06 -16.92
N ASP E 192 9.05 3.78 -17.47
CA ASP E 192 8.55 2.42 -17.78
C ASP E 192 9.44 1.59 -18.73
N ILE E 193 9.91 2.21 -19.81
CA ILE E 193 10.55 1.46 -20.91
C ILE E 193 12.04 1.79 -21.09
N LYS E 194 12.65 2.47 -20.13
CA LYS E 194 14.06 2.87 -20.26
C LYS E 194 15.03 1.69 -20.42
N GLU E 195 14.62 0.50 -20.02
CA GLU E 195 15.43 -0.71 -20.19
C GLU E 195 15.40 -1.24 -21.63
N SER E 196 14.23 -1.17 -22.28
CA SER E 196 14.01 -1.73 -23.61
C SER E 196 14.69 -0.95 -24.75
N LEU E 197 15.44 0.11 -24.42
CA LEU E 197 16.15 0.90 -25.42
C LEU E 197 17.56 0.38 -25.74
N LYS E 198 17.96 -0.70 -25.05
CA LYS E 198 19.31 -1.28 -25.21
C LYS E 198 19.40 -2.34 -26.32
N ALA E 199 20.47 -2.26 -27.12
CA ALA E 199 20.72 -3.18 -28.23
C ALA E 199 21.21 -4.54 -27.76
N PRO E 200 20.64 -5.64 -28.30
CA PRO E 200 21.17 -6.97 -28.00
C PRO E 200 22.49 -7.21 -28.74
N SER E 201 23.33 -8.11 -28.24
CA SER E 201 24.54 -8.51 -28.97
C SER E 201 24.21 -9.52 -30.07
N PHE E 202 22.91 -9.71 -30.32
CA PHE E 202 22.39 -10.35 -31.53
C PHE E 202 22.78 -9.50 -32.75
N ALA E 203 22.90 -10.14 -33.90
CA ALA E 203 23.29 -9.47 -35.15
C ALA E 203 22.33 -8.36 -35.55
N GLU E 204 22.88 -7.24 -36.02
CA GLU E 204 22.11 -6.12 -36.53
C GLU E 204 21.77 -6.40 -38.00
N PRO E 205 20.46 -6.59 -38.32
CA PRO E 205 20.05 -6.99 -39.69
C PRO E 205 20.58 -6.06 -40.77
N LEU E 206 21.26 -6.64 -41.77
CA LEU E 206 21.91 -5.89 -42.87
C LEU E 206 20.98 -4.80 -43.45
N PRO E 207 21.52 -3.59 -43.74
CA PRO E 207 20.71 -2.41 -44.11
C PRO E 207 19.80 -2.63 -45.33
N ASN E 208 18.51 -2.29 -45.17
CA ASN E 208 17.50 -2.45 -46.23
C ASN E 208 17.74 -1.55 -47.44
N LYS E 209 18.46 -2.08 -48.43
CA LYS E 209 18.86 -1.36 -49.63
C LYS E 209 17.75 -1.31 -50.69
N GLU E 210 16.51 -1.25 -50.23
CA GLU E 210 15.35 -1.17 -51.13
C GLU E 210 14.31 -0.17 -50.63
N SER E 211 13.68 -0.49 -49.51
CA SER E 211 12.59 0.31 -48.99
C SER E 211 12.94 0.92 -47.63
N GLU E 212 12.50 2.16 -47.41
CA GLU E 212 12.68 2.84 -46.12
C GLU E 212 11.65 2.40 -45.07
N PHE E 213 10.48 1.99 -45.54
CA PHE E 213 9.30 1.79 -44.68
C PHE E 213 8.88 0.33 -44.62
N PHE E 214 9.58 -0.49 -45.40
CA PHE E 214 9.28 -1.92 -45.51
C PHE E 214 10.58 -2.72 -45.53
N TYR E 215 10.52 -3.96 -45.03
CA TYR E 215 11.63 -4.90 -45.10
C TYR E 215 11.88 -5.30 -46.56
N PRO E 216 12.59 -6.42 -46.81
CA PRO E 216 12.64 -6.90 -48.20
C PRO E 216 11.34 -7.57 -48.64
N ILE E 217 10.89 -7.27 -49.87
CA ILE E 217 9.73 -7.95 -50.48
C ILE E 217 10.12 -8.57 -51.84
N ASP E 218 10.21 -9.89 -51.88
CA ASP E 218 10.56 -10.63 -53.09
C ASP E 218 9.35 -10.83 -54.04
N GLU E 219 9.53 -11.66 -55.06
CA GLU E 219 8.49 -11.91 -56.06
C GLU E 219 7.39 -12.88 -55.58
N LYS E 220 7.61 -13.52 -54.43
CA LYS E 220 6.65 -14.45 -53.86
C LYS E 220 5.46 -13.74 -53.21
N ALA E 221 5.75 -12.93 -52.18
CA ALA E 221 4.73 -12.22 -51.41
C ALA E 221 4.14 -11.02 -52.17
N LEU E 222 4.98 -10.30 -52.90
CA LEU E 222 4.54 -9.21 -53.77
C LEU E 222 3.47 -9.71 -54.76
N ALA E 223 3.63 -10.95 -55.23
CA ALA E 223 2.67 -11.61 -56.14
C ALA E 223 1.35 -11.92 -55.44
N LYS E 224 1.42 -12.36 -54.19
CA LYS E 224 0.24 -12.62 -53.38
C LYS E 224 -0.58 -11.35 -53.19
N ASN E 226 -2.70 -8.09 -52.96
CA ASN E 226 -3.98 -7.66 -53.57
C ASN E 226 -4.01 -6.22 -54.13
N GLY E 227 -5.22 -5.75 -54.43
CA GLY E 227 -5.47 -4.43 -55.03
C GLY E 227 -4.90 -3.20 -54.32
N TYR E 228 -5.53 -2.79 -53.23
CA TYR E 228 -5.15 -1.56 -52.50
C TYR E 228 -3.78 -1.66 -51.81
N GLN E 229 -3.44 -2.87 -51.37
CA GLN E 229 -2.15 -3.17 -50.70
C GLN E 229 -0.94 -2.59 -51.42
N LEU E 230 -0.80 -2.90 -52.70
CA LEU E 230 0.36 -2.46 -53.50
C LEU E 230 0.29 -0.98 -53.88
N ALA E 231 -0.92 -0.41 -53.87
CA ALA E 231 -1.14 1.03 -54.07
C ALA E 231 -0.79 1.82 -52.80
N THR E 232 -0.79 1.09 -51.69
CA THR E 232 -0.46 1.64 -50.38
C THR E 232 1.04 1.86 -50.23
N ILE E 233 1.85 0.92 -50.71
CA ILE E 233 3.34 0.95 -50.58
C ILE E 233 3.94 2.19 -51.24
N CYS E 234 3.45 2.53 -52.42
CA CYS E 234 3.83 3.77 -53.09
C CYS E 234 3.44 4.96 -52.19
N LEU E 235 2.15 5.11 -51.92
CA LEU E 235 1.65 6.20 -51.08
C LEU E 235 2.53 6.37 -49.86
N GLU E 236 3.18 5.28 -49.48
CA GLU E 236 4.09 5.22 -48.34
C GLU E 236 5.55 5.46 -48.75
N GLU E 237 5.97 4.83 -49.84
CA GLU E 237 7.31 5.05 -50.37
C GLU E 237 7.48 6.53 -50.74
N LEU E 238 6.75 6.99 -51.75
CA LEU E 238 6.89 8.36 -52.27
C LEU E 238 7.16 9.42 -51.18
N ASN E 239 6.81 9.10 -49.94
CA ASN E 239 7.20 9.94 -48.83
C ASN E 239 8.72 9.99 -48.68
N SER E 240 9.39 9.01 -49.29
CA SER E 240 10.84 9.04 -49.48
C SER E 240 11.21 10.26 -50.32
N PRO E 241 12.28 10.98 -49.91
CA PRO E 241 12.89 12.06 -50.69
C PRO E 241 13.26 11.70 -52.15
N LYS E 242 13.01 10.45 -52.55
CA LYS E 242 13.42 9.97 -53.87
C LYS E 242 12.40 8.96 -54.45
N PRO E 243 12.68 8.44 -55.67
CA PRO E 243 11.95 7.25 -56.13
C PRO E 243 12.70 5.97 -55.77
N SER E 244 12.51 5.49 -54.53
CA SER E 244 13.26 4.33 -53.99
C SER E 244 13.07 3.01 -54.77
N PRO E 245 14.13 2.16 -54.83
CA PRO E 245 14.13 0.92 -55.62
C PRO E 245 12.91 -0.02 -55.48
N LEU E 246 12.25 -0.01 -54.32
CA LEU E 246 11.09 -0.88 -54.11
C LEU E 246 9.86 -0.34 -54.84
N ILE E 247 9.52 0.92 -54.59
CA ILE E 247 8.36 1.55 -55.21
C ILE E 247 8.38 1.42 -56.76
N GLU E 248 9.57 1.17 -57.31
CA GLU E 248 9.81 0.97 -58.75
C GLU E 248 9.20 -0.34 -59.29
N ARG E 249 9.57 -1.45 -58.66
CA ARG E 249 9.10 -2.80 -59.03
C ARG E 249 7.65 -3.09 -58.62
N ILE E 250 7.03 -2.15 -57.91
CA ILE E 250 5.60 -2.17 -57.61
C ILE E 250 4.88 -1.93 -58.95
N LEU E 251 5.57 -1.19 -59.81
CA LEU E 251 4.98 -0.66 -61.03
C LEU E 251 5.64 -1.20 -62.29
N SER E 252 6.74 -1.93 -62.12
CA SER E 252 7.47 -2.56 -63.24
C SER E 252 6.72 -3.73 -63.87
N ASN E 253 5.38 -3.65 -63.86
CA ASN E 253 4.52 -4.68 -64.44
C ASN E 253 3.06 -4.23 -64.54
N LYS E 254 2.43 -4.54 -65.66
CA LYS E 254 1.00 -4.23 -65.90
C LYS E 254 0.05 -5.29 -65.32
N LYS E 255 0.56 -6.52 -65.16
CA LYS E 255 -0.15 -7.61 -64.50
C LYS E 255 -0.36 -7.26 -63.02
N PHE E 256 0.66 -6.66 -62.41
CA PHE E 256 0.55 -6.05 -61.08
C PHE E 256 -0.21 -4.73 -61.15
N TRP E 257 0.12 -3.90 -62.14
CA TRP E 257 -0.43 -2.53 -62.27
C TRP E 257 -1.92 -2.42 -62.62
N LYS E 258 -2.47 -3.40 -63.35
CA LYS E 258 -3.91 -3.39 -63.65
C LYS E 258 -4.74 -3.70 -62.40
N ARG E 259 -4.15 -4.48 -61.50
CA ARG E 259 -4.75 -4.80 -60.20
C ARG E 259 -4.67 -3.61 -59.25
N ILE E 260 -3.70 -2.73 -59.49
CA ILE E 260 -3.53 -1.46 -58.76
C ILE E 260 -4.46 -0.38 -59.34
N ASN E 261 -4.40 -0.21 -60.66
CA ASN E 261 -5.08 0.87 -61.39
C ASN E 261 -6.54 1.04 -61.00
N SER E 262 -7.30 -0.04 -61.06
CA SER E 262 -8.71 -0.04 -60.69
C SER E 262 -8.94 0.07 -59.17
N ALA E 263 -7.86 0.09 -58.39
CA ALA E 263 -7.96 0.31 -56.94
C ALA E 263 -7.59 1.74 -56.54
N PHE E 264 -7.09 2.50 -57.53
CA PHE E 264 -6.74 3.92 -57.37
C PHE E 264 -7.92 4.82 -57.73
N GLU E 265 -8.56 4.51 -58.86
CA GLU E 265 -9.75 5.21 -59.32
C GLU E 265 -10.86 4.95 -58.33
N SER E 266 -10.88 3.72 -57.83
CA SER E 266 -11.78 3.33 -56.77
C SER E 266 -12.06 4.51 -55.85
N GLY E 267 -10.99 5.08 -55.29
CA GLY E 267 -11.09 6.25 -54.39
C GLY E 267 -10.91 5.99 -52.89
N VAL E 268 -10.59 4.75 -52.53
CA VAL E 268 -10.39 4.36 -51.13
C VAL E 268 -9.32 5.25 -50.49
N PHE E 269 -8.35 5.67 -51.30
CA PHE E 269 -7.25 6.52 -50.85
C PHE E 269 -7.69 8.00 -50.87
N LYS E 270 -8.94 8.23 -51.32
CA LYS E 270 -9.59 9.56 -51.42
C LYS E 270 -9.19 10.67 -50.39
N GLY E 271 -9.24 10.32 -49.11
CA GLY E 271 -9.15 11.29 -48.03
C GLY E 271 -7.78 11.50 -47.44
N ARG E 272 -6.89 10.50 -47.61
CA ARG E 272 -5.49 10.48 -47.10
C ARG E 272 -4.74 11.80 -47.23
N THR E 273 -4.92 12.70 -46.27
CA THR E 273 -4.54 14.11 -46.42
C THR E 273 -3.15 14.27 -47.06
N ASP E 274 -2.24 13.34 -46.78
CA ASP E 274 -0.91 13.27 -47.45
C ASP E 274 -0.97 13.10 -49.01
N ASP E 275 -1.55 14.10 -49.67
CA ASP E 275 -1.75 14.13 -51.13
C ASP E 275 -2.84 13.19 -51.65
N PRO E 276 -4.11 13.69 -51.63
CA PRO E 276 -5.18 13.07 -52.44
C PRO E 276 -4.88 13.27 -53.93
N ALA E 277 -5.28 14.42 -54.49
CA ALA E 277 -4.93 14.83 -55.85
C ALA E 277 -3.45 14.51 -56.19
N GLY E 278 -2.54 14.98 -55.35
CA GLY E 278 -1.10 14.84 -55.56
C GLY E 278 -0.60 13.51 -56.08
N LYS E 279 -0.62 12.48 -55.24
CA LYS E 279 -0.14 11.16 -55.65
C LYS E 279 -1.15 10.49 -56.59
N ILE E 280 -2.42 10.90 -56.52
CA ILE E 280 -3.46 10.45 -57.49
C ILE E 280 -2.95 10.55 -58.94
N ALA E 281 -2.49 11.75 -59.34
CA ALA E 281 -1.84 11.92 -60.62
C ALA E 281 -0.42 11.34 -60.58
N LYS E 282 0.34 11.72 -59.54
CA LYS E 282 1.79 11.51 -59.50
C LYS E 282 2.28 10.11 -59.87
N ILE E 283 1.49 9.09 -59.56
CA ILE E 283 1.88 7.71 -59.87
C ILE E 283 1.42 7.30 -61.27
N ARG E 284 0.18 7.65 -61.63
CA ARG E 284 -0.39 7.33 -62.96
C ARG E 284 0.70 7.48 -64.03
N GLU E 285 1.33 8.66 -64.03
CA GLU E 285 2.44 8.99 -64.91
C GLU E 285 3.57 7.97 -64.72
N TRP E 286 4.05 7.86 -63.48
CA TRP E 286 5.21 7.05 -63.13
C TRP E 286 5.19 5.64 -63.75
N HIS E 287 4.00 5.06 -63.90
CA HIS E 287 3.86 3.78 -64.60
C HIS E 287 3.65 3.96 -66.10
N GLN E 288 2.81 4.91 -66.47
CA GLN E 288 2.62 5.21 -67.89
C GLN E 288 3.96 5.49 -68.54
N LEU E 289 4.84 6.20 -67.82
CA LEU E 289 6.24 6.38 -68.19
C LEU E 289 7.06 5.06 -68.24
N LEU E 290 6.44 3.94 -67.91
CA LEU E 290 7.14 2.65 -67.89
C LEU E 290 6.55 1.57 -68.82
N GLN E 291 5.24 1.64 -69.08
CA GLN E 291 4.58 0.69 -69.98
C GLN E 291 5.21 0.73 -71.37
N ILE E 292 5.88 1.85 -71.67
CA ILE E 292 6.58 2.05 -72.93
C ILE E 292 8.00 1.47 -72.86
N SER E 293 8.56 1.44 -71.65
CA SER E 293 9.94 1.02 -71.42
C SER E 293 10.16 -0.48 -71.65
N GLY E 294 9.14 -1.29 -71.35
CA GLY E 294 9.21 -2.74 -71.52
C GLY E 294 8.57 -3.23 -72.81
N LYS E 295 8.65 -2.41 -73.86
CA LYS E 295 8.09 -2.72 -75.17
C LYS E 295 8.49 -1.65 -76.22
N LYS E 296 9.79 -1.38 -76.32
CA LYS E 296 10.30 -0.34 -77.23
C LYS E 296 10.28 -0.76 -78.71
N GLU F 14 -29.01 33.62 -19.49
CA GLU F 14 -29.81 34.39 -20.48
C GLU F 14 -30.76 33.48 -21.28
N TYR F 15 -30.41 32.20 -21.35
CA TYR F 15 -31.27 31.18 -21.99
C TYR F 15 -32.04 30.35 -20.94
N ASP F 16 -32.28 29.07 -21.22
CA ASP F 16 -32.97 28.16 -20.27
C ASP F 16 -32.19 26.88 -19.91
N TYR F 17 -32.18 25.90 -20.81
CA TYR F 17 -31.53 24.61 -20.56
C TYR F 17 -30.08 24.54 -21.08
N LEU F 18 -29.32 23.61 -20.50
CA LEU F 18 -28.01 23.18 -21.01
C LEU F 18 -28.00 21.66 -20.92
N PHE F 19 -27.58 20.99 -22.00
CA PHE F 19 -27.37 19.54 -21.92
C PHE F 19 -25.96 19.20 -22.39
N LYS F 20 -25.18 18.59 -21.49
CA LYS F 20 -23.79 18.20 -21.73
C LYS F 20 -23.67 16.80 -22.35
N LEU F 21 -23.99 16.69 -23.64
CA LEU F 21 -24.05 15.40 -24.36
C LEU F 21 -22.70 14.69 -24.48
N LEU F 22 -22.73 13.49 -25.07
CA LEU F 22 -21.53 12.70 -25.33
C LEU F 22 -21.75 11.77 -26.53
N LEU F 23 -20.66 11.43 -27.24
CA LEU F 23 -20.73 10.45 -28.32
C LEU F 23 -19.77 9.28 -28.04
N ILE F 24 -20.32 8.13 -27.66
CA ILE F 24 -19.56 6.88 -27.52
C ILE F 24 -19.59 6.13 -28.86
N GLY F 25 -18.65 5.22 -29.08
CA GLY F 25 -18.61 4.42 -30.31
C GLY F 25 -17.24 3.87 -30.62
N ASP F 26 -17.14 3.17 -31.75
CA ASP F 26 -15.87 2.62 -32.19
C ASP F 26 -15.03 3.65 -32.96
N SER F 27 -13.72 3.37 -33.07
CA SER F 27 -12.79 4.25 -33.76
C SER F 27 -13.09 4.32 -35.23
N GLY F 28 -13.35 5.53 -35.72
CA GLY F 28 -13.71 5.74 -37.11
C GLY F 28 -14.99 5.03 -37.45
N VAL F 29 -16.06 5.36 -36.72
CA VAL F 29 -17.37 4.80 -36.99
C VAL F 29 -18.35 5.92 -37.35
N GLY F 30 -18.08 7.12 -36.86
CA GLY F 30 -18.71 8.29 -37.44
C GLY F 30 -18.72 9.44 -36.49
N LYS F 31 -18.39 9.15 -35.24
CA LYS F 31 -18.54 10.11 -34.17
C LYS F 31 -18.28 11.54 -34.64
N SER F 32 -17.02 11.98 -34.63
CA SER F 32 -16.70 13.37 -34.94
C SER F 32 -17.49 13.81 -36.14
N CYS F 33 -17.63 12.90 -37.13
CA CYS F 33 -18.36 13.14 -38.37
C CYS F 33 -19.83 13.44 -38.23
N LEU F 34 -20.48 12.77 -37.27
CA LEU F 34 -21.86 13.09 -36.91
C LEU F 34 -21.87 14.40 -36.16
N LEU F 35 -21.21 14.43 -35.01
CA LEU F 35 -20.84 15.67 -34.34
C LEU F 35 -20.65 16.80 -35.35
N LEU F 36 -19.84 16.51 -36.36
CA LEU F 36 -19.62 17.42 -37.46
C LEU F 36 -20.96 17.98 -37.96
N ARG F 37 -21.76 17.14 -38.62
CA ARG F 37 -22.94 17.66 -39.29
C ARG F 37 -23.87 18.48 -38.39
N PHE F 38 -24.35 17.89 -37.27
CA PHE F 38 -25.31 18.60 -36.43
C PHE F 38 -24.79 19.98 -36.11
N ALA F 39 -23.63 20.02 -35.47
CA ALA F 39 -23.02 21.27 -35.04
C ALA F 39 -22.78 22.23 -36.22
N ASP F 40 -22.26 21.73 -37.33
CA ASP F 40 -21.85 22.60 -38.43
C ASP F 40 -22.89 22.69 -39.53
N ASP F 41 -23.10 21.55 -40.20
CA ASP F 41 -23.68 21.46 -41.55
C ASP F 41 -22.49 21.59 -42.52
N THR F 42 -21.78 20.48 -42.72
CA THR F 42 -20.66 20.32 -43.69
C THR F 42 -19.90 19.02 -43.41
N TYR F 43 -19.08 18.59 -44.37
CA TYR F 43 -18.47 17.27 -44.34
C TYR F 43 -17.11 17.21 -44.99
N THR F 44 -16.21 16.46 -44.36
CA THR F 44 -14.84 16.28 -44.82
C THR F 44 -14.50 14.81 -44.95
N GLU F 45 -14.31 14.37 -46.19
CA GLU F 45 -13.84 13.00 -46.51
C GLU F 45 -12.64 12.54 -45.65
N SER F 46 -11.89 13.53 -45.16
CA SER F 46 -10.52 13.33 -44.66
C SER F 46 -10.36 12.64 -43.31
N TYR F 47 -9.32 11.79 -43.26
CA TYR F 47 -9.13 10.68 -42.31
C TYR F 47 -8.35 11.04 -41.01
N ILE F 48 -9.02 11.71 -40.10
CA ILE F 48 -8.35 12.22 -38.90
C ILE F 48 -9.05 11.76 -37.65
N SER F 49 -8.30 11.04 -36.81
CA SER F 49 -8.85 10.43 -35.60
C SER F 49 -8.75 11.37 -34.40
N THR F 50 -9.91 11.88 -33.97
CA THR F 50 -10.04 12.78 -32.80
C THR F 50 -9.24 12.16 -31.62
N ILE F 51 -8.34 12.93 -31.00
CA ILE F 51 -7.61 12.46 -29.80
C ILE F 51 -8.43 12.85 -28.57
N GLY F 52 -8.65 11.84 -27.72
CA GLY F 52 -9.44 11.98 -26.50
C GLY F 52 -10.86 12.43 -26.77
N VAL F 53 -11.04 13.73 -26.93
CA VAL F 53 -12.33 14.37 -27.17
C VAL F 53 -12.09 15.75 -27.72
N ASP F 54 -12.99 16.65 -27.36
CA ASP F 54 -13.27 17.85 -28.10
C ASP F 54 -14.72 18.12 -27.75
N PHE F 55 -15.26 19.24 -28.22
CA PHE F 55 -16.66 19.61 -27.99
C PHE F 55 -17.02 20.79 -28.87
N LYS F 56 -18.30 21.14 -28.87
CA LYS F 56 -18.85 22.32 -29.58
C LYS F 56 -20.05 22.89 -28.81
N ILE F 57 -20.60 24.01 -29.28
CA ILE F 57 -21.72 24.67 -28.61
C ILE F 57 -22.71 25.15 -29.67
N ARG F 58 -23.97 24.72 -29.55
CA ARG F 58 -25.04 25.10 -30.50
C ARG F 58 -26.39 25.34 -29.80
N THR F 59 -27.12 26.34 -30.28
CA THR F 59 -28.46 26.67 -29.78
C THR F 59 -29.54 25.92 -30.58
N ILE F 60 -30.10 24.87 -29.98
CA ILE F 60 -31.23 24.08 -30.56
C ILE F 60 -32.43 24.08 -29.62
N GLU F 61 -33.62 24.41 -30.14
CA GLU F 61 -34.82 24.60 -29.31
C GLU F 61 -35.94 23.58 -29.50
N LEU F 62 -36.37 22.96 -28.39
CA LEU F 62 -37.54 22.08 -28.35
C LEU F 62 -38.46 22.34 -27.14
N ASP F 63 -39.53 23.11 -27.40
CA ASP F 63 -40.76 23.23 -26.55
C ASP F 63 -41.32 24.64 -26.15
N GLY F 64 -40.86 25.76 -26.71
CA GLY F 64 -39.69 25.90 -27.57
C GLY F 64 -38.76 26.91 -26.92
N LYS F 65 -38.36 26.60 -25.68
CA LYS F 65 -37.44 27.42 -24.90
C LYS F 65 -36.00 27.16 -25.36
N THR F 66 -35.18 28.21 -25.37
CA THR F 66 -33.83 28.17 -25.96
C THR F 66 -32.81 27.28 -25.21
N ILE F 67 -32.20 26.34 -25.92
CA ILE F 67 -31.27 25.34 -25.34
C ILE F 67 -29.89 25.27 -26.05
N LYS F 68 -28.84 25.66 -25.34
CA LYS F 68 -27.47 25.48 -25.80
C LYS F 68 -26.97 24.07 -25.48
N LEU F 69 -26.30 23.43 -26.44
CA LEU F 69 -25.82 22.05 -26.28
C LEU F 69 -24.32 21.84 -26.44
N GLN F 70 -23.69 21.41 -25.35
CA GLN F 70 -22.32 20.90 -25.38
C GLN F 70 -22.35 19.49 -25.94
N ILE F 71 -21.45 19.16 -26.86
CA ILE F 71 -21.53 17.84 -27.50
C ILE F 71 -20.18 17.17 -27.77
N TRP F 72 -19.72 16.40 -26.80
CA TRP F 72 -18.39 15.79 -26.90
C TRP F 72 -18.35 14.51 -27.74
N ASP F 73 -17.82 14.61 -28.94
CA ASP F 73 -17.40 13.40 -29.67
C ASP F 73 -16.24 12.82 -28.87
N THR F 74 -16.07 11.51 -28.89
CA THR F 74 -15.00 10.92 -28.10
C THR F 74 -14.02 10.12 -28.95
N ALA F 75 -12.95 9.64 -28.29
CA ALA F 75 -12.02 8.70 -28.87
C ALA F 75 -12.48 7.27 -28.49
N GLY F 76 -13.00 6.54 -29.47
CA GLY F 76 -13.49 5.19 -29.25
C GLY F 76 -12.36 4.19 -29.11
N GLN F 77 -11.21 4.55 -29.67
CA GLN F 77 -10.01 3.71 -29.76
C GLN F 77 -9.60 3.05 -28.44
N GLU F 78 -8.88 1.93 -28.55
CA GLU F 78 -8.52 1.11 -27.39
C GLU F 78 -7.63 1.85 -26.38
N ARG F 79 -6.49 2.39 -26.83
CA ARG F 79 -5.56 3.06 -25.92
C ARG F 79 -6.04 4.44 -25.44
N PHE F 80 -7.24 4.84 -25.89
CA PHE F 80 -7.96 6.05 -25.41
C PHE F 80 -9.35 5.71 -24.84
N ARG F 81 -9.40 5.62 -23.52
CA ARG F 81 -10.64 5.41 -22.79
C ARG F 81 -10.65 6.22 -21.49
N THR F 82 -9.48 6.38 -20.87
CA THR F 82 -9.29 7.22 -19.67
C THR F 82 -9.77 8.63 -19.97
N ILE F 83 -9.13 9.24 -20.96
CA ILE F 83 -9.41 10.62 -21.35
C ILE F 83 -10.87 10.74 -21.85
N THR F 84 -11.38 9.64 -22.42
CA THR F 84 -12.77 9.49 -22.86
C THR F 84 -13.72 9.55 -21.64
N SER F 85 -13.55 8.59 -20.74
CA SER F 85 -14.42 8.37 -19.57
C SER F 85 -14.63 9.58 -18.67
N SER F 86 -13.62 10.43 -18.52
CA SER F 86 -13.73 11.65 -17.68
C SER F 86 -15.10 12.35 -17.73
N TYR F 87 -15.66 12.43 -18.93
CA TYR F 87 -16.79 13.32 -19.21
C TYR F 87 -18.14 12.64 -19.14
N TYR F 88 -18.12 11.32 -19.20
CA TYR F 88 -19.31 10.49 -19.10
C TYR F 88 -20.21 10.91 -17.93
N ARG F 89 -19.59 11.15 -16.76
CA ARG F 89 -20.31 11.35 -15.48
C ARG F 89 -21.31 12.52 -15.50
N GLY F 90 -20.80 13.73 -15.76
CA GLY F 90 -21.65 14.91 -15.81
C GLY F 90 -22.68 14.80 -16.92
N ALA F 91 -22.31 14.05 -17.96
CA ALA F 91 -23.14 13.88 -19.16
C ALA F 91 -24.54 13.44 -18.81
N HIS F 92 -25.52 14.29 -19.15
CA HIS F 92 -26.94 13.96 -19.05
C HIS F 92 -27.55 13.58 -20.42
N GLY F 93 -26.73 13.07 -21.33
CA GLY F 93 -27.17 12.56 -22.64
C GLY F 93 -26.02 11.92 -23.38
N ILE F 94 -26.10 10.60 -23.62
CA ILE F 94 -25.00 9.83 -24.26
C ILE F 94 -25.46 9.14 -25.57
N ILE F 95 -24.60 9.15 -26.59
CA ILE F 95 -24.90 8.55 -27.91
C ILE F 95 -23.85 7.52 -28.34
N VAL F 96 -24.19 6.23 -28.24
CA VAL F 96 -23.33 5.13 -28.74
C VAL F 96 -23.41 5.05 -30.27
N VAL F 97 -22.25 4.96 -30.93
CA VAL F 97 -22.21 4.94 -32.39
C VAL F 97 -21.70 3.60 -32.91
N TYR F 98 -22.53 2.93 -33.71
CA TYR F 98 -22.14 1.70 -34.39
C TYR F 98 -22.32 1.85 -35.91
N ASP F 99 -21.33 1.36 -36.65
CA ASP F 99 -21.26 1.44 -38.11
C ASP F 99 -22.16 0.36 -38.72
N VAL F 100 -23.04 0.74 -39.65
CA VAL F 100 -23.89 -0.26 -40.32
C VAL F 100 -23.12 -1.17 -41.30
N THR F 101 -22.08 -0.64 -41.94
CA THR F 101 -21.24 -1.43 -42.85
C THR F 101 -20.33 -2.40 -42.08
N ASP F 102 -19.67 -1.88 -41.04
CA ASP F 102 -18.74 -2.65 -40.21
C ASP F 102 -19.53 -3.59 -39.28
N GLN F 103 -19.42 -4.90 -39.54
CA GLN F 103 -20.17 -5.91 -38.78
C GLN F 103 -19.68 -6.04 -37.33
N GLU F 104 -18.38 -5.86 -37.11
CA GLU F 104 -17.75 -6.06 -35.80
C GLU F 104 -17.79 -4.83 -34.87
N SER F 105 -18.49 -3.78 -35.29
CA SER F 105 -18.77 -2.64 -34.41
C SER F 105 -20.21 -2.67 -33.86
N PHE F 106 -21.08 -3.45 -34.51
CA PHE F 106 -22.42 -3.78 -33.98
C PHE F 106 -22.30 -4.86 -32.90
N ASN F 107 -21.22 -5.64 -32.97
CA ASN F 107 -20.84 -6.60 -31.92
C ASN F 107 -20.27 -5.89 -30.69
N ASN F 108 -19.71 -4.71 -30.92
CA ASN F 108 -19.11 -3.89 -29.85
C ASN F 108 -20.09 -2.91 -29.20
N VAL F 109 -21.26 -2.72 -29.80
CA VAL F 109 -22.32 -1.87 -29.24
C VAL F 109 -22.88 -2.47 -27.94
N LYS F 110 -22.37 -3.67 -27.59
CA LYS F 110 -22.68 -4.39 -26.36
C LYS F 110 -21.71 -4.01 -25.22
N GLN F 111 -20.39 -4.03 -25.53
CA GLN F 111 -19.37 -3.61 -24.56
C GLN F 111 -19.45 -2.11 -24.28
N TRP F 112 -19.84 -1.34 -25.30
CA TRP F 112 -19.94 0.12 -25.18
C TRP F 112 -21.25 0.61 -24.55
N LEU F 113 -22.27 -0.26 -24.48
CA LEU F 113 -23.46 0.05 -23.68
C LEU F 113 -23.18 -0.22 -22.21
N GLN F 114 -22.24 -1.12 -21.93
CA GLN F 114 -21.79 -1.44 -20.57
C GLN F 114 -20.56 -0.63 -20.13
N GLU F 115 -20.21 0.37 -20.95
CA GLU F 115 -19.26 1.42 -20.57
C GLU F 115 -20.04 2.66 -20.08
N ILE F 116 -21.36 2.59 -20.18
CA ILE F 116 -22.26 3.53 -19.51
C ILE F 116 -22.58 2.98 -18.12
N ASP F 117 -22.22 1.71 -17.89
CA ASP F 117 -22.41 1.04 -16.59
C ASP F 117 -21.37 1.45 -15.54
N ARG F 118 -20.08 1.34 -15.88
CA ARG F 118 -19.00 1.65 -14.94
C ARG F 118 -18.67 3.14 -14.88
N TYR F 119 -19.22 3.93 -15.81
CA TYR F 119 -18.78 5.31 -15.96
C TYR F 119 -19.86 6.40 -15.86
N ALA F 120 -21.06 6.13 -16.39
CA ALA F 120 -22.10 7.18 -16.51
C ALA F 120 -23.18 7.22 -15.42
N SER F 121 -23.98 8.28 -15.44
CA SER F 121 -24.98 8.55 -14.41
C SER F 121 -26.04 7.46 -14.24
N GLU F 122 -26.79 7.55 -13.14
CA GLU F 122 -27.87 6.62 -12.80
C GLU F 122 -29.03 6.68 -13.81
N ASN F 123 -29.35 7.89 -14.26
CA ASN F 123 -30.37 8.08 -15.32
C ASN F 123 -29.79 8.75 -16.58
N VAL F 124 -28.79 8.10 -17.18
CA VAL F 124 -28.20 8.54 -18.45
C VAL F 124 -28.99 8.02 -19.65
N ASN F 125 -29.48 8.95 -20.47
CA ASN F 125 -30.22 8.64 -21.71
C ASN F 125 -29.31 8.03 -22.78
N LYS F 126 -29.73 6.89 -23.36
CA LYS F 126 -28.92 6.15 -24.34
C LYS F 126 -29.54 6.11 -25.73
N LEU F 127 -28.72 6.32 -26.77
CA LEU F 127 -29.13 6.28 -28.17
C LEU F 127 -28.16 5.39 -28.96
N LEU F 128 -28.71 4.49 -29.79
CA LEU F 128 -27.89 3.60 -30.61
C LEU F 128 -27.96 4.00 -32.09
N VAL F 129 -27.02 4.86 -32.52
CA VAL F 129 -27.00 5.39 -33.90
C VAL F 129 -26.26 4.47 -34.87
N GLY F 130 -26.92 4.19 -36.01
CA GLY F 130 -26.31 3.42 -37.10
C GLY F 130 -25.83 4.34 -38.20
N ASN F 131 -24.61 4.84 -38.04
CA ASN F 131 -24.02 5.72 -39.02
C ASN F 131 -23.66 4.97 -40.30
N LYS F 132 -23.72 5.67 -41.43
CA LYS F 132 -23.32 5.17 -42.77
C LYS F 132 -24.38 4.28 -43.44
N CYS F 133 -25.63 4.45 -43.05
CA CYS F 133 -26.71 3.57 -43.51
C CYS F 133 -27.12 3.78 -44.97
N ASP F 134 -26.64 4.86 -45.58
CA ASP F 134 -26.88 5.13 -47.01
C ASP F 134 -26.03 4.23 -47.93
N LEU F 135 -24.85 3.82 -47.43
CA LEU F 135 -24.06 2.74 -48.03
C LEU F 135 -24.84 1.42 -47.85
N THR F 136 -25.82 1.19 -48.71
CA THR F 136 -26.64 -0.03 -48.66
C THR F 136 -26.07 -1.18 -49.52
N THR F 137 -24.86 -0.97 -50.07
CA THR F 137 -24.10 -1.99 -50.82
C THR F 137 -23.11 -2.74 -49.92
N LYS F 138 -22.45 -2.01 -49.01
CA LYS F 138 -21.55 -2.59 -48.01
C LYS F 138 -22.24 -2.79 -46.66
N LYS F 139 -23.54 -2.53 -46.62
CA LYS F 139 -24.38 -2.66 -45.42
C LYS F 139 -24.58 -4.13 -45.01
N VAL F 140 -23.87 -4.54 -43.95
CA VAL F 140 -24.01 -5.90 -43.41
C VAL F 140 -24.89 -5.90 -42.14
N VAL F 141 -25.33 -4.72 -41.72
CA VAL F 141 -26.26 -4.58 -40.58
C VAL F 141 -27.55 -3.87 -41.01
N ASP F 142 -28.66 -4.60 -40.88
CA ASP F 142 -29.96 -4.19 -41.43
C ASP F 142 -30.61 -3.01 -40.69
N TYR F 143 -31.77 -2.58 -41.20
CA TYR F 143 -32.64 -1.61 -40.52
C TYR F 143 -33.61 -2.34 -39.61
N THR F 144 -33.93 -3.59 -39.95
CA THR F 144 -34.94 -4.39 -39.25
C THR F 144 -34.36 -5.27 -38.11
N THR F 145 -33.29 -6.01 -38.39
CA THR F 145 -32.67 -6.89 -37.39
C THR F 145 -31.74 -6.13 -36.44
N ALA F 146 -31.39 -4.91 -36.83
CA ALA F 146 -30.62 -4.02 -35.96
C ALA F 146 -31.55 -3.16 -35.12
N LYS F 147 -32.80 -3.06 -35.55
CA LYS F 147 -33.87 -2.43 -34.79
C LYS F 147 -34.17 -3.26 -33.53
N GLU F 148 -33.57 -4.45 -33.47
CA GLU F 148 -33.83 -5.41 -32.39
C GLU F 148 -32.97 -5.20 -31.14
N PHE F 149 -31.64 -5.28 -31.28
CA PHE F 149 -30.75 -5.05 -30.14
C PHE F 149 -30.92 -3.65 -29.57
N ALA F 150 -31.65 -2.82 -30.32
CA ALA F 150 -31.94 -1.44 -29.91
C ALA F 150 -33.28 -1.31 -29.17
N ASP F 151 -34.35 -1.88 -29.73
CA ASP F 151 -35.66 -1.94 -29.05
C ASP F 151 -35.68 -3.01 -27.93
N SER F 152 -34.52 -3.63 -27.71
CA SER F 152 -34.33 -4.69 -26.69
C SER F 152 -33.96 -4.14 -25.30
N LEU F 153 -33.74 -2.84 -25.20
CA LEU F 153 -33.39 -2.18 -23.93
C LEU F 153 -34.22 -0.92 -23.66
N GLY F 154 -35.14 -0.59 -24.56
CA GLY F 154 -35.94 0.64 -24.50
C GLY F 154 -35.21 1.83 -25.10
N ILE F 155 -34.06 1.55 -25.73
CA ILE F 155 -33.16 2.55 -26.34
C ILE F 155 -33.62 2.95 -27.75
N PRO F 156 -33.79 4.27 -28.00
CA PRO F 156 -34.12 4.80 -29.34
C PRO F 156 -33.05 4.54 -30.43
N PHE F 157 -33.50 4.06 -31.59
CA PHE F 157 -32.64 3.68 -32.71
C PHE F 157 -32.94 4.51 -33.96
N LEU F 158 -31.94 5.22 -34.45
CA LEU F 158 -32.02 5.87 -35.75
C LEU F 158 -30.78 5.55 -36.59
N GLU F 159 -31.02 5.04 -37.80
CA GLU F 159 -29.98 4.87 -38.82
C GLU F 159 -29.66 6.25 -39.44
N THR F 160 -28.52 6.81 -39.04
CA THR F 160 -28.16 8.18 -39.41
C THR F 160 -27.09 8.18 -40.48
N SER F 161 -27.05 9.22 -41.30
CA SER F 161 -26.05 9.31 -42.36
C SER F 161 -25.33 10.66 -42.41
N ALA F 162 -24.14 10.69 -41.81
CA ALA F 162 -23.26 11.87 -41.77
C ALA F 162 -23.13 12.49 -43.15
N LYS F 163 -22.72 11.70 -44.13
CA LYS F 163 -22.55 12.21 -45.48
C LYS F 163 -23.85 12.71 -46.14
N ASN F 164 -25.00 12.27 -45.62
CA ASN F 164 -26.31 12.62 -46.22
C ASN F 164 -27.09 13.71 -45.50
N ALA F 165 -26.81 13.89 -44.21
CA ALA F 165 -27.69 14.59 -43.27
C ALA F 165 -28.86 13.70 -42.87
N THR F 166 -29.04 12.58 -43.57
CA THR F 166 -30.11 11.60 -43.30
C THR F 166 -30.18 11.32 -41.79
N ASN F 167 -31.28 11.78 -41.19
CA ASN F 167 -31.54 11.62 -39.76
C ASN F 167 -30.35 11.83 -38.84
N VAL F 168 -29.48 12.77 -39.22
CA VAL F 168 -28.43 13.25 -38.31
C VAL F 168 -28.90 14.52 -37.55
N GLU F 169 -30.14 14.93 -37.82
CA GLU F 169 -30.84 15.97 -37.05
C GLU F 169 -32.20 15.48 -36.53
N GLN F 170 -32.32 14.17 -36.33
CA GLN F 170 -33.43 13.57 -35.59
C GLN F 170 -32.91 12.51 -34.61
N SER F 171 -31.60 12.59 -34.31
CA SER F 171 -30.99 11.81 -33.24
C SER F 171 -30.48 12.75 -32.14
N PHE F 172 -30.38 14.04 -32.46
CA PHE F 172 -30.09 15.10 -31.48
C PHE F 172 -31.36 15.85 -31.07
N THR F 174 -33.84 13.49 -30.21
CA THR F 174 -34.13 12.39 -29.29
C THR F 174 -33.31 12.63 -28.01
N ALA F 176 -33.11 16.56 -27.14
CA ALA F 176 -33.63 17.89 -26.83
C ALA F 176 -35.07 17.80 -26.28
N ALA F 177 -35.59 16.57 -26.30
CA ALA F 177 -36.91 16.25 -25.73
C ALA F 177 -36.96 14.91 -24.96
N GLU F 178 -35.93 14.07 -25.12
CA GLU F 178 -35.84 12.79 -24.38
C GLU F 178 -34.71 12.76 -23.33
N ILE F 179 -34.14 13.93 -23.08
CA ILE F 179 -33.53 14.22 -21.79
C ILE F 179 -34.56 15.12 -21.11
N LYS F 180 -35.20 15.97 -21.92
CA LYS F 180 -36.24 16.91 -21.47
C LYS F 180 -37.55 16.21 -21.09
N LYS F 181 -37.67 14.93 -21.48
CA LYS F 181 -38.82 14.10 -21.08
C LYS F 181 -38.75 13.75 -19.59
N ARG F 182 -37.53 13.56 -19.08
CA ARG F 182 -37.27 13.32 -17.67
C ARG F 182 -36.44 14.47 -17.09
#